data_8C2Q
#
_entry.id   8C2Q
#
loop_
_entity.id
_entity.type
_entity.pdbx_description
1 polymer 'Copper ABC transporter substrate-binding protein'
2 non-polymer 'SILVER ION'
#
_entity_poly.entity_id   1
_entity_poly.type   'polypeptide(L)'
_entity_poly.pdbx_seq_one_letter_code
;GAMGMLKHISHGDMNAASDASVQQVIKGTGIVKDIDMNSKKITISHEAIPAVGWPAMTMRFTFVNADDAINALKTGNHVD
FSFIQQGNISLLKSINVTQS
;
_entity_poly.pdbx_strand_id   A
#
# COMPACT_ATOMS: atom_id res chain seq x y z
N GLY A 1 -28.91 31.53 -11.16
CA GLY A 1 -28.33 31.86 -12.49
C GLY A 1 -28.10 30.63 -13.34
N ALA A 2 -28.04 30.82 -14.68
CA ALA A 2 -27.79 29.74 -15.64
C ALA A 2 -26.30 29.36 -15.63
N MET A 3 -25.94 28.39 -14.78
CA MET A 3 -24.58 27.86 -14.65
C MET A 3 -24.37 26.72 -15.65
N GLY A 4 -23.62 27.02 -16.73
CA GLY A 4 -23.31 26.07 -17.79
C GLY A 4 -21.94 26.34 -18.37
N MET A 5 -20.93 26.33 -17.49
CA MET A 5 -19.53 26.60 -17.84
C MET A 5 -18.98 25.48 -18.75
N LEU A 6 -18.87 25.76 -20.07
CA LEU A 6 -18.37 24.80 -21.06
C LEU A 6 -16.87 24.55 -20.84
N LYS A 7 -16.59 23.48 -20.09
CA LYS A 7 -15.24 22.97 -19.81
C LYS A 7 -14.97 21.74 -20.69
N HIS A 8 -13.69 21.35 -20.85
CA HIS A 8 -13.33 20.10 -21.54
C HIS A 8 -13.74 18.88 -20.68
N ILE A 9 -15.02 18.49 -20.81
CA ILE A 9 -15.57 17.26 -20.19
C ILE A 9 -15.10 16.02 -20.99
N SER A 10 -14.74 16.27 -22.28
CA SER A 10 -14.19 15.28 -23.19
C SER A 10 -12.84 14.75 -22.67
N HIS A 11 -12.87 13.56 -22.02
CA HIS A 11 -11.69 12.93 -21.43
C HIS A 11 -10.73 12.44 -22.54
N GLY A 12 -9.76 13.30 -22.83
CA GLY A 12 -8.83 13.14 -23.95
C GLY A 12 -7.91 14.35 -24.03
N ASP A 13 -8.47 15.51 -23.63
CA ASP A 13 -7.70 16.75 -23.39
C ASP A 13 -6.95 16.60 -22.06
N MET A 14 -5.76 15.97 -22.09
CA MET A 14 -4.93 15.77 -20.90
C MET A 14 -4.14 17.06 -20.56
N ASN A 15 -4.77 17.90 -19.73
CA ASN A 15 -4.17 19.13 -19.20
C ASN A 15 -3.65 18.86 -17.77
N ALA A 16 -4.43 18.08 -17.02
CA ALA A 16 -4.09 17.64 -15.65
C ALA A 16 -3.25 16.35 -15.71
N ALA A 17 -2.25 16.25 -14.81
CA ALA A 17 -1.41 15.04 -14.68
C ALA A 17 -1.76 14.30 -13.38
N SER A 18 -1.80 12.96 -13.47
CA SER A 18 -2.10 12.09 -12.32
C SER A 18 -0.91 12.05 -11.33
N ASP A 19 0.32 12.20 -11.87
CA ASP A 19 1.57 12.22 -11.07
C ASP A 19 1.77 13.59 -10.40
N ALA A 20 2.64 13.60 -9.36
CA ALA A 20 2.99 14.81 -8.61
C ALA A 20 4.20 14.52 -7.70
N SER A 21 4.02 13.55 -6.79
CA SER A 21 5.03 13.15 -5.79
C SER A 21 5.22 11.62 -5.81
N VAL A 22 5.26 11.06 -7.03
CA VAL A 22 5.52 9.62 -7.25
C VAL A 22 7.01 9.44 -7.61
N GLN A 23 7.82 9.05 -6.61
CA GLN A 23 9.26 8.76 -6.78
C GLN A 23 9.48 7.23 -6.74
N GLN A 24 8.75 6.55 -7.64
CA GLN A 24 8.62 5.08 -7.64
C GLN A 24 8.01 4.61 -6.31
N VAL A 25 6.85 5.21 -5.98
CA VAL A 25 6.07 4.83 -4.80
C VAL A 25 5.38 3.51 -5.10
N ILE A 26 5.88 2.46 -4.46
CA ILE A 26 5.49 1.07 -4.68
C ILE A 26 4.10 0.81 -4.10
N LYS A 27 3.14 0.49 -4.96
CA LYS A 27 1.76 0.26 -4.55
C LYS A 27 1.49 -1.25 -4.42
N GLY A 28 0.59 -1.58 -3.49
CA GLY A 28 0.19 -2.96 -3.22
C GLY A 28 -1.17 -3.02 -2.58
N THR A 29 -1.53 -4.19 -2.04
CA THR A 29 -2.83 -4.42 -1.42
C THR A 29 -2.72 -5.51 -0.34
N GLY A 30 -3.72 -5.60 0.52
CA GLY A 30 -3.79 -6.61 1.57
C GLY A 30 -4.73 -6.21 2.69
N ILE A 31 -4.90 -7.08 3.69
CA ILE A 31 -5.81 -6.82 4.82
C ILE A 31 -5.00 -6.28 6.01
N VAL A 32 -5.40 -5.11 6.56
CA VAL A 32 -4.81 -4.57 7.79
C VAL A 32 -5.01 -5.57 8.92
N LYS A 33 -3.94 -5.86 9.63
CA LYS A 33 -3.88 -6.96 10.62
C LYS A 33 -3.62 -6.37 12.03
N ASP A 34 -3.07 -5.13 12.06
CA ASP A 34 -2.76 -4.39 13.30
C ASP A 34 -2.38 -2.94 12.94
N ILE A 35 -2.72 -1.99 13.83
CA ILE A 35 -2.32 -0.56 13.70
C ILE A 35 -1.74 -0.09 15.03
N ASP A 36 -0.50 0.40 15.00
CA ASP A 36 0.19 0.99 16.15
C ASP A 36 0.73 2.36 15.75
N MET A 37 -0.04 3.41 16.04
CA MET A 37 0.36 4.79 15.76
C MET A 37 1.54 5.21 16.66
N ASN A 38 1.62 4.61 17.87
CA ASN A 38 2.64 4.93 18.90
C ASN A 38 4.08 4.80 18.33
N SER A 39 4.40 3.62 17.77
CA SER A 39 5.70 3.37 17.09
C SER A 39 5.59 3.66 15.59
N LYS A 40 4.39 4.15 15.15
CA LYS A 40 4.07 4.43 13.73
C LYS A 40 4.16 3.17 12.83
N LYS A 41 3.86 1.97 13.39
CA LYS A 41 3.92 0.72 12.63
C LYS A 41 2.51 0.20 12.39
N ILE A 42 2.17 -0.14 11.14
CA ILE A 42 0.86 -0.73 10.79
C ILE A 42 1.10 -2.10 10.16
N THR A 43 0.83 -3.16 10.94
CA THR A 43 1.04 -4.53 10.51
C THR A 43 -0.11 -4.95 9.59
N ILE A 44 0.16 -5.02 8.30
CA ILE A 44 -0.80 -5.37 7.26
C ILE A 44 -0.40 -6.70 6.64
N SER A 45 -1.36 -7.65 6.59
CA SER A 45 -1.18 -8.88 5.83
C SER A 45 -1.31 -8.52 4.35
N HIS A 46 -0.16 -8.36 3.67
CA HIS A 46 -0.13 -7.83 2.30
C HIS A 46 0.10 -8.96 1.31
N GLU A 47 -0.44 -8.78 0.11
CA GLU A 47 -0.44 -9.79 -0.95
C GLU A 47 0.89 -9.77 -1.74
N ALA A 48 0.96 -10.57 -2.82
CA ALA A 48 2.11 -10.59 -3.72
C ALA A 48 2.22 -9.24 -4.47
N ILE A 49 3.14 -8.38 -4.00
CA ILE A 49 3.42 -7.07 -4.59
C ILE A 49 4.65 -7.20 -5.55
N PRO A 50 4.44 -7.30 -6.91
CA PRO A 50 5.55 -7.48 -7.88
C PRO A 50 6.41 -6.21 -8.08
N ALA A 51 5.84 -5.02 -7.73
CA ALA A 51 6.55 -3.72 -7.88
C ALA A 51 7.81 -3.66 -6.99
N VAL A 52 7.69 -4.19 -5.76
CA VAL A 52 8.84 -4.36 -4.85
C VAL A 52 9.47 -5.77 -5.02
N GLY A 53 8.59 -6.75 -5.32
CA GLY A 53 8.99 -8.15 -5.43
C GLY A 53 8.94 -8.86 -4.09
N TRP A 54 7.80 -8.69 -3.36
CA TRP A 54 7.54 -9.39 -2.09
C TRP A 54 6.26 -10.24 -2.23
N PRO A 55 6.26 -11.53 -1.73
CA PRO A 55 5.06 -12.42 -1.75
C PRO A 55 3.99 -12.01 -0.71
N ALA A 56 2.92 -12.83 -0.64
CA ALA A 56 1.82 -12.65 0.32
C ALA A 56 2.28 -13.03 1.74
N MET A 57 2.57 -12.00 2.56
CA MET A 57 3.07 -12.16 3.95
C MET A 57 2.50 -11.04 4.85
N THR A 58 2.45 -11.30 6.16
CA THR A 58 2.08 -10.29 7.17
C THR A 58 3.34 -9.53 7.62
N MET A 59 3.32 -8.20 7.50
CA MET A 59 4.50 -7.34 7.82
C MET A 59 4.01 -5.94 8.20
N ARG A 60 4.80 -5.19 9.01
CA ARG A 60 4.44 -3.84 9.43
C ARG A 60 5.12 -2.77 8.56
N PHE A 61 4.36 -1.68 8.31
CA PHE A 61 4.77 -0.54 7.47
C PHE A 61 4.88 0.72 8.35
N THR A 62 6.03 1.40 8.28
CA THR A 62 6.30 2.62 9.07
C THR A 62 5.78 3.85 8.31
N PHE A 63 4.86 4.61 8.91
CA PHE A 63 4.35 5.85 8.28
C PHE A 63 4.99 7.07 8.95
N VAL A 64 5.16 8.16 8.18
CA VAL A 64 5.77 9.40 8.65
C VAL A 64 4.81 10.20 9.54
N ASN A 65 3.54 10.30 9.11
CA ASN A 65 2.51 11.08 9.83
C ASN A 65 1.15 10.36 9.74
N ALA A 66 0.42 10.35 10.86
CA ALA A 66 -0.92 9.75 10.93
C ALA A 66 -1.92 10.61 10.16
N ASP A 67 -2.24 10.17 8.94
CA ASP A 67 -3.15 10.88 8.03
C ASP A 67 -4.61 10.59 8.41
N ASP A 68 -5.53 11.25 7.72
CA ASP A 68 -6.99 11.04 7.88
C ASP A 68 -7.39 9.61 7.44
N ALA A 69 -6.64 9.09 6.44
CA ALA A 69 -6.77 7.71 5.95
C ALA A 69 -6.37 6.73 7.07
N ILE A 70 -5.24 7.04 7.72
CA ILE A 70 -4.65 6.22 8.80
C ILE A 70 -5.52 6.32 10.08
N ASN A 71 -6.20 7.47 10.24
CA ASN A 71 -7.14 7.71 11.36
C ASN A 71 -8.39 6.86 11.20
N ALA A 72 -8.94 6.85 9.98
CA ALA A 72 -10.17 6.11 9.64
C ALA A 72 -9.88 4.64 9.31
N LEU A 73 -8.58 4.32 9.15
CA LEU A 73 -8.10 2.95 8.95
C LEU A 73 -8.39 2.08 10.18
N LYS A 74 -8.79 0.83 9.93
CA LYS A 74 -9.09 -0.16 10.99
C LYS A 74 -8.50 -1.52 10.57
N THR A 75 -8.22 -2.39 11.57
CA THR A 75 -7.81 -3.78 11.31
C THR A 75 -9.02 -4.61 10.84
N GLY A 76 -8.74 -5.67 10.08
CA GLY A 76 -9.78 -6.47 9.42
C GLY A 76 -10.21 -5.90 8.06
N ASN A 77 -9.74 -4.68 7.73
CA ASN A 77 -10.13 -3.96 6.50
C ASN A 77 -9.15 -4.31 5.36
N HIS A 78 -9.67 -4.78 4.22
CA HIS A 78 -8.88 -4.99 3.00
C HIS A 78 -8.66 -3.63 2.31
N VAL A 79 -7.40 -3.23 2.20
CA VAL A 79 -6.98 -1.92 1.70
C VAL A 79 -5.98 -2.07 0.53
N ASP A 80 -5.81 -0.99 -0.25
CA ASP A 80 -4.72 -0.85 -1.23
C ASP A 80 -3.87 0.36 -0.81
N PHE A 81 -2.56 0.18 -0.71
CA PHE A 81 -1.65 1.17 -0.12
C PHE A 81 -0.49 1.50 -1.07
N SER A 82 0.35 2.44 -0.62
CA SER A 82 1.51 2.92 -1.39
C SER A 82 2.63 3.30 -0.40
N PHE A 83 3.83 2.78 -0.65
CA PHE A 83 4.99 2.93 0.25
C PHE A 83 6.27 3.01 -0.59
N ILE A 84 7.41 3.33 0.05
CA ILE A 84 8.74 3.27 -0.60
C ILE A 84 9.67 2.40 0.27
N GLN A 85 10.48 1.56 -0.40
CA GLN A 85 11.43 0.66 0.28
C GLN A 85 12.66 1.44 0.79
N GLN A 86 12.97 1.27 2.08
CA GLN A 86 14.12 1.90 2.75
C GLN A 86 14.87 0.84 3.57
N GLY A 87 15.74 0.08 2.86
CA GLY A 87 16.45 -1.06 3.44
C GLY A 87 15.48 -2.20 3.79
N ASN A 88 15.18 -2.34 5.09
CA ASN A 88 14.17 -3.30 5.59
C ASN A 88 12.86 -2.56 5.93
N ILE A 89 12.96 -1.24 6.10
CA ILE A 89 11.82 -0.39 6.53
C ILE A 89 10.96 -0.04 5.32
N SER A 90 9.72 -0.52 5.34
CA SER A 90 8.72 -0.17 4.33
C SER A 90 8.02 1.12 4.77
N LEU A 91 8.42 2.25 4.17
CA LEU A 91 7.93 3.57 4.58
C LEU A 91 6.60 3.90 3.88
N LEU A 92 5.49 3.68 4.61
CA LEU A 92 4.12 3.93 4.14
C LEU A 92 3.92 5.43 3.85
N LYS A 93 3.65 5.75 2.57
CA LYS A 93 3.42 7.12 2.09
C LYS A 93 1.93 7.49 2.25
N SER A 94 1.08 6.62 1.69
CA SER A 94 -0.38 6.79 1.70
C SER A 94 -1.07 5.42 1.72
N ILE A 95 -2.33 5.39 2.15
CA ILE A 95 -3.11 4.14 2.24
C ILE A 95 -4.60 4.42 1.96
N ASN A 96 -5.21 3.57 1.12
CA ASN A 96 -6.60 3.73 0.66
C ASN A 96 -7.41 2.53 1.13
N VAL A 97 -8.52 2.78 1.82
CA VAL A 97 -9.43 1.72 2.28
C VAL A 97 -10.40 1.39 1.12
N THR A 98 -10.27 0.19 0.54
CA THR A 98 -11.04 -0.21 -0.66
C THR A 98 -12.18 -1.17 -0.30
N GLN A 99 -12.11 -1.77 0.91
CA GLN A 99 -13.06 -2.79 1.36
C GLN A 99 -13.06 -2.85 2.90
N SER A 100 -14.03 -2.16 3.53
CA SER A 100 -14.20 -2.15 4.99
C SER A 100 -15.62 -2.69 5.33
N GLY A 1 -13.92 2.50 -2.25
CA GLY A 1 -14.90 1.39 -2.20
C GLY A 1 -16.02 1.65 -1.19
N ALA A 2 -17.10 0.81 -1.28
CA ALA A 2 -18.29 0.89 -0.37
C ALA A 2 -19.11 2.18 -0.57
N MET A 3 -18.86 2.92 -1.68
CA MET A 3 -19.51 4.21 -1.97
C MET A 3 -20.93 3.96 -2.51
N GLY A 4 -21.93 4.33 -1.71
CA GLY A 4 -23.36 4.19 -2.07
C GLY A 4 -23.78 2.74 -2.23
N MET A 5 -24.65 2.47 -3.22
CA MET A 5 -25.10 1.11 -3.56
C MET A 5 -24.00 0.40 -4.38
N LEU A 6 -23.64 -0.83 -3.97
CA LEU A 6 -22.68 -1.66 -4.69
C LEU A 6 -23.42 -2.66 -5.59
N LYS A 7 -22.76 -3.09 -6.68
CA LYS A 7 -23.31 -4.09 -7.63
C LYS A 7 -23.46 -5.46 -6.93
N HIS A 8 -22.30 -6.13 -6.70
CA HIS A 8 -22.22 -7.46 -6.05
C HIS A 8 -23.00 -8.55 -6.86
N ILE A 9 -23.31 -8.25 -8.13
CA ILE A 9 -24.02 -9.17 -9.05
C ILE A 9 -23.00 -10.09 -9.73
N SER A 10 -21.95 -9.46 -10.28
CA SER A 10 -20.85 -10.15 -10.95
C SER A 10 -19.64 -9.20 -11.02
N HIS A 11 -18.80 -9.23 -9.97
CA HIS A 11 -17.52 -8.51 -9.95
C HIS A 11 -16.62 -9.08 -11.07
N GLY A 12 -16.58 -8.37 -12.18
CA GLY A 12 -15.75 -8.73 -13.34
C GLY A 12 -15.20 -7.48 -14.00
N ASP A 13 -15.14 -6.41 -13.20
CA ASP A 13 -14.78 -5.06 -13.64
C ASP A 13 -13.25 -4.94 -13.80
N MET A 14 -12.85 -4.34 -14.94
CA MET A 14 -11.43 -4.08 -15.25
C MET A 14 -11.03 -2.65 -14.83
N ASN A 15 -11.98 -1.92 -14.19
CA ASN A 15 -11.77 -0.54 -13.71
C ASN A 15 -10.79 -0.56 -12.52
N ALA A 16 -9.52 -0.31 -12.83
CA ALA A 16 -8.43 -0.25 -11.84
C ALA A 16 -7.57 0.99 -12.13
N ALA A 17 -8.04 2.16 -11.64
CA ALA A 17 -7.35 3.45 -11.81
C ALA A 17 -6.17 3.56 -10.83
N SER A 18 -5.09 2.85 -11.17
CA SER A 18 -3.89 2.72 -10.33
C SER A 18 -2.73 2.16 -11.17
N ASP A 19 -1.55 2.77 -11.03
CA ASP A 19 -0.30 2.35 -11.68
C ASP A 19 0.86 2.37 -10.67
N ALA A 20 1.82 1.46 -10.88
CA ALA A 20 3.00 1.30 -9.99
C ALA A 20 4.28 1.09 -10.83
N SER A 21 4.27 1.59 -12.09
CA SER A 21 5.46 1.51 -12.97
C SER A 21 6.23 2.83 -12.92
N VAL A 22 5.49 3.95 -13.08
CA VAL A 22 6.06 5.31 -12.99
C VAL A 22 6.30 5.71 -11.52
N GLN A 23 5.55 5.03 -10.62
CA GLN A 23 5.66 5.23 -9.18
C GLN A 23 6.90 4.51 -8.63
N GLN A 24 7.85 5.29 -8.11
CA GLN A 24 8.94 4.77 -7.25
C GLN A 24 8.32 4.27 -5.92
N VAL A 25 7.14 4.84 -5.58
CA VAL A 25 6.31 4.39 -4.46
C VAL A 25 5.73 3.01 -4.80
N ILE A 26 6.16 2.01 -4.03
CA ILE A 26 5.75 0.61 -4.19
C ILE A 26 4.30 0.45 -3.73
N LYS A 27 3.42 0.14 -4.68
CA LYS A 27 1.98 0.03 -4.42
C LYS A 27 1.56 -1.44 -4.33
N GLY A 28 0.64 -1.74 -3.41
CA GLY A 28 0.13 -3.09 -3.20
C GLY A 28 -1.26 -3.08 -2.57
N THR A 29 -1.72 -4.27 -2.16
CA THR A 29 -3.03 -4.46 -1.53
C THR A 29 -2.91 -5.53 -0.43
N GLY A 30 -3.89 -5.56 0.48
CA GLY A 30 -3.94 -6.57 1.55
C GLY A 30 -4.85 -6.15 2.69
N ILE A 31 -4.97 -7.01 3.71
CA ILE A 31 -5.88 -6.79 4.87
C ILE A 31 -5.06 -6.35 6.10
N VAL A 32 -5.51 -5.28 6.79
CA VAL A 32 -4.83 -4.75 8.00
C VAL A 32 -5.00 -5.73 9.19
N LYS A 33 -3.87 -6.02 9.87
CA LYS A 33 -3.79 -6.89 11.06
C LYS A 33 -3.67 -6.08 12.36
N ASP A 34 -3.03 -4.92 12.28
CA ASP A 34 -2.69 -4.10 13.48
C ASP A 34 -2.33 -2.67 13.04
N ILE A 35 -2.68 -1.68 13.88
CA ILE A 35 -2.28 -0.28 13.71
C ILE A 35 -1.74 0.22 15.06
N ASP A 36 -0.42 0.30 15.18
CA ASP A 36 0.25 0.83 16.35
C ASP A 36 0.77 2.23 16.01
N MET A 37 -0.07 3.26 16.25
CA MET A 37 0.28 4.66 15.96
C MET A 37 1.41 5.15 16.87
N ASN A 38 1.46 4.62 18.11
CA ASN A 38 2.52 4.94 19.10
C ASN A 38 3.93 4.67 18.53
N SER A 39 4.08 3.49 17.92
CA SER A 39 5.35 3.06 17.27
C SER A 39 5.36 3.46 15.79
N LYS A 40 4.22 4.02 15.31
CA LYS A 40 3.99 4.40 13.89
C LYS A 40 4.13 3.19 12.94
N LYS A 41 3.74 2.00 13.40
CA LYS A 41 3.79 0.76 12.60
C LYS A 41 2.37 0.29 12.31
N ILE A 42 2.08 -0.06 11.05
CA ILE A 42 0.78 -0.66 10.68
C ILE A 42 1.03 -2.05 10.09
N THR A 43 0.76 -3.09 10.88
CA THR A 43 0.96 -4.48 10.47
C THR A 43 -0.21 -4.88 9.56
N ILE A 44 0.11 -5.23 8.32
CA ILE A 44 -0.88 -5.55 7.26
C ILE A 44 -0.45 -6.84 6.57
N SER A 45 -1.38 -7.80 6.46
CA SER A 45 -1.22 -8.97 5.61
C SER A 45 -1.35 -8.52 4.15
N HIS A 46 -0.22 -8.38 3.44
CA HIS A 46 -0.21 -7.88 2.06
C HIS A 46 -0.04 -9.04 1.08
N GLU A 47 -0.50 -8.82 -0.15
CA GLU A 47 -0.50 -9.82 -1.23
C GLU A 47 0.85 -9.81 -2.00
N ALA A 48 0.92 -10.58 -3.09
CA ALA A 48 2.09 -10.59 -3.98
C ALA A 48 2.24 -9.22 -4.68
N ILE A 49 3.19 -8.40 -4.17
CA ILE A 49 3.48 -7.06 -4.71
C ILE A 49 4.62 -7.15 -5.78
N PRO A 50 4.29 -7.02 -7.10
CA PRO A 50 5.28 -7.05 -8.21
C PRO A 50 6.08 -5.72 -8.35
N ALA A 51 5.63 -4.66 -7.67
CA ALA A 51 6.28 -3.32 -7.69
C ALA A 51 7.65 -3.35 -6.97
N VAL A 52 7.87 -4.41 -6.16
CA VAL A 52 9.13 -4.64 -5.44
C VAL A 52 9.61 -6.09 -5.64
N GLY A 53 8.64 -7.01 -5.80
CA GLY A 53 8.93 -8.44 -5.91
C GLY A 53 8.89 -9.13 -4.56
N TRP A 54 7.85 -8.83 -3.77
CA TRP A 54 7.61 -9.48 -2.45
C TRP A 54 6.32 -10.32 -2.53
N PRO A 55 6.32 -11.59 -2.00
CA PRO A 55 5.13 -12.47 -2.01
C PRO A 55 4.08 -12.03 -0.97
N ALA A 56 3.00 -12.83 -0.84
CA ALA A 56 1.97 -12.64 0.17
C ALA A 56 2.54 -12.99 1.56
N MET A 57 2.63 -11.97 2.43
CA MET A 57 3.16 -12.10 3.80
C MET A 57 2.58 -10.98 4.67
N THR A 58 2.61 -11.17 6.00
CA THR A 58 2.20 -10.14 6.96
C THR A 58 3.43 -9.33 7.41
N MET A 59 3.39 -8.02 7.22
CA MET A 59 4.52 -7.13 7.50
C MET A 59 3.99 -5.78 7.97
N ARG A 60 4.76 -5.09 8.82
CA ARG A 60 4.36 -3.77 9.33
C ARG A 60 5.00 -2.65 8.51
N PHE A 61 4.25 -1.57 8.33
CA PHE A 61 4.61 -0.42 7.50
C PHE A 61 4.75 0.82 8.39
N THR A 62 5.98 1.33 8.49
CA THR A 62 6.31 2.51 9.30
C THR A 62 5.91 3.78 8.56
N PHE A 63 5.07 4.63 9.15
CA PHE A 63 4.67 5.92 8.56
C PHE A 63 5.30 7.09 9.34
N VAL A 64 5.76 8.11 8.62
CA VAL A 64 6.17 9.42 9.20
C VAL A 64 4.99 10.41 9.20
N ASN A 65 3.90 10.01 8.53
CA ASN A 65 2.71 10.84 8.29
C ASN A 65 1.43 10.02 8.57
N ALA A 66 0.78 10.31 9.71
CA ALA A 66 -0.55 9.78 10.02
C ALA A 66 -1.60 10.71 9.43
N ASP A 67 -2.09 10.37 8.24
CA ASP A 67 -3.12 11.16 7.53
C ASP A 67 -4.53 10.70 7.93
N ASP A 68 -5.55 11.41 7.40
CA ASP A 68 -6.98 11.14 7.68
C ASP A 68 -7.35 9.68 7.33
N ALA A 69 -6.70 9.15 6.30
CA ALA A 69 -6.83 7.74 5.86
C ALA A 69 -6.39 6.78 6.99
N ILE A 70 -5.16 7.01 7.50
CA ILE A 70 -4.58 6.20 8.60
C ILE A 70 -5.41 6.34 9.88
N ASN A 71 -6.00 7.53 10.07
CA ASN A 71 -6.86 7.84 11.22
C ASN A 71 -8.23 7.14 11.08
N ALA A 72 -8.71 6.98 9.83
CA ALA A 72 -10.00 6.31 9.52
C ALA A 72 -9.81 4.78 9.36
N LEU A 73 -8.55 4.36 9.17
CA LEU A 73 -8.16 2.95 8.98
C LEU A 73 -8.50 2.09 10.22
N LYS A 74 -8.76 0.79 9.98
CA LYS A 74 -9.07 -0.18 11.06
C LYS A 74 -8.64 -1.60 10.62
N THR A 75 -8.20 -2.43 11.60
CA THR A 75 -7.86 -3.84 11.35
C THR A 75 -9.12 -4.66 10.99
N GLY A 76 -8.94 -5.66 10.13
CA GLY A 76 -10.05 -6.45 9.58
C GLY A 76 -10.51 -5.95 8.21
N ASN A 77 -10.11 -4.71 7.86
CA ASN A 77 -10.47 -4.07 6.57
C ASN A 77 -9.48 -4.42 5.46
N HIS A 78 -10.03 -4.68 4.27
CA HIS A 78 -9.25 -4.93 3.06
C HIS A 78 -8.91 -3.57 2.41
N VAL A 79 -7.62 -3.28 2.25
CA VAL A 79 -7.11 -1.95 1.87
C VAL A 79 -6.14 -2.04 0.67
N ASP A 80 -5.95 -0.90 -0.02
CA ASP A 80 -4.87 -0.70 -1.01
C ASP A 80 -3.94 0.36 -0.42
N PHE A 81 -2.63 0.19 -0.58
CA PHE A 81 -1.63 1.09 0.03
C PHE A 81 -0.47 1.34 -0.93
N SER A 82 0.44 2.21 -0.47
CA SER A 82 1.62 2.64 -1.22
C SER A 82 2.71 3.10 -0.22
N PHE A 83 3.93 2.61 -0.42
CA PHE A 83 5.06 2.80 0.50
C PHE A 83 6.37 2.80 -0.30
N ILE A 84 7.41 3.44 0.22
CA ILE A 84 8.77 3.39 -0.38
C ILE A 84 9.72 2.63 0.56
N GLN A 85 10.66 1.88 -0.04
CA GLN A 85 11.65 1.10 0.71
C GLN A 85 12.76 2.01 1.28
N GLN A 86 13.02 1.87 2.59
CA GLN A 86 14.17 2.45 3.30
C GLN A 86 15.01 1.29 3.85
N GLY A 87 15.80 0.67 2.96
CA GLY A 87 16.54 -0.55 3.29
C GLY A 87 15.60 -1.72 3.60
N ASN A 88 15.52 -2.10 4.90
CA ASN A 88 14.62 -3.18 5.39
C ASN A 88 13.33 -2.60 6.02
N ILE A 89 13.22 -1.27 6.07
CA ILE A 89 12.04 -0.56 6.61
C ILE A 89 11.09 -0.22 5.45
N SER A 90 9.79 -0.51 5.62
CA SER A 90 8.74 -0.17 4.63
C SER A 90 8.04 1.13 5.07
N LEU A 91 8.37 2.24 4.40
CA LEU A 91 7.88 3.59 4.77
C LEU A 91 6.57 3.90 4.04
N LEU A 92 5.44 3.74 4.76
CA LEU A 92 4.09 3.94 4.23
C LEU A 92 3.82 5.43 3.91
N LYS A 93 3.58 5.73 2.61
CA LYS A 93 3.30 7.10 2.16
C LYS A 93 1.80 7.39 2.18
N SER A 94 1.01 6.48 1.58
CA SER A 94 -0.45 6.61 1.46
C SER A 94 -1.14 5.23 1.61
N ILE A 95 -2.41 5.25 2.03
CA ILE A 95 -3.24 4.04 2.20
C ILE A 95 -4.73 4.44 2.15
N ASN A 96 -5.59 3.56 1.61
CA ASN A 96 -7.07 3.75 1.55
C ASN A 96 -7.77 2.41 1.78
N VAL A 97 -8.91 2.44 2.49
CA VAL A 97 -9.77 1.26 2.68
C VAL A 97 -10.60 1.05 1.40
N THR A 98 -10.30 -0.03 0.66
CA THR A 98 -10.91 -0.30 -0.66
C THR A 98 -12.15 -1.21 -0.51
N GLN A 99 -12.23 -1.94 0.62
CA GLN A 99 -13.30 -2.90 0.91
C GLN A 99 -13.36 -3.16 2.43
N SER A 100 -14.54 -3.50 2.93
CA SER A 100 -14.74 -3.91 4.33
C SER A 100 -14.18 -5.34 4.53
N GLY A 1 12.58 -15.67 -21.67
CA GLY A 1 13.11 -16.45 -20.52
C GLY A 1 13.60 -15.55 -19.40
N ALA A 2 13.48 -16.03 -18.14
CA ALA A 2 13.91 -15.28 -16.95
C ALA A 2 15.44 -15.13 -16.94
N MET A 3 16.14 -16.24 -17.21
CA MET A 3 17.60 -16.23 -17.44
C MET A 3 17.86 -15.99 -18.93
N GLY A 4 17.95 -14.70 -19.29
CA GLY A 4 18.15 -14.29 -20.68
C GLY A 4 19.61 -13.93 -20.97
N MET A 5 20.34 -14.88 -21.58
CA MET A 5 21.75 -14.68 -22.01
C MET A 5 21.84 -13.65 -23.18
N LEU A 6 20.73 -13.50 -23.91
CA LEU A 6 20.61 -12.61 -25.07
C LEU A 6 19.29 -11.83 -24.96
N LYS A 7 19.36 -10.52 -24.64
CA LYS A 7 18.18 -9.62 -24.56
C LYS A 7 17.60 -9.32 -25.95
N HIS A 8 18.43 -9.48 -26.99
CA HIS A 8 18.00 -9.32 -28.39
C HIS A 8 17.25 -10.58 -28.87
N ILE A 9 16.42 -10.37 -29.89
CA ILE A 9 15.62 -11.43 -30.53
C ILE A 9 15.36 -11.02 -31.98
N SER A 10 15.15 -12.01 -32.87
CA SER A 10 14.81 -11.79 -34.28
C SER A 10 13.61 -10.84 -34.43
N HIS A 11 13.80 -9.76 -35.23
CA HIS A 11 12.76 -8.75 -35.54
C HIS A 11 12.37 -7.92 -34.31
N GLY A 12 13.23 -7.92 -33.27
CA GLY A 12 12.95 -7.21 -32.02
C GLY A 12 14.21 -7.03 -31.18
N ASP A 13 15.33 -6.68 -31.84
CA ASP A 13 16.59 -6.36 -31.18
C ASP A 13 16.46 -5.06 -30.36
N MET A 14 17.16 -4.99 -29.20
CA MET A 14 17.11 -3.82 -28.31
C MET A 14 17.75 -2.61 -29.02
N ASN A 15 16.90 -1.71 -29.53
CA ASN A 15 17.33 -0.48 -30.23
C ASN A 15 16.85 0.76 -29.46
N ALA A 16 15.66 0.63 -28.84
CA ALA A 16 15.08 1.69 -28.00
C ALA A 16 14.21 1.04 -26.91
N ALA A 17 14.61 1.18 -25.64
CA ALA A 17 13.88 0.62 -24.49
C ALA A 17 12.67 1.52 -24.13
N SER A 18 11.52 1.23 -24.77
CA SER A 18 10.27 1.99 -24.57
C SER A 18 9.55 1.50 -23.31
N ASP A 19 9.68 2.25 -22.21
CA ASP A 19 9.06 1.92 -20.92
C ASP A 19 8.30 3.14 -20.39
N ALA A 20 7.17 2.89 -19.74
CA ALA A 20 6.26 3.94 -19.23
C ALA A 20 5.63 3.52 -17.89
N SER A 21 4.71 4.39 -17.38
CA SER A 21 4.01 4.24 -16.07
C SER A 21 5.01 4.03 -14.91
N VAL A 22 6.18 4.69 -15.01
CA VAL A 22 7.29 4.58 -14.03
C VAL A 22 6.84 5.18 -12.68
N GLN A 23 6.50 4.28 -11.75
CA GLN A 23 6.05 4.62 -10.40
C GLN A 23 7.12 4.15 -9.39
N GLN A 24 7.78 5.11 -8.74
CA GLN A 24 8.89 4.85 -7.82
C GLN A 24 8.36 4.40 -6.44
N VAL A 25 7.13 4.84 -6.11
CA VAL A 25 6.44 4.42 -4.87
C VAL A 25 5.88 3.01 -5.07
N ILE A 26 6.38 2.06 -4.29
CA ILE A 26 6.02 0.64 -4.40
C ILE A 26 4.63 0.45 -3.80
N LYS A 27 3.65 0.13 -4.64
CA LYS A 27 2.24 -0.01 -4.22
C LYS A 27 1.88 -1.48 -3.98
N GLY A 28 0.96 -1.71 -3.03
CA GLY A 28 0.49 -3.06 -2.69
C GLY A 28 -0.92 -3.03 -2.12
N THR A 29 -1.57 -4.18 -2.05
CA THR A 29 -2.92 -4.34 -1.49
C THR A 29 -2.90 -5.43 -0.41
N GLY A 30 -3.91 -5.43 0.48
CA GLY A 30 -3.98 -6.42 1.57
C GLY A 30 -4.89 -5.99 2.70
N ILE A 31 -5.11 -6.90 3.67
CA ILE A 31 -6.00 -6.68 4.82
C ILE A 31 -5.18 -6.26 6.05
N VAL A 32 -5.58 -5.13 6.68
CA VAL A 32 -4.93 -4.62 7.90
C VAL A 32 -5.13 -5.60 9.07
N LYS A 33 -4.07 -5.83 9.85
CA LYS A 33 -4.06 -6.78 10.99
C LYS A 33 -3.78 -6.08 12.32
N ASP A 34 -3.07 -4.94 12.29
CA ASP A 34 -2.75 -4.16 13.50
C ASP A 34 -2.33 -2.76 13.09
N ILE A 35 -2.69 -1.76 13.91
CA ILE A 35 -2.29 -0.35 13.71
C ILE A 35 -1.68 0.17 15.00
N ASP A 36 -0.51 0.77 14.87
CA ASP A 36 0.28 1.30 15.96
C ASP A 36 0.79 2.68 15.56
N MET A 37 0.30 3.74 16.19
CA MET A 37 0.79 5.11 15.93
C MET A 37 2.01 5.43 16.79
N ASN A 38 2.13 4.72 17.95
CA ASN A 38 3.21 4.92 18.95
C ASN A 38 4.62 4.84 18.34
N SER A 39 4.85 3.81 17.49
CA SER A 39 6.09 3.65 16.71
C SER A 39 5.82 3.85 15.21
N LYS A 40 4.58 4.29 14.90
CA LYS A 40 4.09 4.47 13.52
C LYS A 40 4.18 3.20 12.65
N LYS A 41 3.80 2.05 13.21
CA LYS A 41 3.82 0.74 12.50
C LYS A 41 2.39 0.28 12.21
N ILE A 42 2.10 -0.18 11.00
CA ILE A 42 0.78 -0.78 10.67
C ILE A 42 1.00 -2.17 10.05
N THR A 43 0.73 -3.23 10.85
CA THR A 43 0.86 -4.61 10.39
C THR A 43 -0.34 -4.96 9.50
N ILE A 44 -0.05 -5.46 8.30
CA ILE A 44 -1.02 -5.70 7.23
C ILE A 44 -0.64 -7.01 6.52
N SER A 45 -1.58 -7.94 6.37
CA SER A 45 -1.40 -9.10 5.50
C SER A 45 -1.54 -8.63 4.06
N HIS A 46 -0.41 -8.43 3.39
CA HIS A 46 -0.37 -7.89 2.03
C HIS A 46 -0.13 -9.02 1.03
N GLU A 47 -0.71 -8.85 -0.15
CA GLU A 47 -0.61 -9.81 -1.26
C GLU A 47 0.74 -9.69 -1.98
N ALA A 48 0.90 -10.48 -3.05
CA ALA A 48 2.11 -10.45 -3.89
C ALA A 48 2.28 -9.06 -4.54
N ILE A 49 3.31 -8.33 -4.09
CA ILE A 49 3.68 -7.01 -4.60
C ILE A 49 4.80 -7.16 -5.66
N PRO A 50 4.46 -7.16 -6.99
CA PRO A 50 5.45 -7.36 -8.08
C PRO A 50 6.48 -6.22 -8.23
N ALA A 51 6.11 -4.98 -7.78
CA ALA A 51 6.97 -3.77 -7.92
C ALA A 51 8.30 -3.91 -7.14
N VAL A 52 8.24 -4.62 -6.00
CA VAL A 52 9.43 -4.91 -5.16
C VAL A 52 9.77 -6.42 -5.23
N GLY A 53 8.77 -7.24 -5.61
CA GLY A 53 8.94 -8.68 -5.75
C GLY A 53 8.77 -9.43 -4.43
N TRP A 54 7.77 -9.02 -3.63
CA TRP A 54 7.44 -9.69 -2.36
C TRP A 54 6.18 -10.55 -2.54
N PRO A 55 6.10 -11.77 -1.91
CA PRO A 55 4.89 -12.62 -1.94
C PRO A 55 3.84 -12.16 -0.89
N ALA A 56 2.76 -12.97 -0.75
CA ALA A 56 1.71 -12.72 0.25
C ALA A 56 2.25 -13.04 1.66
N MET A 57 2.47 -11.99 2.45
CA MET A 57 2.99 -12.09 3.82
C MET A 57 2.42 -10.97 4.69
N THR A 58 2.33 -11.24 6.00
CA THR A 58 1.92 -10.25 7.01
C THR A 58 3.16 -9.44 7.45
N MET A 59 3.11 -8.11 7.35
CA MET A 59 4.26 -7.24 7.66
C MET A 59 3.79 -5.84 8.10
N ARG A 60 4.57 -5.18 8.99
CA ARG A 60 4.25 -3.83 9.46
C ARG A 60 5.00 -2.75 8.66
N PHE A 61 4.25 -1.74 8.22
CA PHE A 61 4.73 -0.61 7.42
C PHE A 61 4.87 0.63 8.31
N THR A 62 6.02 1.30 8.25
CA THR A 62 6.31 2.52 9.02
C THR A 62 5.80 3.75 8.26
N PHE A 63 4.84 4.50 8.82
CA PHE A 63 4.25 5.66 8.11
C PHE A 63 4.84 6.96 8.66
N VAL A 64 4.77 8.05 7.85
CA VAL A 64 5.30 9.37 8.22
C VAL A 64 4.32 10.15 9.13
N ASN A 65 3.02 10.11 8.78
CA ASN A 65 1.96 10.91 9.42
C ASN A 65 0.68 10.08 9.53
N ALA A 66 0.00 10.16 10.68
CA ALA A 66 -1.29 9.49 10.89
C ALA A 66 -2.42 10.37 10.35
N ASP A 67 -2.61 10.31 9.02
CA ASP A 67 -3.61 11.13 8.31
C ASP A 67 -5.05 10.63 8.56
N ASP A 68 -6.03 11.29 7.91
CA ASP A 68 -7.48 10.96 8.03
C ASP A 68 -7.73 9.48 7.66
N ALA A 69 -6.97 9.00 6.66
CA ALA A 69 -7.01 7.60 6.19
C ALA A 69 -6.66 6.64 7.34
N ILE A 70 -5.48 6.89 7.96
CA ILE A 70 -4.93 6.07 9.05
C ILE A 70 -5.74 6.25 10.36
N ASN A 71 -6.39 7.41 10.50
CA ASN A 71 -7.20 7.76 11.68
C ASN A 71 -8.50 6.95 11.70
N ALA A 72 -9.13 6.85 10.52
CA ALA A 72 -10.39 6.09 10.32
C ALA A 72 -10.11 4.60 10.07
N LEU A 73 -8.88 4.29 9.63
CA LEU A 73 -8.41 2.93 9.37
C LEU A 73 -8.53 2.04 10.63
N LYS A 74 -8.90 0.78 10.43
CA LYS A 74 -8.91 -0.25 11.48
C LYS A 74 -8.51 -1.62 10.90
N THR A 75 -8.13 -2.54 11.80
CA THR A 75 -7.83 -3.94 11.48
C THR A 75 -9.10 -4.68 10.97
N GLY A 76 -8.90 -5.64 10.07
CA GLY A 76 -10.00 -6.38 9.44
C GLY A 76 -10.45 -5.79 8.11
N ASN A 77 -10.04 -4.54 7.83
CA ASN A 77 -10.42 -3.83 6.60
C ASN A 77 -9.44 -4.17 5.47
N HIS A 78 -9.99 -4.60 4.31
CA HIS A 78 -9.20 -4.82 3.10
C HIS A 78 -8.92 -3.47 2.43
N VAL A 79 -7.62 -3.13 2.35
CA VAL A 79 -7.13 -1.83 1.88
C VAL A 79 -6.17 -2.01 0.70
N ASP A 80 -5.79 -0.88 0.13
CA ASP A 80 -4.67 -0.75 -0.80
C ASP A 80 -3.79 0.40 -0.29
N PHE A 81 -2.53 0.40 -0.67
CA PHE A 81 -1.54 1.32 -0.10
C PHE A 81 -0.36 1.54 -1.07
N SER A 82 0.53 2.44 -0.65
CA SER A 82 1.71 2.83 -1.39
C SER A 82 2.80 3.21 -0.40
N PHE A 83 4.00 2.67 -0.60
CA PHE A 83 5.14 2.83 0.31
C PHE A 83 6.44 2.86 -0.52
N ILE A 84 7.50 3.45 0.04
CA ILE A 84 8.86 3.31 -0.53
C ILE A 84 9.72 2.57 0.50
N GLN A 85 10.66 1.75 0.05
CA GLN A 85 11.54 1.00 0.97
C GLN A 85 12.70 1.90 1.45
N GLN A 86 12.92 1.93 2.77
CA GLN A 86 14.11 2.52 3.39
C GLN A 86 15.04 1.39 3.80
N GLY A 87 15.76 0.85 2.81
CA GLY A 87 16.59 -0.33 2.98
C GLY A 87 15.76 -1.56 3.38
N ASN A 88 15.80 -1.92 4.68
CA ASN A 88 15.04 -3.06 5.24
C ASN A 88 13.63 -2.61 5.68
N ILE A 89 13.45 -1.29 5.87
CA ILE A 89 12.17 -0.70 6.32
C ILE A 89 11.24 -0.48 5.10
N SER A 90 9.92 -0.52 5.34
CA SER A 90 8.91 -0.17 4.33
C SER A 90 8.17 1.09 4.82
N LEU A 91 8.52 2.24 4.25
CA LEU A 91 7.96 3.55 4.63
C LEU A 91 6.61 3.79 3.93
N LEU A 92 5.50 3.54 4.65
CA LEU A 92 4.14 3.79 4.17
C LEU A 92 3.92 5.30 3.90
N LYS A 93 3.71 5.64 2.63
CA LYS A 93 3.53 7.03 2.21
C LYS A 93 2.05 7.44 2.32
N SER A 94 1.17 6.60 1.75
CA SER A 94 -0.28 6.81 1.73
C SER A 94 -1.00 5.45 1.68
N ILE A 95 -2.26 5.43 2.12
CA ILE A 95 -3.07 4.20 2.19
C ILE A 95 -4.56 4.53 1.95
N ASN A 96 -5.15 3.91 0.92
CA ASN A 96 -6.56 4.14 0.53
C ASN A 96 -7.34 2.83 0.73
N VAL A 97 -8.40 2.88 1.53
CA VAL A 97 -9.22 1.70 1.86
C VAL A 97 -10.08 1.31 0.64
N THR A 98 -9.80 0.11 0.08
CA THR A 98 -10.33 -0.31 -1.23
C THR A 98 -11.76 -0.91 -1.13
N GLN A 99 -12.06 -1.65 -0.04
CA GLN A 99 -13.37 -2.33 0.15
C GLN A 99 -13.98 -2.05 1.52
N SER A 100 -13.07 -2.03 2.51
CA SER A 100 -13.38 -1.96 3.96
C SER A 100 -13.84 -3.36 4.46
N GLY A 1 -24.06 -12.36 29.63
CA GLY A 1 -22.79 -12.90 29.10
C GLY A 1 -22.27 -12.13 27.89
N ALA A 2 -21.03 -12.45 27.46
CA ALA A 2 -20.35 -11.77 26.35
C ALA A 2 -20.99 -12.14 24.99
N MET A 3 -21.93 -11.29 24.55
CA MET A 3 -22.61 -11.41 23.24
C MET A 3 -22.36 -10.11 22.46
N GLY A 4 -21.37 -10.14 21.55
CA GLY A 4 -21.03 -8.98 20.72
C GLY A 4 -22.08 -8.71 19.64
N MET A 5 -23.04 -7.82 19.95
CA MET A 5 -24.08 -7.42 18.98
C MET A 5 -23.50 -6.39 18.00
N LEU A 6 -22.81 -6.91 16.96
CA LEU A 6 -22.28 -6.08 15.87
C LEU A 6 -23.37 -5.93 14.80
N LYS A 7 -23.83 -4.69 14.61
CA LYS A 7 -24.87 -4.35 13.62
C LYS A 7 -24.28 -4.35 12.20
N HIS A 8 -25.16 -4.35 11.19
CA HIS A 8 -24.78 -4.27 9.76
C HIS A 8 -24.19 -2.87 9.46
N ILE A 9 -22.87 -2.74 9.69
CA ILE A 9 -22.13 -1.46 9.58
C ILE A 9 -20.75 -1.67 8.89
N SER A 10 -20.40 -2.94 8.58
CA SER A 10 -19.11 -3.30 7.97
C SER A 10 -19.09 -2.98 6.46
N HIS A 11 -19.01 -1.68 6.15
CA HIS A 11 -18.92 -1.14 4.77
C HIS A 11 -17.96 0.06 4.80
N GLY A 12 -18.29 1.02 5.70
CA GLY A 12 -17.47 2.22 5.90
C GLY A 12 -17.58 3.24 4.77
N ASP A 13 -17.06 4.45 5.01
CA ASP A 13 -16.91 5.47 3.98
C ASP A 13 -15.55 5.28 3.30
N MET A 14 -15.55 4.79 2.05
CA MET A 14 -14.31 4.47 1.30
C MET A 14 -13.47 5.75 1.07
N ASN A 15 -12.45 5.94 1.93
CA ASN A 15 -11.58 7.12 1.92
C ASN A 15 -10.66 7.07 0.69
N ALA A 16 -11.06 7.81 -0.37
CA ALA A 16 -10.31 7.88 -1.62
C ALA A 16 -9.25 9.00 -1.53
N ALA A 17 -8.02 8.66 -1.92
CA ALA A 17 -6.89 9.60 -1.97
C ALA A 17 -6.30 9.59 -3.39
N SER A 18 -5.37 10.53 -3.67
CA SER A 18 -4.67 10.62 -4.97
C SER A 18 -3.66 9.46 -5.12
N ASP A 19 -3.40 9.04 -6.36
CA ASP A 19 -2.46 7.94 -6.65
C ASP A 19 -1.01 8.49 -6.69
N ALA A 20 -0.06 7.66 -6.22
CA ALA A 20 1.36 7.98 -6.22
C ALA A 20 1.91 8.00 -7.67
N SER A 21 2.35 9.18 -8.14
CA SER A 21 2.85 9.35 -9.51
C SER A 21 4.32 8.91 -9.65
N VAL A 22 4.99 8.71 -8.49
CA VAL A 22 6.39 8.27 -8.44
C VAL A 22 6.48 6.72 -8.51
N GLN A 23 7.42 6.22 -9.35
CA GLN A 23 7.63 4.77 -9.58
C GLN A 23 8.41 4.12 -8.42
N GLN A 24 9.20 4.93 -7.67
CA GLN A 24 9.91 4.48 -6.45
C GLN A 24 8.90 4.04 -5.37
N VAL A 25 7.70 4.66 -5.39
CA VAL A 25 6.63 4.30 -4.46
C VAL A 25 6.00 2.96 -4.92
N ILE A 26 6.36 1.91 -4.19
CA ILE A 26 5.88 0.55 -4.39
C ILE A 26 4.42 0.43 -3.92
N LYS A 27 3.54 0.04 -4.84
CA LYS A 27 2.09 -0.03 -4.60
C LYS A 27 1.68 -1.49 -4.37
N GLY A 28 0.82 -1.70 -3.37
CA GLY A 28 0.32 -3.03 -3.04
C GLY A 28 -1.06 -2.98 -2.40
N THR A 29 -1.58 -4.15 -2.07
CA THR A 29 -2.92 -4.32 -1.51
C THR A 29 -2.87 -5.44 -0.45
N GLY A 30 -3.85 -5.47 0.47
CA GLY A 30 -3.91 -6.47 1.53
C GLY A 30 -4.80 -6.03 2.69
N ILE A 31 -4.98 -6.92 3.68
CA ILE A 31 -5.91 -6.69 4.80
C ILE A 31 -5.12 -6.28 6.05
N VAL A 32 -5.55 -5.19 6.72
CA VAL A 32 -4.87 -4.67 7.92
C VAL A 32 -5.02 -5.66 9.09
N LYS A 33 -3.93 -5.84 9.84
CA LYS A 33 -3.83 -6.74 11.00
C LYS A 33 -3.75 -5.95 12.31
N ASP A 34 -3.12 -4.76 12.25
CA ASP A 34 -2.95 -3.88 13.41
C ASP A 34 -2.42 -2.51 12.93
N ILE A 35 -2.64 -1.47 13.73
CA ILE A 35 -2.12 -0.11 13.47
C ILE A 35 -1.38 0.36 14.74
N ASP A 36 -0.05 0.33 14.69
CA ASP A 36 0.82 0.56 15.85
C ASP A 36 1.34 2.01 15.84
N MET A 37 0.45 2.97 16.12
CA MET A 37 0.80 4.41 16.07
C MET A 37 1.92 4.75 17.09
N ASN A 38 1.92 4.02 18.22
CA ASN A 38 2.94 4.12 19.30
C ASN A 38 4.38 4.02 18.72
N SER A 39 4.58 3.07 17.78
CA SER A 39 5.89 2.82 17.15
C SER A 39 5.89 3.27 15.68
N LYS A 40 4.82 4.00 15.27
CA LYS A 40 4.63 4.50 13.89
C LYS A 40 4.63 3.36 12.84
N LYS A 41 4.11 2.18 13.22
CA LYS A 41 3.97 1.03 12.31
C LYS A 41 2.48 0.81 11.98
N ILE A 42 2.21 0.10 10.88
CA ILE A 42 0.87 -0.43 10.57
C ILE A 42 1.05 -1.85 10.02
N THR A 43 0.70 -2.86 10.83
CA THR A 43 0.82 -4.27 10.44
C THR A 43 -0.32 -4.62 9.49
N ILE A 44 0.03 -5.07 8.28
CA ILE A 44 -0.94 -5.40 7.21
C ILE A 44 -0.51 -6.72 6.55
N SER A 45 -1.46 -7.68 6.47
CA SER A 45 -1.27 -8.88 5.66
C SER A 45 -1.39 -8.47 4.20
N HIS A 46 -0.23 -8.31 3.53
CA HIS A 46 -0.19 -7.79 2.16
C HIS A 46 0.02 -8.93 1.18
N GLU A 47 -0.55 -8.76 -0.01
CA GLU A 47 -0.56 -9.76 -1.07
C GLU A 47 0.79 -9.85 -1.79
N ALA A 48 0.84 -10.72 -2.81
CA ALA A 48 1.98 -10.82 -3.72
C ALA A 48 2.12 -9.51 -4.52
N ILE A 49 2.99 -8.61 -4.03
CA ILE A 49 3.30 -7.33 -4.66
C ILE A 49 4.42 -7.54 -5.72
N PRO A 50 4.07 -7.54 -7.05
CA PRO A 50 5.07 -7.75 -8.15
C PRO A 50 5.99 -6.52 -8.41
N ALA A 51 5.65 -5.35 -7.85
CA ALA A 51 6.49 -4.13 -7.99
C ALA A 51 7.83 -4.30 -7.26
N VAL A 52 7.76 -4.86 -6.04
CA VAL A 52 8.95 -5.13 -5.20
C VAL A 52 9.36 -6.61 -5.30
N GLY A 53 8.39 -7.48 -5.63
CA GLY A 53 8.61 -8.92 -5.75
C GLY A 53 8.47 -9.64 -4.41
N TRP A 54 7.51 -9.20 -3.58
CA TRP A 54 7.27 -9.81 -2.24
C TRP A 54 5.97 -10.62 -2.27
N PRO A 55 5.96 -11.88 -1.71
CA PRO A 55 4.75 -12.74 -1.66
C PRO A 55 3.70 -12.26 -0.63
N ALA A 56 2.61 -13.06 -0.49
CA ALA A 56 1.57 -12.82 0.51
C ALA A 56 2.13 -13.08 1.93
N MET A 57 2.44 -11.98 2.64
CA MET A 57 3.00 -12.02 4.01
C MET A 57 2.42 -10.87 4.85
N THR A 58 2.37 -11.07 6.16
CA THR A 58 2.00 -10.04 7.13
C THR A 58 3.26 -9.27 7.56
N MET A 59 3.30 -7.95 7.28
CA MET A 59 4.45 -7.08 7.61
C MET A 59 3.95 -5.71 8.05
N ARG A 60 4.70 -5.03 8.96
CA ARG A 60 4.32 -3.68 9.43
C ARG A 60 5.13 -2.58 8.72
N PHE A 61 4.40 -1.56 8.25
CA PHE A 61 4.92 -0.43 7.47
C PHE A 61 5.00 0.84 8.34
N THR A 62 6.17 1.50 8.32
CA THR A 62 6.41 2.74 9.08
C THR A 62 5.75 3.94 8.37
N PHE A 63 4.85 4.66 9.05
CA PHE A 63 4.25 5.91 8.53
C PHE A 63 4.89 7.12 9.22
N VAL A 64 4.75 8.32 8.61
CA VAL A 64 5.30 9.58 9.17
C VAL A 64 4.33 10.18 10.23
N ASN A 65 3.02 10.24 9.91
CA ASN A 65 1.96 10.74 10.82
C ASN A 65 0.61 10.14 10.40
N ALA A 66 -0.26 9.92 11.40
CA ALA A 66 -1.58 9.30 11.19
C ALA A 66 -2.58 10.32 10.61
N ASP A 67 -2.68 10.35 9.27
CA ASP A 67 -3.66 11.20 8.55
C ASP A 67 -5.05 10.55 8.55
N ASP A 68 -5.99 11.22 7.86
CA ASP A 68 -7.43 10.85 7.80
C ASP A 68 -7.62 9.43 7.27
N ALA A 69 -6.73 9.02 6.34
CA ALA A 69 -6.71 7.66 5.77
C ALA A 69 -6.39 6.63 6.87
N ILE A 70 -5.33 6.90 7.63
CA ILE A 70 -4.80 6.00 8.71
C ILE A 70 -5.75 6.01 9.94
N ASN A 71 -6.49 7.11 10.11
CA ASN A 71 -7.45 7.29 11.22
C ASN A 71 -8.77 6.54 10.91
N ALA A 72 -9.23 6.65 9.65
CA ALA A 72 -10.42 5.94 9.13
C ALA A 72 -10.11 4.44 8.95
N LEU A 73 -8.82 4.14 8.75
CA LEU A 73 -8.28 2.77 8.66
C LEU A 73 -8.56 1.98 9.94
N LYS A 74 -9.02 0.73 9.78
CA LYS A 74 -9.22 -0.23 10.88
C LYS A 74 -8.68 -1.60 10.47
N THR A 75 -8.29 -2.40 11.48
CA THR A 75 -7.90 -3.80 11.26
C THR A 75 -9.11 -4.64 10.82
N GLY A 76 -8.86 -5.63 9.96
CA GLY A 76 -9.93 -6.44 9.34
C GLY A 76 -10.38 -5.89 7.99
N ASN A 77 -10.14 -4.58 7.77
CA ASN A 77 -10.51 -3.91 6.52
C ASN A 77 -9.47 -4.21 5.43
N HIS A 78 -9.95 -4.69 4.28
CA HIS A 78 -9.13 -4.87 3.08
C HIS A 78 -8.89 -3.51 2.43
N VAL A 79 -7.61 -3.19 2.18
CA VAL A 79 -7.20 -1.87 1.69
C VAL A 79 -6.14 -1.97 0.59
N ASP A 80 -5.95 -0.86 -0.09
CA ASP A 80 -4.80 -0.60 -0.98
C ASP A 80 -3.84 0.35 -0.22
N PHE A 81 -2.56 0.36 -0.61
CA PHE A 81 -1.54 1.21 0.01
C PHE A 81 -0.37 1.41 -0.95
N SER A 82 0.51 2.35 -0.61
CA SER A 82 1.71 2.69 -1.38
C SER A 82 2.80 3.17 -0.41
N PHE A 83 4.03 2.68 -0.59
CA PHE A 83 5.17 2.91 0.31
C PHE A 83 6.48 2.95 -0.49
N ILE A 84 7.52 3.60 0.06
CA ILE A 84 8.88 3.56 -0.53
C ILE A 84 9.79 2.72 0.37
N GLN A 85 10.72 2.00 -0.27
CA GLN A 85 11.72 1.20 0.44
C GLN A 85 12.87 2.11 0.93
N GLN A 86 13.32 1.86 2.16
CA GLN A 86 14.46 2.55 2.79
C GLN A 86 15.37 1.47 3.40
N GLY A 87 16.13 0.79 2.52
CA GLY A 87 16.95 -0.36 2.90
C GLY A 87 16.11 -1.52 3.43
N ASN A 88 16.02 -1.62 4.76
CA ASN A 88 15.23 -2.66 5.45
C ASN A 88 13.89 -2.09 5.97
N ILE A 89 13.80 -0.75 6.09
CA ILE A 89 12.59 -0.07 6.60
C ILE A 89 11.63 0.26 5.44
N SER A 90 10.36 -0.16 5.56
CA SER A 90 9.29 0.21 4.62
C SER A 90 8.59 1.48 5.12
N LEU A 91 8.67 2.59 4.35
CA LEU A 91 8.08 3.88 4.73
C LEU A 91 6.78 4.13 3.93
N LEU A 92 5.62 3.87 4.59
CA LEU A 92 4.27 4.09 4.03
C LEU A 92 4.05 5.56 3.66
N LYS A 93 3.70 5.79 2.39
CA LYS A 93 3.49 7.12 1.80
C LYS A 93 1.99 7.50 1.85
N SER A 94 1.15 6.56 1.39
CA SER A 94 -0.31 6.74 1.32
C SER A 94 -1.00 5.37 1.51
N ILE A 95 -2.32 5.41 1.79
CA ILE A 95 -3.13 4.21 2.00
C ILE A 95 -4.62 4.55 1.74
N ASN A 96 -5.28 3.75 0.88
CA ASN A 96 -6.69 3.94 0.48
C ASN A 96 -7.53 2.78 1.03
N VAL A 97 -8.61 3.10 1.74
CA VAL A 97 -9.56 2.09 2.23
C VAL A 97 -10.52 1.74 1.08
N THR A 98 -10.43 0.49 0.55
CA THR A 98 -11.20 0.07 -0.63
C THR A 98 -12.46 -0.69 -0.20
N GLN A 99 -12.32 -1.52 0.86
CA GLN A 99 -13.42 -2.35 1.42
C GLN A 99 -13.22 -2.56 2.93
N SER A 100 -14.13 -3.35 3.54
CA SER A 100 -14.08 -3.72 4.96
C SER A 100 -13.81 -5.25 5.10
N GLY A 1 7.14 -28.56 -19.92
CA GLY A 1 6.44 -27.36 -20.44
C GLY A 1 6.52 -26.20 -19.46
N ALA A 2 6.82 -24.99 -19.97
CA ALA A 2 6.99 -23.76 -19.15
C ALA A 2 5.73 -22.87 -19.24
N MET A 3 5.18 -22.48 -18.06
CA MET A 3 3.97 -21.62 -17.95
C MET A 3 4.27 -20.18 -18.44
N GLY A 4 3.41 -19.66 -19.31
CA GLY A 4 3.56 -18.31 -19.87
C GLY A 4 2.87 -18.16 -21.22
N MET A 5 1.89 -19.03 -21.50
CA MET A 5 1.20 -19.08 -22.80
C MET A 5 0.29 -17.84 -22.96
N LEU A 6 0.82 -16.83 -23.68
CA LEU A 6 0.07 -15.61 -24.02
C LEU A 6 -0.98 -15.95 -25.09
N LYS A 7 -2.21 -15.43 -24.89
CA LYS A 7 -3.40 -15.76 -25.73
C LYS A 7 -3.83 -17.25 -25.52
N HIS A 8 -3.73 -17.70 -24.25
CA HIS A 8 -4.24 -19.03 -23.80
C HIS A 8 -5.76 -19.11 -24.00
N ILE A 9 -6.44 -17.98 -23.75
CA ILE A 9 -7.87 -17.81 -24.03
C ILE A 9 -8.04 -17.36 -25.49
N SER A 10 -8.77 -18.17 -26.29
CA SER A 10 -8.93 -17.95 -27.74
C SER A 10 -9.73 -16.66 -28.05
N HIS A 11 -10.74 -16.36 -27.20
CA HIS A 11 -11.57 -15.14 -27.32
C HIS A 11 -10.76 -13.88 -26.94
N GLY A 12 -9.96 -14.01 -25.87
CA GLY A 12 -9.11 -12.93 -25.39
C GLY A 12 -9.86 -11.83 -24.65
N ASP A 13 -11.09 -12.14 -24.19
CA ASP A 13 -11.93 -11.17 -23.44
C ASP A 13 -11.57 -11.16 -21.94
N MET A 14 -10.58 -11.98 -21.55
CA MET A 14 -10.07 -12.02 -20.17
C MET A 14 -9.19 -10.78 -19.92
N ASN A 15 -9.83 -9.69 -19.49
CA ASN A 15 -9.16 -8.44 -19.15
C ASN A 15 -8.52 -8.58 -17.76
N ALA A 16 -7.31 -9.18 -17.74
CA ALA A 16 -6.52 -9.33 -16.52
C ALA A 16 -6.06 -7.94 -16.05
N ALA A 17 -6.54 -7.52 -14.86
CA ALA A 17 -6.26 -6.16 -14.33
C ALA A 17 -4.88 -6.14 -13.65
N SER A 18 -3.83 -6.04 -14.49
CA SER A 18 -2.43 -5.99 -14.05
C SER A 18 -1.98 -4.54 -13.87
N ASP A 19 -1.02 -4.34 -12.96
CA ASP A 19 -0.48 -3.00 -12.64
C ASP A 19 0.83 -2.75 -13.41
N ALA A 20 1.05 -1.48 -13.76
CA ALA A 20 2.31 -1.02 -14.37
C ALA A 20 3.26 -0.57 -13.24
N SER A 21 4.31 -1.36 -12.96
CA SER A 21 5.33 -1.01 -11.95
C SER A 21 6.39 -0.09 -12.58
N VAL A 22 5.96 1.13 -12.95
CA VAL A 22 6.82 2.16 -13.56
C VAL A 22 7.24 3.17 -12.49
N GLN A 23 6.25 3.55 -11.65
CA GLN A 23 6.42 4.57 -10.60
C GLN A 23 7.40 4.09 -9.50
N GLN A 24 8.08 5.06 -8.88
CA GLN A 24 9.13 4.79 -7.85
C GLN A 24 8.48 4.31 -6.53
N VAL A 25 7.28 4.85 -6.23
CA VAL A 25 6.52 4.47 -5.03
C VAL A 25 5.87 3.09 -5.23
N ILE A 26 6.32 2.11 -4.45
CA ILE A 26 5.90 0.70 -4.57
C ILE A 26 4.45 0.53 -4.07
N LYS A 27 3.54 0.27 -4.99
CA LYS A 27 2.09 0.13 -4.69
C LYS A 27 1.74 -1.32 -4.38
N GLY A 28 0.73 -1.48 -3.49
CA GLY A 28 0.23 -2.81 -3.09
C GLY A 28 -1.17 -2.75 -2.50
N THR A 29 -1.63 -3.89 -1.96
CA THR A 29 -2.94 -4.01 -1.30
C THR A 29 -2.89 -5.15 -0.26
N GLY A 30 -3.89 -5.22 0.65
CA GLY A 30 -3.92 -6.25 1.69
C GLY A 30 -4.82 -5.88 2.86
N ILE A 31 -5.02 -6.84 3.79
CA ILE A 31 -5.90 -6.66 4.95
C ILE A 31 -5.06 -6.31 6.19
N VAL A 32 -5.44 -5.22 6.89
CA VAL A 32 -4.73 -4.74 8.09
C VAL A 32 -4.90 -5.75 9.26
N LYS A 33 -3.78 -6.12 9.88
CA LYS A 33 -3.73 -7.02 11.05
C LYS A 33 -3.64 -6.22 12.36
N ASP A 34 -3.03 -5.02 12.30
CA ASP A 34 -2.76 -4.20 13.50
C ASP A 34 -2.33 -2.77 13.12
N ILE A 35 -2.58 -1.81 14.04
CA ILE A 35 -2.13 -0.42 13.91
C ILE A 35 -1.47 0.00 15.26
N ASP A 36 -0.14 0.14 15.24
CA ASP A 36 0.66 0.53 16.42
C ASP A 36 1.08 2.01 16.27
N MET A 37 0.18 2.96 16.55
CA MET A 37 0.48 4.40 16.39
C MET A 37 1.58 4.87 17.36
N ASN A 38 1.74 4.15 18.49
CA ASN A 38 2.80 4.42 19.50
C ASN A 38 4.20 4.40 18.85
N SER A 39 4.45 3.38 18.02
CA SER A 39 5.71 3.23 17.25
C SER A 39 5.50 3.70 15.79
N LYS A 40 4.29 4.22 15.48
CA LYS A 40 3.89 4.68 14.12
C LYS A 40 4.06 3.56 13.06
N LYS A 41 3.65 2.35 13.44
CA LYS A 41 3.66 1.15 12.58
C LYS A 41 2.21 0.74 12.25
N ILE A 42 2.03 0.05 11.12
CA ILE A 42 0.74 -0.58 10.76
C ILE A 42 1.04 -1.97 10.18
N THR A 43 0.75 -3.02 10.96
CA THR A 43 0.92 -4.42 10.54
C THR A 43 -0.23 -4.80 9.60
N ILE A 44 0.10 -5.22 8.39
CA ILE A 44 -0.86 -5.53 7.31
C ILE A 44 -0.45 -6.85 6.65
N SER A 45 -1.40 -7.79 6.53
CA SER A 45 -1.27 -8.94 5.63
C SER A 45 -1.42 -8.41 4.20
N HIS A 46 -0.27 -8.25 3.51
CA HIS A 46 -0.24 -7.66 2.17
C HIS A 46 -0.08 -8.77 1.14
N GLU A 47 -0.57 -8.51 -0.07
CA GLU A 47 -0.66 -9.50 -1.14
C GLU A 47 0.65 -9.57 -1.96
N ALA A 48 0.62 -10.35 -3.06
CA ALA A 48 1.76 -10.47 -3.98
C ALA A 48 2.00 -9.13 -4.71
N ILE A 49 3.03 -8.38 -4.23
CA ILE A 49 3.43 -7.09 -4.78
C ILE A 49 4.63 -7.28 -5.74
N PRO A 50 4.39 -7.31 -7.10
CA PRO A 50 5.50 -7.46 -8.09
C PRO A 50 6.25 -6.13 -8.35
N ALA A 51 5.75 -5.03 -7.75
CA ALA A 51 6.40 -3.69 -7.82
C ALA A 51 7.73 -3.68 -7.01
N VAL A 52 7.89 -4.66 -6.11
CA VAL A 52 9.13 -4.89 -5.33
C VAL A 52 9.56 -6.37 -5.41
N GLY A 53 8.56 -7.25 -5.67
CA GLY A 53 8.81 -8.69 -5.78
C GLY A 53 8.65 -9.43 -4.46
N TRP A 54 7.62 -9.08 -3.69
CA TRP A 54 7.27 -9.77 -2.43
C TRP A 54 5.95 -10.56 -2.61
N PRO A 55 5.84 -11.80 -2.01
CA PRO A 55 4.57 -12.59 -2.03
C PRO A 55 3.56 -12.09 -0.97
N ALA A 56 2.44 -12.83 -0.83
CA ALA A 56 1.39 -12.56 0.18
C ALA A 56 1.90 -12.94 1.59
N MET A 57 2.33 -11.92 2.36
CA MET A 57 2.89 -12.09 3.72
C MET A 57 2.38 -10.97 4.65
N THR A 58 2.42 -11.21 5.96
CA THR A 58 2.10 -10.20 6.98
C THR A 58 3.38 -9.44 7.38
N MET A 59 3.33 -8.10 7.39
CA MET A 59 4.50 -7.24 7.70
C MET A 59 4.03 -5.87 8.20
N ARG A 60 4.82 -5.20 9.06
CA ARG A 60 4.48 -3.86 9.59
C ARG A 60 5.20 -2.75 8.80
N PHE A 61 4.41 -1.80 8.27
CA PHE A 61 4.87 -0.65 7.50
C PHE A 61 4.96 0.58 8.42
N THR A 62 6.09 1.29 8.38
CA THR A 62 6.31 2.50 9.19
C THR A 62 5.81 3.73 8.40
N PHE A 63 4.88 4.49 8.96
CA PHE A 63 4.41 5.76 8.36
C PHE A 63 5.01 6.94 9.12
N VAL A 64 5.39 8.00 8.39
CA VAL A 64 5.81 9.28 8.98
C VAL A 64 4.59 10.18 9.23
N ASN A 65 3.54 10.00 8.40
CA ASN A 65 2.36 10.88 8.36
C ASN A 65 1.07 10.07 8.56
N ALA A 66 0.24 10.50 9.53
CA ALA A 66 -1.06 9.89 9.82
C ALA A 66 -2.16 10.74 9.17
N ASP A 67 -2.69 10.25 8.03
CA ASP A 67 -3.83 10.90 7.34
C ASP A 67 -5.16 10.49 7.96
N ASP A 68 -6.25 11.13 7.49
CA ASP A 68 -7.64 10.83 7.89
C ASP A 68 -8.01 9.38 7.51
N ALA A 69 -7.31 8.87 6.47
CA ALA A 69 -7.37 7.45 6.05
C ALA A 69 -6.87 6.53 7.18
N ILE A 70 -5.68 6.86 7.75
CA ILE A 70 -5.06 6.10 8.86
C ILE A 70 -5.87 6.27 10.18
N ASN A 71 -6.47 7.45 10.33
CA ASN A 71 -7.33 7.80 11.49
C ASN A 71 -8.64 6.98 11.49
N ALA A 72 -9.21 6.77 10.28
CA ALA A 72 -10.43 5.94 10.10
C ALA A 72 -10.09 4.44 9.98
N LEU A 73 -8.85 4.15 9.54
CA LEU A 73 -8.33 2.78 9.32
C LEU A 73 -8.44 1.93 10.60
N LYS A 74 -8.78 0.65 10.43
CA LYS A 74 -8.82 -0.35 11.51
C LYS A 74 -8.28 -1.69 11.00
N THR A 75 -8.03 -2.62 11.92
CA THR A 75 -7.72 -4.01 11.57
C THR A 75 -9.00 -4.73 11.11
N GLY A 76 -8.86 -5.62 10.11
CA GLY A 76 -9.99 -6.28 9.45
C GLY A 76 -10.34 -5.62 8.11
N ASN A 77 -9.87 -4.37 7.92
CA ASN A 77 -10.09 -3.56 6.72
C ASN A 77 -9.17 -4.02 5.57
N HIS A 78 -9.77 -4.45 4.44
CA HIS A 78 -9.02 -4.73 3.20
C HIS A 78 -8.82 -3.39 2.46
N VAL A 79 -7.57 -2.93 2.44
CA VAL A 79 -7.20 -1.60 1.92
C VAL A 79 -6.04 -1.70 0.90
N ASP A 80 -5.96 -0.71 -0.01
CA ASP A 80 -4.79 -0.52 -0.89
C ASP A 80 -3.85 0.47 -0.20
N PHE A 81 -2.59 0.48 -0.64
CA PHE A 81 -1.57 1.37 -0.09
C PHE A 81 -0.42 1.54 -1.09
N SER A 82 0.49 2.43 -0.74
CA SER A 82 1.70 2.72 -1.50
C SER A 82 2.80 3.11 -0.49
N PHE A 83 4.00 2.56 -0.67
CA PHE A 83 5.13 2.73 0.24
C PHE A 83 6.42 2.78 -0.59
N ILE A 84 7.55 3.06 0.07
CA ILE A 84 8.88 2.99 -0.56
C ILE A 84 9.81 2.18 0.35
N GLN A 85 10.77 1.48 -0.27
CA GLN A 85 11.81 0.75 0.46
C GLN A 85 12.85 1.74 1.01
N GLN A 86 13.05 1.72 2.33
CA GLN A 86 14.05 2.52 3.04
C GLN A 86 15.02 1.59 3.76
N GLY A 87 15.96 1.03 2.99
CA GLY A 87 16.95 0.09 3.50
C GLY A 87 16.30 -1.21 3.94
N ASN A 88 16.06 -1.34 5.25
CA ASN A 88 15.47 -2.54 5.87
C ASN A 88 13.97 -2.31 6.21
N ILE A 89 13.55 -1.03 6.25
CA ILE A 89 12.19 -0.62 6.68
C ILE A 89 11.33 -0.26 5.45
N SER A 90 10.04 -0.67 5.48
CA SER A 90 9.06 -0.30 4.46
C SER A 90 8.30 0.96 4.92
N LEU A 91 8.63 2.11 4.31
CA LEU A 91 8.09 3.43 4.67
C LEU A 91 6.76 3.71 3.92
N LEU A 92 5.63 3.52 4.63
CA LEU A 92 4.29 3.78 4.12
C LEU A 92 4.10 5.28 3.78
N LYS A 93 3.75 5.56 2.51
CA LYS A 93 3.53 6.92 1.98
C LYS A 93 2.05 7.31 2.07
N SER A 94 1.20 6.48 1.46
CA SER A 94 -0.26 6.70 1.37
C SER A 94 -0.99 5.35 1.53
N ILE A 95 -2.27 5.40 1.96
CA ILE A 95 -3.08 4.20 2.18
C ILE A 95 -4.58 4.58 2.11
N ASN A 96 -5.38 3.83 1.34
CA ASN A 96 -6.83 4.09 1.18
C ASN A 96 -7.63 2.77 1.21
N VAL A 97 -8.91 2.83 1.61
CA VAL A 97 -9.82 1.67 1.64
C VAL A 97 -10.21 1.28 0.21
N THR A 98 -9.77 0.09 -0.23
CA THR A 98 -9.93 -0.36 -1.61
C THR A 98 -11.27 -1.08 -1.81
N GLN A 99 -11.91 -1.50 -0.71
CA GLN A 99 -13.16 -2.26 -0.72
C GLN A 99 -13.91 -2.04 0.59
N SER A 100 -13.34 -2.58 1.68
CA SER A 100 -13.93 -2.54 3.03
C SER A 100 -12.83 -2.98 4.02
N GLY A 1 12.02 11.75 -37.52
CA GLY A 1 12.37 11.48 -36.11
C GLY A 1 11.16 11.40 -35.20
N ALA A 2 11.41 11.31 -33.88
CA ALA A 2 10.37 11.21 -32.85
C ALA A 2 10.75 12.04 -31.62
N MET A 3 9.74 12.65 -30.97
CA MET A 3 9.92 13.42 -29.72
C MET A 3 10.11 12.46 -28.54
N GLY A 4 9.30 11.40 -28.52
CA GLY A 4 9.38 10.37 -27.49
C GLY A 4 8.50 10.67 -26.28
N MET A 5 8.97 11.62 -25.42
CA MET A 5 8.35 11.99 -24.14
C MET A 5 8.02 10.73 -23.29
N LEU A 6 9.07 10.18 -22.65
CA LEU A 6 8.98 8.94 -21.88
C LEU A 6 8.28 9.17 -20.53
N LYS A 7 8.63 10.30 -19.88
CA LYS A 7 8.00 10.75 -18.62
C LYS A 7 6.78 11.63 -18.94
N HIS A 8 5.70 11.48 -18.16
CA HIS A 8 4.49 12.29 -18.29
C HIS A 8 4.54 13.49 -17.32
N ILE A 9 3.99 14.63 -17.78
CA ILE A 9 3.90 15.85 -16.96
C ILE A 9 2.66 15.75 -16.04
N SER A 10 2.85 16.04 -14.74
CA SER A 10 1.78 16.06 -13.74
C SER A 10 0.98 17.38 -13.87
N HIS A 11 -0.22 17.30 -14.47
CA HIS A 11 -1.08 18.46 -14.73
C HIS A 11 -2.05 18.67 -13.56
N GLY A 12 -2.30 19.96 -13.23
CA GLY A 12 -3.24 20.34 -12.15
C GLY A 12 -2.75 19.93 -10.77
N ASP A 13 -3.44 18.94 -10.16
CA ASP A 13 -3.13 18.42 -8.82
C ASP A 13 -3.92 17.11 -8.59
N MET A 14 -3.27 16.07 -8.05
CA MET A 14 -3.95 14.83 -7.61
C MET A 14 -3.97 14.79 -6.07
N ASN A 15 -2.83 14.43 -5.45
CA ASN A 15 -2.73 14.21 -3.99
C ASN A 15 -1.56 14.98 -3.38
N ALA A 16 -1.74 15.45 -2.13
CA ALA A 16 -0.69 16.14 -1.36
C ALA A 16 0.32 15.12 -0.77
N ALA A 17 1.37 15.66 -0.09
CA ALA A 17 2.47 14.86 0.50
C ALA A 17 3.30 14.16 -0.60
N SER A 18 3.31 14.77 -1.80
CA SER A 18 4.02 14.28 -2.97
C SER A 18 5.55 14.44 -2.77
N ASP A 19 6.23 13.34 -2.41
CA ASP A 19 7.68 13.33 -2.12
C ASP A 19 8.41 12.42 -3.13
N ALA A 20 9.00 13.05 -4.16
CA ALA A 20 9.72 12.37 -5.24
C ALA A 20 11.24 12.31 -4.97
N SER A 21 11.59 11.89 -3.74
CA SER A 21 13.00 11.67 -3.33
C SER A 21 13.43 10.20 -3.54
N VAL A 22 12.58 9.43 -4.26
CA VAL A 22 12.84 8.02 -4.62
C VAL A 22 12.56 7.79 -6.11
N GLN A 23 13.08 6.68 -6.67
CA GLN A 23 12.89 6.29 -8.07
C GLN A 23 11.40 5.99 -8.36
N GLN A 24 10.78 5.20 -7.48
CA GLN A 24 9.37 4.80 -7.58
C GLN A 24 8.79 4.55 -6.19
N VAL A 25 7.49 4.84 -6.03
CA VAL A 25 6.73 4.51 -4.80
C VAL A 25 5.99 3.18 -5.05
N ILE A 26 6.36 2.16 -4.27
CA ILE A 26 5.88 0.79 -4.43
C ILE A 26 4.42 0.65 -3.94
N LYS A 27 3.50 0.36 -4.86
CA LYS A 27 2.06 0.24 -4.55
C LYS A 27 1.66 -1.23 -4.37
N GLY A 28 0.74 -1.49 -3.43
CA GLY A 28 0.23 -2.83 -3.15
C GLY A 28 -1.13 -2.81 -2.47
N THR A 29 -1.57 -3.99 -2.01
CA THR A 29 -2.85 -4.14 -1.30
C THR A 29 -2.71 -5.24 -0.23
N GLY A 30 -3.70 -5.34 0.68
CA GLY A 30 -3.69 -6.36 1.73
C GLY A 30 -4.60 -6.00 2.88
N ILE A 31 -4.81 -6.95 3.80
CA ILE A 31 -5.74 -6.80 4.94
C ILE A 31 -4.96 -6.40 6.19
N VAL A 32 -5.41 -5.31 6.87
CA VAL A 32 -4.76 -4.78 8.08
C VAL A 32 -4.89 -5.78 9.25
N LYS A 33 -3.83 -5.86 10.05
CA LYS A 33 -3.70 -6.77 11.20
C LYS A 33 -3.56 -5.98 12.53
N ASP A 34 -2.89 -4.82 12.47
CA ASP A 34 -2.66 -3.97 13.66
C ASP A 34 -2.28 -2.55 13.22
N ILE A 35 -2.66 -1.55 14.04
CA ILE A 35 -2.28 -0.15 13.84
C ILE A 35 -1.72 0.40 15.16
N ASP A 36 -0.39 0.56 15.22
CA ASP A 36 0.32 1.12 16.38
C ASP A 36 0.84 2.52 16.03
N MET A 37 0.06 3.55 16.37
CA MET A 37 0.45 4.95 16.08
C MET A 37 1.63 5.38 16.96
N ASN A 38 1.77 4.74 18.15
CA ASN A 38 2.84 5.05 19.15
C ASN A 38 4.25 5.03 18.51
N SER A 39 4.59 3.91 17.88
CA SER A 39 5.87 3.76 17.14
C SER A 39 5.66 3.97 15.63
N LYS A 40 4.44 4.45 15.26
CA LYS A 40 4.05 4.75 13.87
C LYS A 40 4.17 3.51 12.94
N LYS A 41 3.84 2.32 13.47
CA LYS A 41 3.87 1.05 12.70
C LYS A 41 2.44 0.60 12.41
N ILE A 42 2.21 -0.05 11.26
CA ILE A 42 0.90 -0.66 10.90
C ILE A 42 1.16 -2.04 10.30
N THR A 43 0.86 -3.10 11.05
CA THR A 43 1.02 -4.48 10.58
C THR A 43 -0.14 -4.81 9.63
N ILE A 44 0.20 -5.19 8.40
CA ILE A 44 -0.75 -5.51 7.33
C ILE A 44 -0.29 -6.80 6.63
N SER A 45 -1.20 -7.77 6.51
CA SER A 45 -0.99 -8.95 5.66
C SER A 45 -1.19 -8.53 4.20
N HIS A 46 -0.09 -8.33 3.47
CA HIS A 46 -0.13 -7.77 2.12
C HIS A 46 0.04 -8.89 1.08
N GLU A 47 -0.51 -8.64 -0.11
CA GLU A 47 -0.57 -9.60 -1.22
C GLU A 47 0.73 -9.57 -2.06
N ALA A 48 0.70 -10.29 -3.20
CA ALA A 48 1.79 -10.31 -4.17
C ALA A 48 1.94 -8.94 -4.84
N ILE A 49 2.92 -8.16 -4.35
CA ILE A 49 3.30 -6.85 -4.89
C ILE A 49 4.45 -7.04 -5.93
N PRO A 50 4.14 -7.00 -7.28
CA PRO A 50 5.16 -7.17 -8.35
C PRO A 50 6.07 -5.93 -8.58
N ALA A 51 5.73 -4.78 -7.96
CA ALA A 51 6.55 -3.53 -8.07
C ALA A 51 7.91 -3.69 -7.37
N VAL A 52 7.93 -4.57 -6.35
CA VAL A 52 9.15 -4.90 -5.57
C VAL A 52 9.45 -6.41 -5.67
N GLY A 53 8.40 -7.21 -5.93
CA GLY A 53 8.53 -8.67 -6.09
C GLY A 53 8.39 -9.42 -4.78
N TRP A 54 7.45 -8.98 -3.92
CA TRP A 54 7.17 -9.64 -2.63
C TRP A 54 5.82 -10.39 -2.72
N PRO A 55 5.78 -11.72 -2.37
CA PRO A 55 4.51 -12.52 -2.35
C PRO A 55 3.55 -12.11 -1.21
N ALA A 56 2.48 -12.92 -1.02
CA ALA A 56 1.52 -12.74 0.08
C ALA A 56 2.20 -13.09 1.42
N MET A 57 2.56 -12.04 2.19
CA MET A 57 3.26 -12.15 3.49
C MET A 57 2.77 -11.04 4.44
N THR A 58 2.83 -11.31 5.76
CA THR A 58 2.48 -10.32 6.80
C THR A 58 3.72 -9.49 7.17
N MET A 59 3.58 -8.16 7.20
CA MET A 59 4.71 -7.25 7.50
C MET A 59 4.18 -5.91 8.04
N ARG A 60 4.99 -5.18 8.84
CA ARG A 60 4.57 -3.90 9.44
C ARG A 60 5.26 -2.70 8.75
N PHE A 61 4.41 -1.73 8.35
CA PHE A 61 4.81 -0.54 7.56
C PHE A 61 4.89 0.69 8.47
N THR A 62 5.98 1.45 8.37
CA THR A 62 6.21 2.66 9.17
C THR A 62 5.73 3.90 8.37
N PHE A 63 4.77 4.68 8.88
CA PHE A 63 4.21 5.83 8.14
C PHE A 63 4.80 7.15 8.66
N VAL A 64 4.93 8.13 7.75
CA VAL A 64 5.46 9.47 8.06
C VAL A 64 4.33 10.47 8.40
N ASN A 65 3.10 10.16 7.95
CA ASN A 65 1.96 11.08 8.02
C ASN A 65 0.71 10.29 8.43
N ALA A 66 0.17 10.60 9.63
CA ALA A 66 -1.07 9.99 10.14
C ALA A 66 -2.27 10.72 9.54
N ASP A 67 -2.68 10.27 8.33
CA ASP A 67 -3.80 10.89 7.59
C ASP A 67 -5.16 10.48 8.17
N ASP A 68 -6.23 11.09 7.63
CA ASP A 68 -7.63 10.78 8.00
C ASP A 68 -7.96 9.31 7.62
N ALA A 69 -7.26 8.82 6.57
CA ALA A 69 -7.28 7.42 6.13
C ALA A 69 -6.82 6.50 7.27
N ILE A 70 -5.67 6.86 7.88
CA ILE A 70 -5.04 6.10 8.99
C ILE A 70 -5.86 6.26 10.29
N ASN A 71 -6.49 7.42 10.44
CA ASN A 71 -7.35 7.76 11.60
C ASN A 71 -8.67 6.96 11.55
N ALA A 72 -9.16 6.65 10.32
CA ALA A 72 -10.36 5.82 10.12
C ALA A 72 -10.01 4.36 9.80
N LEU A 73 -8.72 4.09 9.53
CA LEU A 73 -8.19 2.74 9.23
C LEU A 73 -8.49 1.80 10.40
N LYS A 74 -8.92 0.56 10.09
CA LYS A 74 -9.20 -0.47 11.11
C LYS A 74 -8.68 -1.83 10.64
N THR A 75 -8.26 -2.67 11.62
CA THR A 75 -7.83 -4.05 11.36
C THR A 75 -9.00 -4.92 10.88
N GLY A 76 -8.72 -5.77 9.88
CA GLY A 76 -9.75 -6.63 9.27
C GLY A 76 -10.23 -6.10 7.92
N ASN A 77 -9.95 -4.82 7.65
CA ASN A 77 -10.33 -4.16 6.40
C ASN A 77 -9.23 -4.39 5.34
N HIS A 78 -9.66 -4.83 4.14
CA HIS A 78 -8.77 -4.99 2.98
C HIS A 78 -8.54 -3.60 2.35
N VAL A 79 -7.29 -3.13 2.44
CA VAL A 79 -6.90 -1.77 2.05
C VAL A 79 -5.82 -1.80 0.96
N ASP A 80 -5.76 -0.72 0.16
CA ASP A 80 -4.69 -0.50 -0.82
C ASP A 80 -3.76 0.58 -0.27
N PHE A 81 -2.49 0.56 -0.68
CA PHE A 81 -1.46 1.47 -0.12
C PHE A 81 -0.29 1.68 -1.09
N SER A 82 0.63 2.54 -0.68
CA SER A 82 1.83 2.89 -1.41
C SER A 82 2.93 3.30 -0.41
N PHE A 83 4.12 2.72 -0.56
CA PHE A 83 5.24 2.84 0.38
C PHE A 83 6.56 2.84 -0.39
N ILE A 84 7.67 3.08 0.32
CA ILE A 84 9.02 2.97 -0.24
C ILE A 84 9.84 1.99 0.62
N GLN A 85 10.91 1.42 0.04
CA GLN A 85 11.76 0.42 0.74
C GLN A 85 13.03 1.10 1.30
N GLN A 86 13.03 1.35 2.62
CA GLN A 86 14.20 1.86 3.35
C GLN A 86 14.87 0.69 4.08
N GLY A 87 15.62 -0.12 3.31
CA GLY A 87 16.30 -1.31 3.81
C GLY A 87 15.33 -2.37 4.34
N ASN A 88 15.25 -2.47 5.68
CA ASN A 88 14.33 -3.42 6.37
C ASN A 88 12.97 -2.76 6.63
N ILE A 89 12.95 -1.42 6.65
CA ILE A 89 11.76 -0.62 7.01
C ILE A 89 11.00 -0.25 5.74
N SER A 90 9.75 -0.69 5.65
CA SER A 90 8.85 -0.31 4.55
C SER A 90 8.11 0.96 4.97
N LEU A 91 8.57 2.09 4.43
CA LEU A 91 8.15 3.43 4.88
C LEU A 91 6.91 3.90 4.06
N LEU A 92 5.73 3.74 4.67
CA LEU A 92 4.42 4.05 4.09
C LEU A 92 4.25 5.56 3.77
N LYS A 93 3.87 5.84 2.50
CA LYS A 93 3.59 7.20 2.02
C LYS A 93 2.09 7.52 2.17
N SER A 94 1.26 6.70 1.50
CA SER A 94 -0.20 6.92 1.43
C SER A 94 -0.91 5.56 1.52
N ILE A 95 -2.18 5.61 1.99
CA ILE A 95 -3.01 4.42 2.19
C ILE A 95 -4.50 4.82 2.10
N ASN A 96 -5.35 3.88 1.66
CA ASN A 96 -6.80 4.06 1.53
C ASN A 96 -7.47 2.70 1.69
N VAL A 97 -8.70 2.69 2.19
CA VAL A 97 -9.48 1.45 2.39
C VAL A 97 -10.27 1.13 1.11
N THR A 98 -9.91 0.03 0.43
CA THR A 98 -10.54 -0.37 -0.84
C THR A 98 -11.69 -1.37 -0.60
N GLN A 99 -11.79 -1.88 0.64
CA GLN A 99 -12.79 -2.89 1.03
C GLN A 99 -12.91 -2.95 2.56
N SER A 100 -14.13 -2.79 3.08
CA SER A 100 -14.41 -2.80 4.53
C SER A 100 -15.84 -3.36 4.77
N GLY A 1 3.44 -18.55 -6.05
CA GLY A 1 3.03 -17.18 -6.40
C GLY A 1 1.58 -16.90 -6.03
N ALA A 2 0.68 -16.98 -7.02
CA ALA A 2 -0.76 -16.68 -6.84
C ALA A 2 -1.61 -17.47 -7.84
N MET A 3 -2.86 -17.78 -7.44
CA MET A 3 -3.86 -18.39 -8.32
C MET A 3 -4.40 -17.32 -9.31
N GLY A 4 -3.62 -17.06 -10.38
CA GLY A 4 -3.93 -16.02 -11.35
C GLY A 4 -3.35 -14.67 -10.94
N MET A 5 -2.64 -14.00 -11.87
CA MET A 5 -2.03 -12.67 -11.63
C MET A 5 -3.04 -11.57 -12.04
N LEU A 6 -3.34 -10.64 -11.10
CA LEU A 6 -4.27 -9.53 -11.35
C LEU A 6 -3.50 -8.24 -11.69
N LYS A 7 -3.28 -7.99 -12.99
CA LYS A 7 -2.60 -6.78 -13.47
C LYS A 7 -3.62 -5.63 -13.59
N HIS A 8 -3.75 -4.85 -12.49
CA HIS A 8 -4.66 -3.68 -12.44
C HIS A 8 -3.97 -2.47 -13.10
N ILE A 9 -4.18 -2.34 -14.42
CA ILE A 9 -3.57 -1.28 -15.24
C ILE A 9 -4.42 0.02 -15.16
N SER A 10 -3.77 1.10 -14.69
CA SER A 10 -4.43 2.41 -14.48
C SER A 10 -4.70 3.12 -15.82
N HIS A 11 -3.65 3.17 -16.67
CA HIS A 11 -3.68 3.90 -17.94
C HIS A 11 -4.05 2.96 -19.09
N GLY A 12 -5.37 2.80 -19.30
CA GLY A 12 -5.91 2.02 -20.43
C GLY A 12 -6.70 2.91 -21.39
N ASP A 13 -7.75 2.36 -22.03
CA ASP A 13 -8.72 3.14 -22.83
C ASP A 13 -9.48 4.12 -21.91
N MET A 14 -9.69 3.66 -20.67
CA MET A 14 -10.29 4.46 -19.60
C MET A 14 -9.27 4.57 -18.45
N ASN A 15 -9.22 5.74 -17.79
CA ASN A 15 -8.38 5.96 -16.61
C ASN A 15 -9.21 5.61 -15.37
N ALA A 16 -9.18 4.30 -15.01
CA ALA A 16 -9.91 3.77 -13.86
C ALA A 16 -9.29 4.32 -12.56
N ALA A 17 -7.99 4.08 -12.39
CA ALA A 17 -7.19 4.63 -11.29
C ALA A 17 -6.47 5.90 -11.77
N SER A 18 -6.81 7.05 -11.15
CA SER A 18 -6.12 8.32 -11.42
C SER A 18 -4.71 8.27 -10.80
N ASP A 19 -3.68 8.41 -11.65
CA ASP A 19 -2.28 8.36 -11.21
C ASP A 19 -1.82 9.75 -10.75
N ALA A 20 -1.17 9.80 -9.58
CA ALA A 20 -0.74 11.06 -8.94
C ALA A 20 0.39 11.73 -9.74
N SER A 21 1.41 10.94 -10.07
CA SER A 21 2.67 11.40 -10.66
C SER A 21 3.49 10.19 -11.14
N VAL A 22 4.34 10.39 -12.16
CA VAL A 22 5.25 9.34 -12.64
C VAL A 22 6.41 9.14 -11.63
N GLN A 23 6.08 8.37 -10.58
CA GLN A 23 6.98 8.06 -9.46
C GLN A 23 6.66 6.63 -8.97
N GLN A 24 7.71 5.82 -8.75
CA GLN A 24 7.57 4.43 -8.29
C GLN A 24 7.38 4.43 -6.77
N VAL A 25 6.14 4.72 -6.32
CA VAL A 25 5.71 4.49 -4.94
C VAL A 25 5.03 3.13 -4.93
N ILE A 26 5.57 2.20 -4.15
CA ILE A 26 5.27 0.77 -4.25
C ILE A 26 3.83 0.47 -3.77
N LYS A 27 2.96 0.23 -4.75
CA LYS A 27 1.54 -0.09 -4.53
C LYS A 27 1.38 -1.61 -4.28
N GLY A 28 0.63 -1.93 -3.22
CA GLY A 28 0.27 -3.30 -2.88
C GLY A 28 -1.11 -3.37 -2.26
N THR A 29 -1.71 -4.57 -2.25
CA THR A 29 -3.06 -4.79 -1.71
C THR A 29 -3.01 -5.83 -0.58
N GLY A 30 -3.97 -5.77 0.35
CA GLY A 30 -4.03 -6.69 1.48
C GLY A 30 -4.87 -6.17 2.63
N ILE A 31 -5.05 -6.98 3.68
CA ILE A 31 -5.96 -6.67 4.81
C ILE A 31 -5.13 -6.27 6.04
N VAL A 32 -5.51 -5.15 6.70
CA VAL A 32 -4.84 -4.64 7.91
C VAL A 32 -5.03 -5.62 9.08
N LYS A 33 -3.93 -5.95 9.77
CA LYS A 33 -3.87 -6.94 10.85
C LYS A 33 -3.67 -6.27 12.22
N ASP A 34 -3.06 -5.07 12.20
CA ASP A 34 -2.77 -4.28 13.42
C ASP A 34 -2.39 -2.85 13.03
N ILE A 35 -2.76 -1.88 13.88
CA ILE A 35 -2.32 -0.48 13.78
C ILE A 35 -1.68 -0.08 15.12
N ASP A 36 -0.42 0.29 15.06
CA ASP A 36 0.38 0.75 16.20
C ASP A 36 0.89 2.15 15.86
N MET A 37 0.26 3.19 16.39
CA MET A 37 0.67 4.58 16.14
C MET A 37 1.89 4.94 17.02
N ASN A 38 2.06 4.19 18.14
CA ASN A 38 3.12 4.42 19.16
C ASN A 38 4.53 4.43 18.51
N SER A 39 4.85 3.36 17.76
CA SER A 39 6.10 3.25 16.98
C SER A 39 5.82 3.54 15.48
N LYS A 40 4.59 4.01 15.19
CA LYS A 40 4.07 4.26 13.82
C LYS A 40 4.20 3.04 12.88
N LYS A 41 3.88 1.83 13.39
CA LYS A 41 3.90 0.59 12.58
C LYS A 41 2.46 0.15 12.28
N ILE A 42 2.15 -0.14 11.02
CA ILE A 42 0.83 -0.71 10.66
C ILE A 42 1.04 -2.09 10.03
N THR A 43 0.78 -3.13 10.83
CA THR A 43 0.99 -4.52 10.42
C THR A 43 -0.18 -4.97 9.54
N ILE A 44 0.12 -5.31 8.28
CA ILE A 44 -0.88 -5.59 7.23
C ILE A 44 -0.47 -6.91 6.52
N SER A 45 -1.44 -7.83 6.37
CA SER A 45 -1.27 -9.04 5.56
C SER A 45 -1.45 -8.64 4.10
N HIS A 46 -0.34 -8.53 3.37
CA HIS A 46 -0.35 -8.12 1.98
C HIS A 46 -0.15 -9.34 1.08
N GLU A 47 -0.65 -9.21 -0.16
CA GLU A 47 -0.55 -10.25 -1.20
C GLU A 47 0.79 -10.14 -1.95
N ALA A 48 0.91 -10.89 -3.05
CA ALA A 48 2.05 -10.80 -3.97
C ALA A 48 2.14 -9.39 -4.58
N ILE A 49 3.04 -8.55 -4.02
CA ILE A 49 3.32 -7.20 -4.52
C ILE A 49 4.45 -7.29 -5.58
N PRO A 50 4.12 -7.17 -6.92
CA PRO A 50 5.13 -7.20 -8.00
C PRO A 50 5.87 -5.85 -8.17
N ALA A 51 5.38 -4.81 -7.46
CA ALA A 51 5.96 -3.45 -7.48
C ALA A 51 7.26 -3.37 -6.62
N VAL A 52 7.60 -4.48 -5.95
CA VAL A 52 8.85 -4.63 -5.17
C VAL A 52 9.39 -6.07 -5.34
N GLY A 53 8.47 -7.05 -5.45
CA GLY A 53 8.82 -8.46 -5.59
C GLY A 53 8.73 -9.22 -4.28
N TRP A 54 7.64 -8.98 -3.51
CA TRP A 54 7.37 -9.68 -2.23
C TRP A 54 6.09 -10.54 -2.37
N PRO A 55 6.07 -11.79 -1.80
CA PRO A 55 4.86 -12.66 -1.81
C PRO A 55 3.82 -12.23 -0.75
N ALA A 56 2.80 -13.08 -0.58
CA ALA A 56 1.78 -12.91 0.45
C ALA A 56 2.36 -13.18 1.84
N MET A 57 2.55 -12.11 2.62
CA MET A 57 3.09 -12.17 3.99
C MET A 57 2.49 -11.03 4.83
N THR A 58 2.46 -11.21 6.15
CA THR A 58 2.05 -10.18 7.10
C THR A 58 3.30 -9.43 7.58
N MET A 59 3.30 -8.10 7.39
CA MET A 59 4.46 -7.24 7.68
C MET A 59 3.99 -5.84 8.06
N ARG A 60 4.76 -5.13 8.90
CA ARG A 60 4.40 -3.77 9.34
C ARG A 60 5.07 -2.68 8.48
N PHE A 61 4.25 -1.67 8.13
CA PHE A 61 4.63 -0.53 7.30
C PHE A 61 4.68 0.72 8.19
N THR A 62 5.86 1.35 8.27
CA THR A 62 6.10 2.53 9.11
C THR A 62 5.60 3.79 8.39
N PHE A 63 4.68 4.55 9.00
CA PHE A 63 4.07 5.71 8.32
C PHE A 63 4.73 7.02 8.79
N VAL A 64 4.86 7.97 7.84
CA VAL A 64 5.49 9.29 8.08
C VAL A 64 4.66 10.15 9.06
N ASN A 65 3.35 10.23 8.80
CA ASN A 65 2.40 11.05 9.60
C ASN A 65 1.06 10.33 9.67
N ALA A 66 0.40 10.43 10.83
CA ALA A 66 -0.95 9.88 11.04
C ALA A 66 -1.97 10.69 10.23
N ASP A 67 -2.23 10.21 8.99
CA ASP A 67 -3.07 10.88 7.99
C ASP A 67 -4.57 10.59 8.27
N ASP A 68 -5.41 11.24 7.46
CA ASP A 68 -6.89 11.07 7.47
C ASP A 68 -7.28 9.61 7.20
N ALA A 69 -6.49 8.98 6.30
CA ALA A 69 -6.71 7.57 5.90
C ALA A 69 -6.37 6.64 7.07
N ILE A 70 -5.24 6.95 7.75
CA ILE A 70 -4.74 6.18 8.91
C ILE A 70 -5.64 6.39 10.14
N ASN A 71 -6.28 7.57 10.20
CA ASN A 71 -7.27 7.92 11.25
C ASN A 71 -8.55 7.11 11.04
N ALA A 72 -8.96 7.01 9.76
CA ALA A 72 -10.17 6.28 9.33
C ALA A 72 -9.90 4.76 9.19
N LEU A 73 -8.62 4.39 9.12
CA LEU A 73 -8.17 2.99 8.97
C LEU A 73 -8.46 2.17 10.24
N LYS A 74 -8.79 0.89 10.04
CA LYS A 74 -8.97 -0.08 11.12
C LYS A 74 -8.49 -1.46 10.65
N THR A 75 -8.07 -2.30 11.60
CA THR A 75 -7.76 -3.71 11.35
C THR A 75 -9.05 -4.45 10.91
N GLY A 76 -8.91 -5.33 9.91
CA GLY A 76 -10.05 -6.04 9.30
C GLY A 76 -10.40 -5.52 7.91
N ASN A 77 -9.95 -4.29 7.60
CA ASN A 77 -10.25 -3.62 6.32
C ASN A 77 -9.29 -4.08 5.21
N HIS A 78 -9.85 -4.49 4.07
CA HIS A 78 -9.08 -4.78 2.85
C HIS A 78 -8.73 -3.43 2.18
N VAL A 79 -7.43 -3.13 2.13
CA VAL A 79 -6.91 -1.83 1.65
C VAL A 79 -5.91 -2.03 0.52
N ASP A 80 -5.62 -0.93 -0.20
CA ASP A 80 -4.49 -0.82 -1.13
C ASP A 80 -3.65 0.38 -0.68
N PHE A 81 -2.40 0.08 -0.38
CA PHE A 81 -1.45 1.03 0.22
C PHE A 81 -0.29 1.28 -0.75
N SER A 82 0.48 2.33 -0.46
CA SER A 82 1.64 2.74 -1.25
C SER A 82 2.76 3.18 -0.29
N PHE A 83 3.95 2.61 -0.48
CA PHE A 83 5.09 2.81 0.43
C PHE A 83 6.39 2.90 -0.37
N ILE A 84 7.46 3.42 0.25
CA ILE A 84 8.81 3.42 -0.35
C ILE A 84 9.79 2.65 0.53
N GLN A 85 10.93 2.29 -0.05
CA GLN A 85 12.01 1.55 0.63
C GLN A 85 12.91 2.53 1.41
N GLN A 86 13.29 2.12 2.63
CA GLN A 86 14.26 2.83 3.49
C GLN A 86 15.20 1.79 4.11
N GLY A 87 16.16 1.31 3.29
CA GLY A 87 17.01 0.18 3.68
C GLY A 87 16.21 -1.12 3.81
N ASN A 88 15.87 -1.47 5.07
CA ASN A 88 15.04 -2.67 5.40
C ASN A 88 13.68 -2.27 6.01
N ILE A 89 13.38 -0.96 6.01
CA ILE A 89 12.10 -0.41 6.54
C ILE A 89 11.18 -0.02 5.37
N SER A 90 9.94 -0.53 5.39
CA SER A 90 8.90 -0.16 4.43
C SER A 90 8.16 1.08 4.94
N LEU A 91 8.48 2.25 4.37
CA LEU A 91 7.95 3.55 4.80
C LEU A 91 6.64 3.87 4.07
N LEU A 92 5.50 3.60 4.73
CA LEU A 92 4.15 3.89 4.23
C LEU A 92 3.96 5.40 3.98
N LYS A 93 3.71 5.75 2.71
CA LYS A 93 3.50 7.14 2.27
C LYS A 93 2.02 7.50 2.37
N SER A 94 1.20 6.66 1.75
CA SER A 94 -0.24 6.85 1.61
C SER A 94 -0.93 5.48 1.63
N ILE A 95 -2.19 5.46 2.04
CA ILE A 95 -3.01 4.23 2.08
C ILE A 95 -4.48 4.60 1.81
N ASN A 96 -5.21 3.74 1.09
CA ASN A 96 -6.65 3.94 0.82
C ASN A 96 -7.40 2.64 1.12
N VAL A 97 -8.56 2.76 1.77
CA VAL A 97 -9.45 1.64 2.04
C VAL A 97 -10.23 1.34 0.76
N THR A 98 -9.97 0.18 0.15
CA THR A 98 -10.61 -0.22 -1.11
C THR A 98 -11.86 -1.09 -0.83
N GLN A 99 -11.95 -1.63 0.39
CA GLN A 99 -13.05 -2.53 0.80
C GLN A 99 -13.07 -2.65 2.34
N SER A 100 -14.22 -2.31 2.95
CA SER A 100 -14.45 -2.44 4.40
C SER A 100 -15.93 -2.79 4.63
N GLY A 1 -23.05 0.43 -7.80
CA GLY A 1 -23.34 1.46 -6.78
C GLY A 1 -24.05 0.87 -5.56
N ALA A 2 -24.05 1.65 -4.45
CA ALA A 2 -24.71 1.25 -3.19
C ALA A 2 -26.19 1.67 -3.24
N MET A 3 -26.45 2.99 -3.19
CA MET A 3 -27.81 3.55 -3.39
C MET A 3 -28.12 3.61 -4.90
N GLY A 4 -29.40 3.45 -5.25
CA GLY A 4 -29.83 3.36 -6.64
C GLY A 4 -29.61 1.96 -7.19
N MET A 5 -30.70 1.17 -7.30
CA MET A 5 -30.65 -0.22 -7.78
C MET A 5 -30.26 -0.27 -9.26
N LEU A 6 -29.04 -0.78 -9.53
CA LEU A 6 -28.46 -0.93 -10.89
C LEU A 6 -28.37 0.42 -11.62
N LYS A 7 -27.37 1.23 -11.22
CA LYS A 7 -27.07 2.50 -11.87
C LYS A 7 -26.11 2.29 -13.05
N HIS A 8 -26.68 2.04 -14.23
CA HIS A 8 -25.94 2.12 -15.51
C HIS A 8 -25.63 3.60 -15.76
N ILE A 9 -26.66 4.45 -15.58
CA ILE A 9 -26.54 5.91 -15.62
C ILE A 9 -26.11 6.42 -14.22
N SER A 10 -24.89 6.98 -14.14
CA SER A 10 -24.37 7.61 -12.91
C SER A 10 -24.70 9.11 -12.89
N HIS A 11 -25.05 9.67 -14.07
CA HIS A 11 -25.47 11.07 -14.27
C HIS A 11 -24.29 12.08 -14.18
N GLY A 12 -23.10 11.59 -13.77
CA GLY A 12 -21.95 12.45 -13.50
C GLY A 12 -20.72 12.02 -14.29
N ASP A 13 -20.01 12.99 -14.87
CA ASP A 13 -18.75 12.76 -15.60
C ASP A 13 -17.59 12.58 -14.60
N MET A 14 -16.67 11.66 -14.91
CA MET A 14 -15.47 11.40 -14.09
C MET A 14 -14.36 12.41 -14.44
N ASN A 15 -13.37 12.55 -13.54
CA ASN A 15 -12.18 13.38 -13.77
C ASN A 15 -11.17 12.64 -14.67
N ALA A 16 -10.46 13.41 -15.51
CA ALA A 16 -9.39 12.88 -16.39
C ALA A 16 -8.03 12.85 -15.65
N ALA A 17 -8.09 12.69 -14.31
CA ALA A 17 -6.92 12.66 -13.43
C ALA A 17 -7.04 11.46 -12.47
N SER A 18 -5.90 11.07 -11.87
CA SER A 18 -5.82 9.94 -10.94
C SER A 18 -4.54 10.09 -10.09
N ASP A 19 -3.39 9.74 -10.70
CA ASP A 19 -2.04 9.93 -10.12
C ASP A 19 -1.00 9.55 -11.18
N ALA A 20 0.22 10.07 -11.03
CA ALA A 20 1.36 9.74 -11.91
C ALA A 20 1.85 8.33 -11.61
N SER A 21 1.75 7.43 -12.61
CA SER A 21 2.16 6.02 -12.46
C SER A 21 3.69 5.90 -12.32
N VAL A 22 4.16 5.98 -11.06
CA VAL A 22 5.59 5.94 -10.72
C VAL A 22 6.03 4.52 -10.34
N GLN A 23 7.30 4.23 -10.58
CA GLN A 23 7.97 3.00 -10.09
C GLN A 23 8.63 3.28 -8.72
N GLN A 24 8.83 4.58 -8.40
CA GLN A 24 9.48 5.03 -7.15
C GLN A 24 8.67 4.62 -5.91
N VAL A 25 7.41 5.10 -5.84
CA VAL A 25 6.50 4.76 -4.75
C VAL A 25 5.80 3.42 -5.10
N ILE A 26 6.23 2.37 -4.37
CA ILE A 26 5.80 0.99 -4.56
C ILE A 26 4.38 0.78 -4.01
N LYS A 27 3.44 0.44 -4.89
CA LYS A 27 2.03 0.21 -4.50
C LYS A 27 1.78 -1.27 -4.18
N GLY A 28 0.82 -1.51 -3.27
CA GLY A 28 0.40 -2.87 -2.89
C GLY A 28 -0.94 -2.86 -2.18
N THR A 29 -1.55 -4.05 -2.03
CA THR A 29 -2.87 -4.22 -1.39
C THR A 29 -2.81 -5.35 -0.36
N GLY A 30 -3.85 -5.46 0.49
CA GLY A 30 -3.93 -6.49 1.51
C GLY A 30 -4.96 -6.18 2.58
N ILE A 31 -4.88 -6.88 3.73
CA ILE A 31 -5.79 -6.67 4.88
C ILE A 31 -4.97 -6.26 6.11
N VAL A 32 -5.43 -5.22 6.83
CA VAL A 32 -4.75 -4.72 8.06
C VAL A 32 -4.89 -5.76 9.20
N LYS A 33 -3.79 -5.97 9.93
CA LYS A 33 -3.70 -6.91 11.05
C LYS A 33 -3.54 -6.15 12.38
N ASP A 34 -2.94 -4.94 12.34
CA ASP A 34 -2.66 -4.13 13.53
C ASP A 34 -2.29 -2.70 13.14
N ILE A 35 -2.63 -1.74 14.01
CA ILE A 35 -2.25 -0.31 13.88
C ILE A 35 -1.61 0.13 15.19
N ASP A 36 -0.41 0.70 15.11
CA ASP A 36 0.36 1.17 16.27
C ASP A 36 0.92 2.57 15.97
N MET A 37 0.09 3.60 16.18
CA MET A 37 0.48 4.99 15.90
C MET A 37 1.62 5.45 16.83
N ASN A 38 1.65 4.86 18.05
CA ASN A 38 2.69 5.12 19.08
C ASN A 38 4.13 5.00 18.53
N SER A 39 4.35 3.95 17.72
CA SER A 39 5.67 3.68 17.09
C SER A 39 5.60 3.92 15.57
N LYS A 40 4.45 4.44 15.10
CA LYS A 40 4.14 4.66 13.68
C LYS A 40 4.26 3.37 12.82
N LYS A 41 3.86 2.22 13.38
CA LYS A 41 3.83 0.94 12.65
C LYS A 41 2.38 0.58 12.33
N ILE A 42 2.13 -0.06 11.18
CA ILE A 42 0.83 -0.66 10.85
C ILE A 42 1.08 -2.04 10.25
N THR A 43 0.83 -3.09 11.03
CA THR A 43 1.04 -4.48 10.60
C THR A 43 -0.11 -4.88 9.66
N ILE A 44 0.22 -5.21 8.41
CA ILE A 44 -0.74 -5.51 7.34
C ILE A 44 -0.29 -6.78 6.61
N SER A 45 -1.21 -7.73 6.43
CA SER A 45 -1.01 -8.86 5.53
C SER A 45 -1.17 -8.37 4.10
N HIS A 46 -0.05 -8.19 3.39
CA HIS A 46 -0.07 -7.68 2.01
C HIS A 46 0.12 -8.85 1.04
N GLU A 47 -0.49 -8.72 -0.14
CA GLU A 47 -0.47 -9.75 -1.19
C GLU A 47 0.83 -9.67 -2.03
N ALA A 48 0.89 -10.43 -3.13
CA ALA A 48 2.03 -10.42 -4.05
C ALA A 48 2.22 -9.04 -4.71
N ILE A 49 3.16 -8.25 -4.14
CA ILE A 49 3.57 -6.95 -4.68
C ILE A 49 4.79 -7.16 -5.64
N PRO A 50 4.57 -7.13 -7.00
CA PRO A 50 5.67 -7.30 -7.99
C PRO A 50 6.50 -6.01 -8.19
N ALA A 51 6.03 -4.87 -7.63
CA ALA A 51 6.76 -3.59 -7.69
C ALA A 51 7.92 -3.53 -6.68
N VAL A 52 8.08 -4.59 -5.87
CA VAL A 52 9.21 -4.75 -4.92
C VAL A 52 9.67 -6.21 -4.89
N GLY A 53 8.76 -7.13 -5.27
CA GLY A 53 9.04 -8.56 -5.30
C GLY A 53 8.83 -9.23 -3.95
N TRP A 54 7.76 -8.81 -3.24
CA TRP A 54 7.39 -9.39 -1.93
C TRP A 54 6.02 -10.07 -2.04
N PRO A 55 5.91 -11.42 -1.79
CA PRO A 55 4.64 -12.19 -1.96
C PRO A 55 3.62 -11.92 -0.83
N ALA A 56 2.59 -12.80 -0.72
CA ALA A 56 1.59 -12.75 0.34
C ALA A 56 2.22 -13.05 1.71
N MET A 57 2.59 -11.99 2.44
CA MET A 57 3.21 -12.07 3.78
C MET A 57 2.64 -10.96 4.69
N THR A 58 2.65 -11.22 6.00
CA THR A 58 2.30 -10.21 7.02
C THR A 58 3.56 -9.40 7.38
N MET A 59 3.48 -8.07 7.27
CA MET A 59 4.62 -7.17 7.53
C MET A 59 4.12 -5.82 8.02
N ARG A 60 4.90 -5.15 8.89
CA ARG A 60 4.52 -3.85 9.45
C ARG A 60 5.16 -2.69 8.65
N PHE A 61 4.30 -1.73 8.26
CA PHE A 61 4.65 -0.55 7.47
C PHE A 61 4.76 0.67 8.39
N THR A 62 5.93 1.33 8.38
CA THR A 62 6.19 2.54 9.14
C THR A 62 5.68 3.77 8.37
N PHE A 63 4.75 4.56 8.93
CA PHE A 63 4.16 5.73 8.23
C PHE A 63 4.78 7.04 8.76
N VAL A 64 4.73 8.10 7.93
CA VAL A 64 5.33 9.41 8.27
C VAL A 64 4.39 10.25 9.18
N ASN A 65 3.07 10.24 8.88
CA ASN A 65 2.05 10.95 9.68
C ASN A 65 0.75 10.15 9.63
N ALA A 66 -0.04 10.21 10.73
CA ALA A 66 -1.34 9.55 10.82
C ALA A 66 -2.39 10.38 10.07
N ASP A 67 -2.54 10.09 8.77
CA ASP A 67 -3.46 10.82 7.87
C ASP A 67 -4.92 10.50 8.20
N ASP A 68 -5.85 11.19 7.53
CA ASP A 68 -7.31 10.98 7.67
C ASP A 68 -7.68 9.50 7.40
N ALA A 69 -6.96 8.90 6.44
CA ALA A 69 -7.16 7.49 6.06
C ALA A 69 -6.65 6.55 7.16
N ILE A 70 -5.50 6.88 7.76
CA ILE A 70 -4.89 6.12 8.87
C ILE A 70 -5.74 6.27 10.17
N ASN A 71 -6.38 7.43 10.30
CA ASN A 71 -7.28 7.75 11.42
C ASN A 71 -8.58 6.95 11.30
N ALA A 72 -9.08 6.83 10.06
CA ALA A 72 -10.29 6.03 9.74
C ALA A 72 -9.98 4.53 9.68
N LEU A 73 -8.70 4.21 9.39
CA LEU A 73 -8.21 2.83 9.17
C LEU A 73 -8.52 1.93 10.38
N LYS A 74 -8.83 0.67 10.10
CA LYS A 74 -9.16 -0.34 11.12
C LYS A 74 -8.61 -1.71 10.67
N THR A 75 -8.20 -2.53 11.65
CA THR A 75 -7.78 -3.92 11.40
C THR A 75 -8.99 -4.77 10.97
N GLY A 76 -8.75 -5.69 10.02
CA GLY A 76 -9.80 -6.55 9.47
C GLY A 76 -10.31 -6.08 8.10
N ASN A 77 -10.01 -4.81 7.76
CA ASN A 77 -10.46 -4.17 6.51
C ASN A 77 -9.43 -4.41 5.38
N HIS A 78 -9.93 -4.81 4.19
CA HIS A 78 -9.10 -5.00 3.00
C HIS A 78 -8.80 -3.62 2.36
N VAL A 79 -7.55 -3.18 2.48
CA VAL A 79 -7.10 -1.85 2.05
C VAL A 79 -6.02 -1.95 0.95
N ASP A 80 -5.82 -0.83 0.25
CA ASP A 80 -4.73 -0.66 -0.72
C ASP A 80 -3.82 0.48 -0.22
N PHE A 81 -2.57 0.54 -0.69
CA PHE A 81 -1.57 1.47 -0.16
C PHE A 81 -0.41 1.68 -1.15
N SER A 82 0.50 2.55 -0.72
CA SER A 82 1.68 2.95 -1.48
C SER A 82 2.78 3.36 -0.47
N PHE A 83 3.97 2.82 -0.65
CA PHE A 83 5.12 2.98 0.26
C PHE A 83 6.41 3.03 -0.53
N ILE A 84 7.51 3.45 0.09
CA ILE A 84 8.86 3.37 -0.52
C ILE A 84 9.72 2.38 0.27
N GLN A 85 10.65 1.71 -0.42
CA GLN A 85 11.57 0.74 0.20
C GLN A 85 12.69 1.48 0.97
N GLN A 86 12.78 1.21 2.27
CA GLN A 86 13.85 1.74 3.14
C GLN A 86 14.67 0.55 3.65
N GLY A 87 15.57 0.07 2.78
CA GLY A 87 16.34 -1.15 3.02
C GLY A 87 15.43 -2.37 3.08
N ASN A 88 15.21 -2.90 4.30
CA ASN A 88 14.27 -4.03 4.52
C ASN A 88 12.93 -3.49 5.08
N ILE A 89 12.96 -2.26 5.64
CA ILE A 89 11.78 -1.64 6.27
C ILE A 89 10.98 -0.88 5.20
N SER A 90 9.66 -0.80 5.37
CA SER A 90 8.76 -0.14 4.39
C SER A 90 8.22 1.17 4.98
N LEU A 91 8.47 2.31 4.30
CA LEU A 91 7.95 3.62 4.72
C LEU A 91 6.65 3.94 3.96
N LEU A 92 5.51 3.70 4.63
CA LEU A 92 4.16 3.98 4.13
C LEU A 92 3.99 5.48 3.80
N LYS A 93 3.79 5.77 2.50
CA LYS A 93 3.66 7.13 1.97
C LYS A 93 2.18 7.57 1.93
N SER A 94 1.29 6.59 1.68
CA SER A 94 -0.16 6.82 1.60
C SER A 94 -0.89 5.46 1.67
N ILE A 95 -2.12 5.48 2.20
CA ILE A 95 -2.98 4.29 2.31
C ILE A 95 -4.45 4.74 2.17
N ASN A 96 -5.29 3.90 1.53
CA ASN A 96 -6.73 4.14 1.32
C ASN A 96 -7.49 2.81 1.40
N VAL A 97 -8.68 2.80 2.03
CA VAL A 97 -9.53 1.60 2.10
C VAL A 97 -10.09 1.27 0.69
N THR A 98 -9.88 0.02 0.22
CA THR A 98 -10.25 -0.39 -1.16
C THR A 98 -11.43 -1.37 -1.19
N GLN A 99 -11.72 -2.03 -0.04
CA GLN A 99 -12.80 -3.03 0.06
C GLN A 99 -13.23 -3.23 1.54
N SER A 100 -14.46 -2.78 1.86
CA SER A 100 -15.09 -2.98 3.19
C SER A 100 -16.63 -3.07 2.98
N GLY A 1 9.46 14.62 -43.83
CA GLY A 1 9.00 16.01 -43.90
C GLY A 1 9.39 16.80 -42.66
N ALA A 2 10.63 17.33 -42.67
CA ALA A 2 11.18 18.14 -41.57
C ALA A 2 10.69 19.61 -41.70
N MET A 3 9.95 20.08 -40.68
CA MET A 3 9.32 21.42 -40.68
C MET A 3 10.37 22.54 -40.56
N GLY A 4 11.22 22.45 -39.52
CA GLY A 4 12.21 23.46 -39.21
C GLY A 4 13.03 23.07 -38.00
N MET A 5 14.03 22.21 -38.22
CA MET A 5 14.91 21.67 -37.16
C MET A 5 15.93 22.74 -36.71
N LEU A 6 15.44 23.74 -35.99
CA LEU A 6 16.25 24.87 -35.51
C LEU A 6 16.47 24.74 -34.00
N LYS A 7 17.62 25.24 -33.54
CA LYS A 7 17.98 25.25 -32.11
C LYS A 7 17.32 26.46 -31.43
N HIS A 8 15.98 26.39 -31.31
CA HIS A 8 15.17 27.40 -30.64
C HIS A 8 15.16 27.10 -29.13
N ILE A 9 15.52 28.11 -28.32
CA ILE A 9 15.56 27.98 -26.86
C ILE A 9 14.11 28.04 -26.29
N SER A 10 13.44 26.88 -26.32
CA SER A 10 12.05 26.72 -25.88
C SER A 10 11.97 26.64 -24.34
N HIS A 11 11.72 27.80 -23.71
CA HIS A 11 11.63 27.93 -22.24
C HIS A 11 10.64 29.05 -21.87
N GLY A 12 9.89 28.83 -20.79
CA GLY A 12 8.92 29.82 -20.29
C GLY A 12 8.48 29.49 -18.87
N ASP A 13 7.18 29.71 -18.57
CA ASP A 13 6.59 29.40 -17.25
C ASP A 13 6.21 27.91 -17.18
N MET A 14 6.37 27.32 -15.99
CA MET A 14 5.96 25.92 -15.69
C MET A 14 5.94 25.72 -14.16
N ASN A 15 4.72 25.56 -13.60
CA ASN A 15 4.49 25.38 -12.16
C ASN A 15 4.75 23.90 -11.79
N ALA A 16 3.86 23.02 -12.25
CA ALA A 16 3.92 21.57 -11.98
C ALA A 16 3.52 20.80 -13.24
N ALA A 17 4.48 20.04 -13.81
CA ALA A 17 4.26 19.27 -15.04
C ALA A 17 4.92 17.89 -14.94
N SER A 18 4.12 16.88 -14.60
CA SER A 18 4.57 15.49 -14.45
C SER A 18 4.55 14.77 -15.82
N ASP A 19 5.71 14.72 -16.49
CA ASP A 19 5.90 13.99 -17.77
C ASP A 19 5.65 12.49 -17.55
N ALA A 20 6.32 11.96 -16.51
CA ALA A 20 6.16 10.57 -16.05
C ALA A 20 6.50 10.53 -14.55
N SER A 21 5.90 9.57 -13.83
CA SER A 21 6.17 9.37 -12.39
C SER A 21 7.60 8.84 -12.18
N VAL A 22 8.54 9.78 -11.98
CA VAL A 22 9.96 9.47 -11.72
C VAL A 22 10.16 8.94 -10.28
N GLN A 23 9.14 9.14 -9.43
CA GLN A 23 9.06 8.51 -8.10
C GLN A 23 8.64 7.03 -8.24
N GLN A 24 9.42 6.13 -7.62
CA GLN A 24 9.12 4.69 -7.59
C GLN A 24 8.43 4.34 -6.27
N VAL A 25 7.19 4.84 -6.11
CA VAL A 25 6.36 4.53 -4.93
C VAL A 25 5.65 3.18 -5.18
N ILE A 26 6.07 2.17 -4.43
CA ILE A 26 5.66 0.78 -4.60
C ILE A 26 4.20 0.58 -4.15
N LYS A 27 3.31 0.35 -5.13
CA LYS A 27 1.88 0.14 -4.89
C LYS A 27 1.59 -1.34 -4.59
N GLY A 28 0.93 -1.57 -3.44
CA GLY A 28 0.48 -2.91 -3.04
C GLY A 28 -0.92 -2.90 -2.46
N THR A 29 -1.36 -4.08 -1.97
CA THR A 29 -2.68 -4.23 -1.33
C THR A 29 -2.63 -5.41 -0.33
N GLY A 30 -3.58 -5.43 0.62
CA GLY A 30 -3.66 -6.49 1.62
C GLY A 30 -4.51 -6.08 2.82
N ILE A 31 -4.68 -6.99 3.78
CA ILE A 31 -5.58 -6.80 4.93
C ILE A 31 -4.77 -6.29 6.15
N VAL A 32 -5.24 -5.18 6.75
CA VAL A 32 -4.65 -4.63 7.99
C VAL A 32 -4.86 -5.62 9.14
N LYS A 33 -3.82 -5.79 9.95
CA LYS A 33 -3.77 -6.74 11.08
C LYS A 33 -3.60 -6.00 12.41
N ASP A 34 -3.03 -4.79 12.36
CA ASP A 34 -2.90 -3.91 13.53
C ASP A 34 -2.43 -2.52 13.05
N ILE A 35 -2.80 -1.48 13.81
CA ILE A 35 -2.28 -0.12 13.60
C ILE A 35 -1.56 0.30 14.89
N ASP A 36 -0.24 0.25 14.85
CA ASP A 36 0.61 0.49 16.03
C ASP A 36 1.07 1.94 16.05
N MET A 37 0.13 2.87 16.36
CA MET A 37 0.44 4.32 16.42
C MET A 37 1.47 4.60 17.55
N ASN A 38 1.47 3.72 18.56
CA ASN A 38 2.47 3.67 19.67
C ASN A 38 3.92 3.73 19.12
N SER A 39 4.16 2.97 18.05
CA SER A 39 5.48 2.90 17.38
C SER A 39 5.43 3.54 15.96
N LYS A 40 4.26 4.14 15.62
CA LYS A 40 3.94 4.65 14.26
C LYS A 40 4.22 3.62 13.14
N LYS A 41 3.73 2.39 13.38
CA LYS A 41 3.74 1.27 12.42
C LYS A 41 2.29 0.91 12.11
N ILE A 42 2.06 0.20 11.00
CA ILE A 42 0.75 -0.44 10.70
C ILE A 42 1.03 -1.85 10.19
N THR A 43 0.76 -2.87 11.02
CA THR A 43 1.00 -4.27 10.67
C THR A 43 -0.11 -4.73 9.71
N ILE A 44 0.27 -5.14 8.50
CA ILE A 44 -0.65 -5.48 7.40
C ILE A 44 -0.20 -6.77 6.72
N SER A 45 -1.10 -7.76 6.60
CA SER A 45 -0.89 -8.92 5.74
C SER A 45 -1.08 -8.47 4.30
N HIS A 46 0.03 -8.27 3.59
CA HIS A 46 0.00 -7.76 2.22
C HIS A 46 0.19 -8.93 1.26
N GLU A 47 -0.51 -8.85 0.12
CA GLU A 47 -0.54 -9.91 -0.90
C GLU A 47 0.75 -9.91 -1.76
N ALA A 48 0.75 -10.71 -2.83
CA ALA A 48 1.82 -10.70 -3.82
C ALA A 48 1.89 -9.33 -4.53
N ILE A 49 2.79 -8.46 -4.02
CA ILE A 49 3.04 -7.13 -4.58
C ILE A 49 4.12 -7.27 -5.68
N PRO A 50 3.74 -7.22 -7.00
CA PRO A 50 4.70 -7.40 -8.13
C PRO A 50 5.66 -6.20 -8.31
N ALA A 51 5.24 -5.02 -7.79
CA ALA A 51 6.00 -3.76 -7.90
C ALA A 51 7.37 -3.87 -7.20
N VAL A 52 7.40 -4.54 -6.04
CA VAL A 52 8.65 -4.85 -5.30
C VAL A 52 9.04 -6.33 -5.49
N GLY A 53 8.04 -7.16 -5.82
CA GLY A 53 8.22 -8.60 -6.00
C GLY A 53 8.23 -9.35 -4.66
N TRP A 54 7.28 -9.02 -3.77
CA TRP A 54 7.11 -9.70 -2.46
C TRP A 54 5.84 -10.56 -2.48
N PRO A 55 5.88 -11.79 -1.85
CA PRO A 55 4.69 -12.67 -1.73
C PRO A 55 3.71 -12.23 -0.62
N ALA A 56 2.66 -13.05 -0.39
CA ALA A 56 1.68 -12.82 0.67
C ALA A 56 2.31 -13.10 2.06
N MET A 57 2.54 -12.01 2.81
CA MET A 57 3.16 -12.06 4.16
C MET A 57 2.64 -10.92 5.04
N THR A 58 2.64 -11.13 6.36
CA THR A 58 2.34 -10.08 7.35
C THR A 58 3.61 -9.27 7.62
N MET A 59 3.52 -7.93 7.52
CA MET A 59 4.67 -7.03 7.72
C MET A 59 4.18 -5.65 8.15
N ARG A 60 4.96 -4.96 8.98
CA ARG A 60 4.60 -3.63 9.48
C ARG A 60 5.12 -2.56 8.52
N PHE A 61 4.23 -1.63 8.15
CA PHE A 61 4.54 -0.47 7.30
C PHE A 61 4.66 0.77 8.21
N THR A 62 5.88 1.31 8.28
CA THR A 62 6.22 2.48 9.10
C THR A 62 5.69 3.76 8.43
N PHE A 63 4.80 4.49 9.11
CA PHE A 63 4.26 5.78 8.59
C PHE A 63 4.93 6.95 9.33
N VAL A 64 5.07 8.09 8.64
CA VAL A 64 5.72 9.28 9.21
C VAL A 64 4.76 10.04 10.17
N ASN A 65 3.49 10.20 9.74
CA ASN A 65 2.46 10.85 10.56
C ASN A 65 1.09 10.28 10.21
N ALA A 66 0.20 10.29 11.22
CA ALA A 66 -1.16 9.79 11.06
C ALA A 66 -1.98 10.75 10.16
N ASP A 67 -2.30 10.27 8.95
CA ASP A 67 -3.16 10.99 8.00
C ASP A 67 -4.64 10.67 8.29
N ASP A 68 -5.52 11.35 7.58
CA ASP A 68 -6.98 11.16 7.68
C ASP A 68 -7.38 9.75 7.19
N ALA A 69 -6.55 9.19 6.28
CA ALA A 69 -6.66 7.80 5.81
C ALA A 69 -6.41 6.82 6.98
N ILE A 70 -5.33 7.07 7.72
CA ILE A 70 -4.90 6.26 8.88
C ILE A 70 -5.91 6.43 10.06
N ASN A 71 -6.56 7.61 10.10
CA ASN A 71 -7.64 7.92 11.05
C ASN A 71 -8.91 7.10 10.71
N ALA A 72 -9.22 7.03 9.41
CA ALA A 72 -10.39 6.28 8.89
C ALA A 72 -10.07 4.78 8.70
N LEU A 73 -8.77 4.43 8.80
CA LEU A 73 -8.29 3.04 8.70
C LEU A 73 -8.65 2.24 9.97
N LYS A 74 -8.95 0.94 9.78
CA LYS A 74 -9.10 -0.03 10.88
C LYS A 74 -8.58 -1.40 10.43
N THR A 75 -8.10 -2.19 11.40
CA THR A 75 -7.72 -3.60 11.20
C THR A 75 -8.94 -4.44 10.74
N GLY A 76 -8.64 -5.54 10.02
CA GLY A 76 -9.67 -6.43 9.46
C GLY A 76 -10.03 -6.11 8.01
N ASN A 77 -9.84 -4.85 7.63
CA ASN A 77 -10.25 -4.33 6.30
C ASN A 77 -9.13 -4.56 5.26
N HIS A 78 -9.52 -5.09 4.09
CA HIS A 78 -8.62 -5.22 2.93
C HIS A 78 -8.45 -3.84 2.27
N VAL A 79 -7.26 -3.26 2.42
CA VAL A 79 -6.95 -1.90 1.93
C VAL A 79 -5.79 -1.94 0.91
N ASP A 80 -5.77 -0.94 0.01
CA ASP A 80 -4.66 -0.73 -0.93
C ASP A 80 -3.77 0.38 -0.37
N PHE A 81 -2.50 0.38 -0.75
CA PHE A 81 -1.52 1.33 -0.19
C PHE A 81 -0.36 1.51 -1.15
N SER A 82 0.50 2.48 -0.82
CA SER A 82 1.72 2.77 -1.56
C SER A 82 2.81 3.18 -0.55
N PHE A 83 4.00 2.61 -0.72
CA PHE A 83 5.14 2.78 0.20
C PHE A 83 6.45 2.80 -0.58
N ILE A 84 7.51 3.32 0.04
CA ILE A 84 8.89 3.22 -0.50
C ILE A 84 9.74 2.40 0.47
N GLN A 85 10.87 1.89 -0.02
CA GLN A 85 11.79 1.03 0.76
C GLN A 85 13.00 1.85 1.25
N GLN A 86 13.10 1.98 2.58
CA GLN A 86 14.23 2.61 3.26
C GLN A 86 15.14 1.49 3.76
N GLY A 87 15.96 0.96 2.83
CA GLY A 87 16.70 -0.27 3.05
C GLY A 87 15.75 -1.46 3.09
N ASN A 88 15.41 -1.90 4.32
CA ASN A 88 14.44 -2.98 4.58
C ASN A 88 13.15 -2.43 5.23
N ILE A 89 13.19 -1.16 5.71
CA ILE A 89 12.05 -0.54 6.40
C ILE A 89 11.08 0.01 5.37
N SER A 90 9.87 -0.58 5.32
CA SER A 90 8.83 -0.18 4.38
C SER A 90 8.13 1.08 4.91
N LEU A 91 8.51 2.24 4.34
CA LEU A 91 7.97 3.54 4.73
C LEU A 91 6.66 3.81 3.97
N LEU A 92 5.53 3.58 4.66
CA LEU A 92 4.19 3.82 4.14
C LEU A 92 4.01 5.31 3.81
N LYS A 93 3.75 5.60 2.52
CA LYS A 93 3.55 6.97 2.03
C LYS A 93 2.07 7.35 2.11
N SER A 94 1.25 6.55 1.45
CA SER A 94 -0.20 6.78 1.31
C SER A 94 -0.94 5.44 1.47
N ILE A 95 -2.22 5.52 1.86
CA ILE A 95 -3.06 4.32 2.09
C ILE A 95 -4.55 4.67 1.87
N ASN A 96 -5.32 3.69 1.39
CA ASN A 96 -6.74 3.86 1.00
C ASN A 96 -7.49 2.54 1.23
N VAL A 97 -8.75 2.65 1.63
CA VAL A 97 -9.62 1.47 1.85
C VAL A 97 -10.20 1.01 0.50
N THR A 98 -9.80 -0.19 0.05
CA THR A 98 -10.26 -0.73 -1.24
C THR A 98 -11.42 -1.73 -1.03
N GLN A 99 -11.61 -2.16 0.24
CA GLN A 99 -12.63 -3.15 0.62
C GLN A 99 -12.83 -3.14 2.16
N SER A 100 -14.08 -2.94 2.61
CA SER A 100 -14.45 -3.00 4.03
C SER A 100 -15.19 -4.35 4.29
N GLY A 1 -35.04 31.30 -7.34
CA GLY A 1 -33.97 32.15 -7.92
C GLY A 1 -32.57 31.61 -7.65
N ALA A 2 -32.28 31.34 -6.35
CA ALA A 2 -31.02 30.73 -5.91
C ALA A 2 -30.97 29.26 -6.36
N MET A 3 -30.38 29.03 -7.54
CA MET A 3 -30.40 27.73 -8.23
C MET A 3 -29.49 26.69 -7.55
N GLY A 4 -30.03 25.47 -7.37
CA GLY A 4 -29.28 24.34 -6.81
C GLY A 4 -28.78 23.40 -7.92
N MET A 5 -28.36 22.18 -7.52
CA MET A 5 -27.84 21.12 -8.44
C MET A 5 -26.52 21.56 -9.12
N LEU A 6 -25.76 22.43 -8.43
CA LEU A 6 -24.48 22.97 -8.92
C LEU A 6 -23.46 21.84 -9.08
N LYS A 7 -23.49 20.88 -8.13
CA LYS A 7 -22.56 19.75 -8.08
C LYS A 7 -23.15 18.62 -7.22
N HIS A 8 -22.58 17.41 -7.38
CA HIS A 8 -22.84 16.26 -6.49
C HIS A 8 -21.75 16.19 -5.40
N ILE A 9 -22.06 15.54 -4.27
CA ILE A 9 -21.09 15.35 -3.17
C ILE A 9 -20.22 14.11 -3.40
N SER A 10 -18.90 14.25 -3.20
CA SER A 10 -17.96 13.13 -3.22
C SER A 10 -18.05 12.36 -1.88
N HIS A 11 -18.90 11.32 -1.85
CA HIS A 11 -19.27 10.60 -0.61
C HIS A 11 -18.41 9.33 -0.39
N GLY A 12 -18.22 8.57 -1.47
CA GLY A 12 -17.43 7.33 -1.44
C GLY A 12 -17.10 6.85 -2.85
N ASP A 13 -17.08 7.81 -3.77
CA ASP A 13 -16.93 7.59 -5.21
C ASP A 13 -15.64 8.24 -5.72
N MET A 14 -15.13 7.77 -6.87
CA MET A 14 -13.92 8.34 -7.51
C MET A 14 -14.31 9.06 -8.81
N ASN A 15 -14.92 10.23 -8.63
CA ASN A 15 -15.30 11.15 -9.73
C ASN A 15 -14.03 11.91 -10.22
N ALA A 16 -13.98 12.22 -11.53
CA ALA A 16 -12.85 12.93 -12.18
C ALA A 16 -11.51 12.18 -12.00
N ALA A 17 -11.61 10.85 -11.83
CA ALA A 17 -10.46 9.98 -11.50
C ALA A 17 -9.36 10.02 -12.58
N SER A 18 -8.22 10.64 -12.23
CA SER A 18 -7.06 10.79 -13.14
C SER A 18 -6.12 9.57 -13.04
N ASP A 19 -5.14 9.52 -13.95
CA ASP A 19 -4.09 8.48 -13.98
C ASP A 19 -3.16 8.64 -12.77
N ALA A 20 -2.67 7.51 -12.22
CA ALA A 20 -1.82 7.50 -11.01
C ALA A 20 -0.47 8.19 -11.26
N SER A 21 0.21 7.79 -12.37
CA SER A 21 1.53 8.30 -12.82
C SER A 21 2.63 8.27 -11.72
N VAL A 22 2.46 7.35 -10.75
CA VAL A 22 3.36 7.20 -9.60
C VAL A 22 3.85 5.74 -9.50
N GLN A 23 4.98 5.48 -10.19
CA GLN A 23 5.61 4.14 -10.28
C GLN A 23 6.90 4.07 -9.44
N GLN A 24 7.41 5.24 -9.02
CA GLN A 24 8.56 5.32 -8.10
C GLN A 24 8.17 4.78 -6.71
N VAL A 25 6.93 5.10 -6.29
CA VAL A 25 6.34 4.58 -5.05
C VAL A 25 5.69 3.21 -5.35
N ILE A 26 6.09 2.20 -4.58
CA ILE A 26 5.70 0.80 -4.77
C ILE A 26 4.24 0.61 -4.31
N LYS A 27 3.36 0.24 -5.24
CA LYS A 27 1.94 0.05 -4.95
C LYS A 27 1.64 -1.38 -4.48
N GLY A 28 0.82 -1.47 -3.42
CA GLY A 28 0.40 -2.75 -2.84
C GLY A 28 -1.02 -2.71 -2.31
N THR A 29 -1.54 -3.89 -1.93
CA THR A 29 -2.89 -4.04 -1.38
C THR A 29 -2.91 -5.25 -0.42
N GLY A 30 -3.87 -5.27 0.53
CA GLY A 30 -3.94 -6.34 1.52
C GLY A 30 -4.79 -5.95 2.74
N ILE A 31 -4.90 -6.86 3.72
CA ILE A 31 -5.79 -6.67 4.90
C ILE A 31 -4.96 -6.18 6.10
N VAL A 32 -5.42 -5.10 6.77
CA VAL A 32 -4.74 -4.56 7.96
C VAL A 32 -4.84 -5.58 9.13
N LYS A 33 -3.74 -5.72 9.86
CA LYS A 33 -3.58 -6.68 10.95
C LYS A 33 -3.33 -5.96 12.29
N ASP A 34 -2.74 -4.76 12.25
CA ASP A 34 -2.46 -3.95 13.47
C ASP A 34 -2.13 -2.50 13.07
N ILE A 35 -2.53 -1.54 13.93
CA ILE A 35 -2.18 -0.11 13.77
C ILE A 35 -1.59 0.37 15.12
N ASP A 36 -0.27 0.55 15.12
CA ASP A 36 0.51 0.99 16.27
C ASP A 36 1.09 2.37 15.96
N MET A 37 0.30 3.42 16.21
CA MET A 37 0.75 4.81 15.98
C MET A 37 1.90 5.20 16.94
N ASN A 38 1.98 4.50 18.09
CA ASN A 38 3.03 4.66 19.13
C ASN A 38 4.45 4.61 18.54
N SER A 39 4.72 3.61 17.68
CA SER A 39 6.00 3.46 16.96
C SER A 39 5.81 3.76 15.46
N LYS A 40 4.62 4.26 15.08
CA LYS A 40 4.23 4.57 13.68
C LYS A 40 4.25 3.32 12.77
N LYS A 41 3.97 2.13 13.33
CA LYS A 41 4.00 0.86 12.59
C LYS A 41 2.58 0.38 12.35
N ILE A 42 2.26 -0.02 11.12
CA ILE A 42 0.95 -0.59 10.76
C ILE A 42 1.20 -1.95 10.09
N THR A 43 0.93 -3.05 10.83
CA THR A 43 1.12 -4.40 10.30
C THR A 43 -0.06 -4.73 9.39
N ILE A 44 0.23 -5.07 8.13
CA ILE A 44 -0.78 -5.39 7.11
C ILE A 44 -0.34 -6.67 6.38
N SER A 45 -1.27 -7.63 6.26
CA SER A 45 -1.06 -8.82 5.42
C SER A 45 -1.25 -8.38 3.96
N HIS A 46 -0.13 -8.20 3.25
CA HIS A 46 -0.13 -7.66 1.87
C HIS A 46 0.07 -8.80 0.86
N GLU A 47 -0.38 -8.57 -0.37
CA GLU A 47 -0.38 -9.55 -1.47
C GLU A 47 1.03 -9.71 -2.09
N ALA A 48 1.14 -10.58 -3.11
CA ALA A 48 2.36 -10.72 -3.92
C ALA A 48 2.60 -9.44 -4.73
N ILE A 49 3.49 -8.57 -4.20
CA ILE A 49 3.85 -7.28 -4.82
C ILE A 49 5.15 -7.44 -5.65
N PRO A 50 5.05 -7.57 -7.02
CA PRO A 50 6.22 -7.68 -7.91
C PRO A 50 6.98 -6.34 -8.09
N ALA A 51 6.31 -5.22 -7.78
CA ALA A 51 6.91 -3.87 -7.88
C ALA A 51 8.11 -3.69 -6.93
N VAL A 52 8.14 -4.50 -5.85
CA VAL A 52 9.28 -4.61 -4.93
C VAL A 52 9.89 -6.03 -5.02
N GLY A 53 9.04 -7.02 -5.35
CA GLY A 53 9.43 -8.42 -5.44
C GLY A 53 9.24 -9.17 -4.11
N TRP A 54 8.23 -8.74 -3.31
CA TRP A 54 7.89 -9.40 -2.02
C TRP A 54 6.60 -10.21 -2.21
N PRO A 55 6.58 -11.52 -1.78
CA PRO A 55 5.37 -12.39 -1.89
C PRO A 55 4.23 -11.97 -0.95
N ALA A 56 3.13 -12.74 -0.98
CA ALA A 56 2.00 -12.57 -0.06
C ALA A 56 2.43 -12.91 1.38
N MET A 57 2.64 -11.87 2.20
CA MET A 57 3.13 -12.00 3.58
C MET A 57 2.53 -10.90 4.47
N THR A 58 2.45 -11.19 5.77
CA THR A 58 2.13 -10.20 6.79
C THR A 58 3.42 -9.46 7.19
N MET A 59 3.40 -8.12 7.09
CA MET A 59 4.58 -7.27 7.35
C MET A 59 4.12 -5.89 7.87
N ARG A 60 4.93 -5.23 8.72
CA ARG A 60 4.60 -3.89 9.23
C ARG A 60 5.29 -2.77 8.44
N PHE A 61 4.45 -1.83 7.99
CA PHE A 61 4.84 -0.62 7.26
C PHE A 61 5.00 0.53 8.27
N THR A 62 5.82 1.53 7.97
CA THR A 62 6.00 2.70 8.85
C THR A 62 5.56 3.98 8.14
N PHE A 63 4.74 4.80 8.79
CA PHE A 63 4.28 6.08 8.23
C PHE A 63 5.02 7.24 8.94
N VAL A 64 5.09 8.41 8.27
CA VAL A 64 5.67 9.63 8.86
C VAL A 64 4.61 10.39 9.69
N ASN A 65 3.37 10.42 9.19
CA ASN A 65 2.23 11.13 9.84
C ASN A 65 0.94 10.32 9.71
N ALA A 66 0.10 10.37 10.76
CA ALA A 66 -1.18 9.66 10.79
C ALA A 66 -2.26 10.54 10.15
N ASP A 67 -2.53 10.28 8.86
CA ASP A 67 -3.50 11.05 8.06
C ASP A 67 -4.94 10.71 8.47
N ASP A 68 -5.91 11.39 7.86
CA ASP A 68 -7.36 11.13 8.05
C ASP A 68 -7.69 9.67 7.64
N ALA A 69 -6.95 9.19 6.63
CA ALA A 69 -7.04 7.81 6.12
C ALA A 69 -6.56 6.81 7.19
N ILE A 70 -5.38 7.10 7.77
CA ILE A 70 -4.75 6.25 8.82
C ILE A 70 -5.56 6.29 10.12
N ASN A 71 -6.27 7.40 10.35
CA ASN A 71 -7.17 7.57 11.50
C ASN A 71 -8.47 6.76 11.30
N ALA A 72 -9.01 6.80 10.06
CA ALA A 72 -10.23 6.04 9.68
C ALA A 72 -9.94 4.54 9.50
N LEU A 73 -8.66 4.23 9.24
CA LEU A 73 -8.14 2.87 9.03
C LEU A 73 -8.43 1.99 10.26
N LYS A 74 -8.83 0.72 10.01
CA LYS A 74 -9.07 -0.27 11.08
C LYS A 74 -8.48 -1.64 10.69
N THR A 75 -8.09 -2.42 11.72
CA THR A 75 -7.58 -3.78 11.55
C THR A 75 -8.73 -4.72 11.15
N GLY A 76 -8.54 -5.45 10.04
CA GLY A 76 -9.57 -6.32 9.47
C GLY A 76 -10.07 -5.83 8.13
N ASN A 77 -9.84 -4.53 7.84
CA ASN A 77 -10.24 -3.90 6.58
C ASN A 77 -9.27 -4.29 5.46
N HIS A 78 -9.81 -4.74 4.32
CA HIS A 78 -9.02 -4.94 3.11
C HIS A 78 -8.80 -3.57 2.45
N VAL A 79 -7.55 -3.11 2.49
CA VAL A 79 -7.17 -1.78 2.03
C VAL A 79 -6.23 -1.88 0.82
N ASP A 80 -6.06 -0.74 0.17
CA ASP A 80 -5.05 -0.54 -0.88
C ASP A 80 -4.13 0.60 -0.40
N PHE A 81 -2.87 0.58 -0.83
CA PHE A 81 -1.84 1.51 -0.34
C PHE A 81 -0.67 1.62 -1.31
N SER A 82 0.25 2.53 -0.97
CA SER A 82 1.52 2.71 -1.69
C SER A 82 2.60 3.08 -0.64
N PHE A 83 3.81 2.54 -0.83
CA PHE A 83 4.93 2.63 0.12
C PHE A 83 6.25 2.62 -0.65
N ILE A 84 7.39 2.81 0.05
CA ILE A 84 8.74 2.62 -0.53
C ILE A 84 9.58 1.72 0.39
N GLN A 85 10.73 1.26 -0.13
CA GLN A 85 11.62 0.34 0.60
C GLN A 85 12.69 1.15 1.38
N GLN A 86 12.64 1.05 2.71
CA GLN A 86 13.61 1.68 3.63
C GLN A 86 14.33 0.56 4.41
N GLY A 87 15.31 -0.06 3.74
CA GLY A 87 16.00 -1.23 4.26
C GLY A 87 15.05 -2.42 4.37
N ASN A 88 14.82 -2.89 5.60
CA ASN A 88 13.83 -3.96 5.89
C ASN A 88 12.44 -3.35 6.15
N ILE A 89 12.42 -2.03 6.45
CA ILE A 89 11.19 -1.28 6.74
C ILE A 89 10.53 -0.85 5.41
N SER A 90 9.22 -0.62 5.42
CA SER A 90 8.47 -0.16 4.24
C SER A 90 7.72 1.14 4.57
N LEU A 91 8.22 2.29 4.07
CA LEU A 91 7.71 3.61 4.43
C LEU A 91 6.41 3.94 3.65
N LEU A 92 5.28 3.76 4.36
CA LEU A 92 3.91 3.98 3.86
C LEU A 92 3.68 5.47 3.49
N LYS A 93 3.43 5.73 2.19
CA LYS A 93 3.20 7.08 1.66
C LYS A 93 1.70 7.45 1.69
N SER A 94 0.86 6.55 1.19
CA SER A 94 -0.60 6.76 1.13
C SER A 94 -1.32 5.43 1.37
N ILE A 95 -2.57 5.51 1.85
CA ILE A 95 -3.41 4.34 2.12
C ILE A 95 -4.89 4.76 2.12
N ASN A 96 -5.75 3.89 1.58
CA ASN A 96 -7.22 4.09 1.52
C ASN A 96 -7.91 2.73 1.71
N VAL A 97 -8.98 2.70 2.50
CA VAL A 97 -9.79 1.49 2.73
C VAL A 97 -10.73 1.26 1.52
N THR A 98 -10.48 0.17 0.78
CA THR A 98 -11.24 -0.16 -0.44
C THR A 98 -12.38 -1.17 -0.11
N GLN A 99 -12.26 -1.86 1.04
CA GLN A 99 -13.26 -2.83 1.52
C GLN A 99 -13.23 -2.91 3.06
N SER A 100 -14.44 -2.91 3.65
CA SER A 100 -14.64 -3.07 5.10
C SER A 100 -14.39 -4.55 5.53
N GLY A 1 4.41 -49.39 -7.32
CA GLY A 1 3.06 -48.80 -7.28
C GLY A 1 3.05 -47.34 -7.75
N ALA A 2 3.03 -46.40 -6.80
CA ALA A 2 3.02 -44.96 -7.08
C ALA A 2 4.44 -44.45 -7.37
N MET A 3 4.82 -44.45 -8.66
CA MET A 3 6.11 -43.93 -9.14
C MET A 3 6.10 -42.39 -9.07
N GLY A 4 4.98 -41.79 -9.50
CA GLY A 4 4.79 -40.34 -9.46
C GLY A 4 3.33 -39.95 -9.52
N MET A 5 3.07 -38.63 -9.56
CA MET A 5 1.70 -38.09 -9.62
C MET A 5 1.14 -38.28 -11.05
N LEU A 6 0.35 -39.36 -11.21
CA LEU A 6 -0.29 -39.72 -12.49
C LEU A 6 -1.44 -38.74 -12.83
N LYS A 7 -2.15 -38.29 -11.79
CA LYS A 7 -3.28 -37.35 -11.92
C LYS A 7 -2.94 -36.03 -11.21
N HIS A 8 -2.62 -34.99 -12.01
CA HIS A 8 -2.24 -33.67 -11.50
C HIS A 8 -3.48 -32.81 -11.24
N ILE A 9 -3.96 -32.82 -9.97
CA ILE A 9 -5.05 -31.94 -9.52
C ILE A 9 -4.46 -30.56 -9.17
N SER A 10 -4.91 -29.53 -9.89
CA SER A 10 -4.35 -28.16 -9.78
C SER A 10 -5.47 -27.11 -9.94
N HIS A 11 -5.10 -25.84 -9.75
CA HIS A 11 -5.99 -24.68 -9.93
C HIS A 11 -5.15 -23.44 -10.30
N GLY A 12 -3.91 -23.39 -9.79
CA GLY A 12 -2.96 -22.31 -10.10
C GLY A 12 -3.06 -21.14 -9.12
N ASP A 13 -1.94 -20.84 -8.42
CA ASP A 13 -1.89 -19.80 -7.38
C ASP A 13 -2.07 -18.39 -7.99
N MET A 14 -1.49 -18.17 -9.17
CA MET A 14 -1.61 -16.89 -9.91
C MET A 14 -2.85 -16.92 -10.82
N ASN A 15 -3.38 -15.73 -11.15
CA ASN A 15 -4.54 -15.57 -12.05
C ASN A 15 -4.39 -14.28 -12.87
N ALA A 16 -4.02 -13.18 -12.20
CA ALA A 16 -3.71 -11.92 -12.87
C ALA A 16 -2.25 -11.95 -13.33
N ALA A 17 -2.04 -12.28 -14.62
CA ALA A 17 -0.71 -12.33 -15.25
C ALA A 17 -0.18 -10.90 -15.55
N SER A 18 -1.06 -9.90 -15.38
CA SER A 18 -0.73 -8.48 -15.60
C SER A 18 -0.23 -7.84 -14.28
N ASP A 19 1.03 -7.38 -14.26
CA ASP A 19 1.63 -6.66 -13.12
C ASP A 19 1.60 -5.14 -13.39
N ALA A 20 1.68 -4.34 -12.31
CA ALA A 20 1.60 -2.86 -12.39
C ALA A 20 2.65 -2.22 -11.47
N SER A 21 3.51 -1.37 -12.06
CA SER A 21 4.55 -0.61 -11.34
C SER A 21 4.98 0.58 -12.22
N VAL A 22 4.31 1.73 -12.04
CA VAL A 22 4.54 2.97 -12.84
C VAL A 22 5.17 4.10 -12.00
N GLN A 23 5.45 3.82 -10.71
CA GLN A 23 5.82 4.86 -9.73
C GLN A 23 6.93 4.32 -8.81
N GLN A 24 7.86 5.22 -8.41
CA GLN A 24 8.93 4.94 -7.44
C GLN A 24 8.35 4.54 -6.07
N VAL A 25 7.14 5.07 -5.80
CA VAL A 25 6.32 4.68 -4.67
C VAL A 25 5.65 3.34 -5.03
N ILE A 26 6.11 2.29 -4.38
CA ILE A 26 5.70 0.90 -4.60
C ILE A 26 4.28 0.71 -4.06
N LYS A 27 3.33 0.49 -4.97
CA LYS A 27 1.91 0.34 -4.63
C LYS A 27 1.56 -1.13 -4.39
N GLY A 28 0.75 -1.37 -3.36
CA GLY A 28 0.32 -2.72 -2.98
C GLY A 28 -1.08 -2.74 -2.39
N THR A 29 -1.52 -3.94 -1.97
CA THR A 29 -2.84 -4.14 -1.33
C THR A 29 -2.75 -5.32 -0.34
N GLY A 30 -3.71 -5.37 0.61
CA GLY A 30 -3.74 -6.41 1.65
C GLY A 30 -4.59 -6.00 2.83
N ILE A 31 -4.81 -6.95 3.77
CA ILE A 31 -5.75 -6.77 4.90
C ILE A 31 -4.95 -6.35 6.15
N VAL A 32 -5.36 -5.23 6.79
CA VAL A 32 -4.70 -4.72 8.00
C VAL A 32 -4.85 -5.71 9.18
N LYS A 33 -3.73 -6.03 9.83
CA LYS A 33 -3.64 -6.96 10.96
C LYS A 33 -3.45 -6.22 12.30
N ASP A 34 -2.91 -4.99 12.28
CA ASP A 34 -2.72 -4.16 13.50
C ASP A 34 -2.35 -2.73 13.11
N ILE A 35 -2.75 -1.76 13.96
CA ILE A 35 -2.38 -0.34 13.80
C ILE A 35 -1.76 0.16 15.13
N ASP A 36 -0.53 0.64 15.04
CA ASP A 36 0.27 1.16 16.16
C ASP A 36 0.76 2.55 15.78
N MET A 37 0.14 3.60 16.34
CA MET A 37 0.55 4.99 16.08
C MET A 37 1.73 5.38 17.00
N ASN A 38 1.86 4.67 18.14
CA ASN A 38 2.87 4.94 19.18
C ASN A 38 4.31 5.01 18.58
N SER A 39 4.68 3.97 17.84
CA SER A 39 5.95 3.92 17.10
C SER A 39 5.69 4.00 15.58
N LYS A 40 4.45 4.40 15.22
CA LYS A 40 4.00 4.56 13.83
C LYS A 40 4.22 3.30 12.94
N LYS A 41 3.85 2.13 13.47
CA LYS A 41 3.89 0.84 12.73
C LYS A 41 2.46 0.40 12.41
N ILE A 42 2.20 -0.13 11.22
CA ILE A 42 0.88 -0.70 10.87
C ILE A 42 1.11 -2.07 10.24
N THR A 43 0.84 -3.13 11.00
CA THR A 43 1.06 -4.50 10.56
C THR A 43 -0.07 -4.89 9.61
N ILE A 44 0.25 -5.03 8.33
CA ILE A 44 -0.72 -5.35 7.27
C ILE A 44 -0.27 -6.64 6.54
N SER A 45 -1.21 -7.58 6.40
CA SER A 45 -1.03 -8.77 5.59
C SER A 45 -1.19 -8.39 4.11
N HIS A 46 -0.07 -8.23 3.40
CA HIS A 46 -0.08 -7.72 2.02
C HIS A 46 0.11 -8.88 1.03
N GLU A 47 -0.39 -8.67 -0.19
CA GLU A 47 -0.39 -9.68 -1.27
C GLU A 47 0.96 -9.71 -2.03
N ALA A 48 1.01 -10.51 -3.10
CA ALA A 48 2.17 -10.57 -3.98
C ALA A 48 2.33 -9.24 -4.74
N ILE A 49 3.23 -8.39 -4.22
CA ILE A 49 3.53 -7.07 -4.81
C ILE A 49 4.79 -7.22 -5.72
N PRO A 50 4.60 -7.28 -7.07
CA PRO A 50 5.74 -7.40 -8.04
C PRO A 50 6.53 -6.08 -8.23
N ALA A 51 5.97 -4.96 -7.74
CA ALA A 51 6.63 -3.64 -7.80
C ALA A 51 7.90 -3.60 -6.91
N VAL A 52 7.85 -4.33 -5.78
CA VAL A 52 9.02 -4.52 -4.89
C VAL A 52 9.60 -5.94 -5.06
N GLY A 53 8.71 -6.90 -5.38
CA GLY A 53 9.07 -8.31 -5.45
C GLY A 53 9.00 -8.98 -4.09
N TRP A 54 7.82 -8.88 -3.45
CA TRP A 54 7.51 -9.61 -2.19
C TRP A 54 6.21 -10.41 -2.38
N PRO A 55 6.14 -11.69 -1.87
CA PRO A 55 4.91 -12.53 -1.93
C PRO A 55 3.85 -12.10 -0.89
N ALA A 56 2.79 -12.93 -0.75
CA ALA A 56 1.72 -12.70 0.22
C ALA A 56 2.22 -13.01 1.65
N MET A 57 2.56 -11.94 2.40
CA MET A 57 3.12 -12.05 3.77
C MET A 57 2.56 -10.93 4.66
N THR A 58 2.53 -11.19 5.98
CA THR A 58 2.16 -10.18 6.98
C THR A 58 3.42 -9.45 7.46
N MET A 59 3.37 -8.10 7.42
CA MET A 59 4.54 -7.26 7.72
C MET A 59 4.08 -5.87 8.18
N ARG A 60 4.85 -5.21 9.05
CA ARG A 60 4.50 -3.85 9.54
C ARG A 60 5.21 -2.73 8.74
N PHE A 61 4.39 -1.77 8.29
CA PHE A 61 4.82 -0.60 7.50
C PHE A 61 4.92 0.62 8.43
N THR A 62 5.99 1.39 8.31
CA THR A 62 6.20 2.60 9.12
C THR A 62 5.67 3.83 8.36
N PHE A 63 4.79 4.62 8.96
CA PHE A 63 4.24 5.84 8.30
C PHE A 63 4.88 7.11 8.89
N VAL A 64 4.93 8.18 8.08
CA VAL A 64 5.54 9.47 8.48
C VAL A 64 4.54 10.33 9.28
N ASN A 65 3.26 10.26 8.89
CA ASN A 65 2.18 11.08 9.46
C ASN A 65 0.89 10.26 9.54
N ALA A 66 0.16 10.37 10.67
CA ALA A 66 -1.15 9.74 10.82
C ALA A 66 -2.21 10.62 10.14
N ASP A 67 -2.42 10.39 8.83
CA ASP A 67 -3.39 11.15 8.03
C ASP A 67 -4.85 10.71 8.34
N ASP A 68 -5.82 11.34 7.66
CA ASP A 68 -7.26 11.05 7.83
C ASP A 68 -7.56 9.56 7.47
N ALA A 69 -6.80 9.06 6.48
CA ALA A 69 -6.89 7.66 6.02
C ALA A 69 -6.47 6.69 7.12
N ILE A 70 -5.37 7.03 7.81
CA ILE A 70 -4.80 6.22 8.90
C ILE A 70 -5.67 6.32 10.17
N ASN A 71 -6.34 7.49 10.32
CA ASN A 71 -7.32 7.71 11.41
C ASN A 71 -8.57 6.82 11.18
N ALA A 72 -9.03 6.78 9.92
CA ALA A 72 -10.25 6.05 9.51
C ALA A 72 -9.94 4.58 9.15
N LEU A 73 -8.64 4.25 9.08
CA LEU A 73 -8.16 2.88 8.87
C LEU A 73 -8.57 1.99 10.04
N LYS A 74 -8.79 0.70 9.76
CA LYS A 74 -9.14 -0.29 10.78
C LYS A 74 -8.55 -1.66 10.40
N THR A 75 -8.12 -2.41 11.43
CA THR A 75 -7.68 -3.80 11.28
C THR A 75 -8.90 -4.69 10.98
N GLY A 76 -8.74 -5.58 9.99
CA GLY A 76 -9.84 -6.42 9.49
C GLY A 76 -10.32 -5.98 8.10
N ASN A 77 -9.99 -4.74 7.73
CA ASN A 77 -10.35 -4.16 6.41
C ASN A 77 -9.27 -4.49 5.36
N HIS A 78 -9.72 -4.93 4.18
CA HIS A 78 -8.86 -5.09 3.01
C HIS A 78 -8.63 -3.70 2.39
N VAL A 79 -7.39 -3.22 2.47
CA VAL A 79 -7.03 -1.85 2.03
C VAL A 79 -5.96 -1.91 0.95
N ASP A 80 -5.91 -0.87 0.10
CA ASP A 80 -4.77 -0.62 -0.81
C ASP A 80 -3.87 0.40 -0.12
N PHE A 81 -2.63 0.50 -0.60
CA PHE A 81 -1.64 1.41 -0.04
C PHE A 81 -0.51 1.63 -1.06
N SER A 82 0.43 2.49 -0.67
CA SER A 82 1.60 2.85 -1.44
C SER A 82 2.71 3.21 -0.44
N PHE A 83 3.93 2.70 -0.67
CA PHE A 83 5.07 2.82 0.25
C PHE A 83 6.36 2.88 -0.56
N ILE A 84 7.43 3.38 0.05
CA ILE A 84 8.79 3.31 -0.54
C ILE A 84 9.65 2.37 0.31
N GLN A 85 10.53 1.61 -0.36
CA GLN A 85 11.43 0.65 0.34
C GLN A 85 12.57 1.42 1.03
N GLN A 86 12.61 1.32 2.36
CA GLN A 86 13.69 1.86 3.20
C GLN A 86 14.48 0.67 3.75
N GLY A 87 15.34 0.11 2.89
CA GLY A 87 16.06 -1.14 3.19
C GLY A 87 15.11 -2.30 3.42
N ASN A 88 15.06 -2.80 4.66
CA ASN A 88 14.16 -3.92 5.05
C ASN A 88 12.81 -3.38 5.57
N ILE A 89 12.74 -2.08 5.91
CA ILE A 89 11.50 -1.47 6.42
C ILE A 89 10.77 -0.76 5.27
N SER A 90 9.45 -0.79 5.30
CA SER A 90 8.59 -0.21 4.26
C SER A 90 7.92 1.07 4.77
N LEU A 91 8.36 2.23 4.25
CA LEU A 91 7.83 3.54 4.68
C LEU A 91 6.52 3.85 3.93
N LEU A 92 5.40 3.62 4.64
CA LEU A 92 4.04 3.90 4.16
C LEU A 92 3.87 5.40 3.80
N LYS A 93 3.66 5.66 2.51
CA LYS A 93 3.51 7.02 1.96
C LYS A 93 2.04 7.45 1.96
N SER A 94 1.17 6.51 1.60
CA SER A 94 -0.29 6.73 1.52
C SER A 94 -0.99 5.37 1.68
N ILE A 95 -2.25 5.40 2.11
CA ILE A 95 -3.06 4.21 2.31
C ILE A 95 -4.54 4.57 2.19
N ASN A 96 -5.33 3.72 1.48
CA ASN A 96 -6.77 3.93 1.29
C ASN A 96 -7.51 2.60 1.50
N VAL A 97 -8.70 2.67 2.14
CA VAL A 97 -9.53 1.47 2.32
C VAL A 97 -10.24 1.15 0.98
N THR A 98 -9.85 0.03 0.35
CA THR A 98 -10.37 -0.35 -0.98
C THR A 98 -11.64 -1.19 -0.82
N GLN A 99 -11.72 -1.96 0.27
CA GLN A 99 -12.83 -2.91 0.56
C GLN A 99 -13.06 -3.04 2.06
N SER A 100 -14.19 -3.66 2.42
CA SER A 100 -14.51 -4.02 3.81
C SER A 100 -13.95 -5.44 4.08
N GLY A 1 -28.87 -17.93 -4.45
CA GLY A 1 -28.01 -19.08 -4.83
C GLY A 1 -28.78 -20.34 -5.15
N ALA A 2 -30.06 -20.39 -4.70
CA ALA A 2 -30.95 -21.53 -4.97
C ALA A 2 -31.30 -21.65 -6.47
N MET A 3 -31.29 -20.50 -7.17
CA MET A 3 -31.57 -20.42 -8.61
C MET A 3 -30.41 -19.67 -9.29
N GLY A 4 -29.65 -20.39 -10.14
CA GLY A 4 -28.54 -19.79 -10.90
C GLY A 4 -27.21 -20.48 -10.62
N MET A 5 -26.33 -20.51 -11.63
CA MET A 5 -24.99 -21.11 -11.53
C MET A 5 -23.98 -20.03 -11.04
N LEU A 6 -23.66 -20.07 -9.73
CA LEU A 6 -22.77 -19.08 -9.10
C LEU A 6 -21.31 -19.32 -9.56
N LYS A 7 -20.86 -18.50 -10.51
CA LYS A 7 -19.48 -18.56 -11.04
C LYS A 7 -18.67 -17.39 -10.50
N HIS A 8 -19.26 -16.16 -10.57
CA HIS A 8 -18.66 -14.89 -10.06
C HIS A 8 -17.29 -14.62 -10.71
N ILE A 9 -17.15 -15.06 -11.97
CA ILE A 9 -15.89 -14.99 -12.74
C ILE A 9 -15.41 -13.53 -12.95
N SER A 10 -16.32 -12.67 -13.41
CA SER A 10 -16.04 -11.24 -13.65
C SER A 10 -16.55 -10.42 -12.46
N HIS A 11 -15.63 -9.75 -11.74
CA HIS A 11 -15.96 -8.94 -10.55
C HIS A 11 -14.84 -7.92 -10.28
N GLY A 12 -13.58 -8.38 -10.32
CA GLY A 12 -12.41 -7.53 -10.07
C GLY A 12 -11.78 -7.05 -11.38
N ASP A 13 -11.56 -5.72 -11.48
CA ASP A 13 -10.95 -5.09 -12.68
C ASP A 13 -9.45 -5.44 -12.78
N MET A 14 -8.99 -5.71 -14.01
CA MET A 14 -7.59 -6.04 -14.31
C MET A 14 -6.99 -5.10 -15.38
N ASN A 15 -7.73 -4.02 -15.71
CA ASN A 15 -7.32 -3.06 -16.75
C ASN A 15 -6.19 -2.16 -16.24
N ALA A 16 -5.07 -2.13 -16.97
CA ALA A 16 -3.95 -1.23 -16.70
C ALA A 16 -4.29 0.18 -17.21
N ALA A 17 -4.70 1.08 -16.28
CA ALA A 17 -5.00 2.48 -16.60
C ALA A 17 -3.71 3.21 -17.01
N SER A 18 -2.65 2.96 -16.24
CA SER A 18 -1.29 3.44 -16.55
C SER A 18 -0.66 2.55 -17.64
N ASP A 19 -0.32 3.17 -18.79
CA ASP A 19 0.23 2.47 -19.97
C ASP A 19 1.54 1.74 -19.62
N ALA A 20 2.51 2.51 -19.10
CA ALA A 20 3.83 2.00 -18.72
C ALA A 20 3.82 1.48 -17.27
N SER A 21 3.00 2.14 -16.42
CA SER A 21 2.86 1.82 -14.98
C SER A 21 4.18 2.08 -14.21
N VAL A 22 5.03 2.98 -14.76
CA VAL A 22 6.28 3.39 -14.12
C VAL A 22 5.96 4.38 -12.99
N GLN A 23 5.81 3.82 -11.79
CA GLN A 23 5.51 4.56 -10.56
C GLN A 23 6.66 4.34 -9.56
N GLN A 24 7.28 5.46 -9.16
CA GLN A 24 8.40 5.50 -8.18
C GLN A 24 7.96 4.95 -6.81
N VAL A 25 6.69 5.20 -6.45
CA VAL A 25 6.12 4.69 -5.20
C VAL A 25 5.51 3.30 -5.46
N ILE A 26 5.92 2.34 -4.65
CA ILE A 26 5.52 0.94 -4.76
C ILE A 26 4.09 0.77 -4.24
N LYS A 27 3.15 0.53 -5.16
CA LYS A 27 1.75 0.31 -4.83
C LYS A 27 1.52 -1.16 -4.48
N GLY A 28 0.83 -1.39 -3.36
CA GLY A 28 0.48 -2.73 -2.90
C GLY A 28 -0.95 -2.80 -2.38
N THR A 29 -1.37 -3.99 -1.93
CA THR A 29 -2.71 -4.23 -1.38
C THR A 29 -2.66 -5.40 -0.38
N GLY A 30 -3.65 -5.47 0.52
CA GLY A 30 -3.73 -6.53 1.54
C GLY A 30 -4.62 -6.13 2.71
N ILE A 31 -4.78 -7.03 3.71
CA ILE A 31 -5.69 -6.80 4.85
C ILE A 31 -4.89 -6.29 6.06
N VAL A 32 -5.37 -5.21 6.72
CA VAL A 32 -4.73 -4.69 7.94
C VAL A 32 -4.87 -5.72 9.09
N LYS A 33 -3.77 -5.97 9.79
CA LYS A 33 -3.69 -6.91 10.92
C LYS A 33 -3.68 -6.16 12.25
N ASP A 34 -3.07 -4.97 12.26
CA ASP A 34 -2.95 -4.12 13.46
C ASP A 34 -2.43 -2.73 13.07
N ILE A 35 -2.70 -1.74 13.92
CA ILE A 35 -2.23 -0.35 13.73
C ILE A 35 -1.52 0.09 15.01
N ASP A 36 -0.22 0.37 14.91
CA ASP A 36 0.62 0.73 16.06
C ASP A 36 1.03 2.21 15.96
N MET A 37 0.07 3.12 16.19
CA MET A 37 0.32 4.58 16.07
C MET A 37 1.38 5.05 17.09
N ASN A 38 1.38 4.39 18.27
CA ASN A 38 2.36 4.62 19.35
C ASN A 38 3.83 4.50 18.86
N SER A 39 4.06 3.53 17.96
CA SER A 39 5.39 3.30 17.34
C SER A 39 5.44 3.91 15.92
N LYS A 40 4.29 4.40 15.41
CA LYS A 40 4.11 4.92 14.02
C LYS A 40 4.23 3.78 12.97
N LYS A 41 3.82 2.58 13.39
CA LYS A 41 3.77 1.38 12.53
C LYS A 41 2.30 1.02 12.22
N ILE A 42 2.09 0.22 11.16
CA ILE A 42 0.79 -0.39 10.83
C ILE A 42 1.07 -1.79 10.29
N THR A 43 0.77 -2.83 11.08
CA THR A 43 0.97 -4.22 10.66
C THR A 43 -0.14 -4.63 9.68
N ILE A 44 0.25 -4.98 8.44
CA ILE A 44 -0.69 -5.32 7.35
C ILE A 44 -0.23 -6.61 6.65
N SER A 45 -1.16 -7.56 6.50
CA SER A 45 -0.96 -8.75 5.66
C SER A 45 -1.10 -8.33 4.20
N HIS A 46 0.03 -8.21 3.50
CA HIS A 46 0.03 -7.71 2.11
C HIS A 46 0.20 -8.89 1.14
N GLU A 47 -0.44 -8.75 -0.04
CA GLU A 47 -0.41 -9.76 -1.11
C GLU A 47 0.94 -9.77 -1.84
N ALA A 48 1.04 -10.59 -2.90
CA ALA A 48 2.20 -10.60 -3.79
C ALA A 48 2.29 -9.26 -4.56
N ILE A 49 3.18 -8.38 -4.06
CA ILE A 49 3.46 -7.07 -4.67
C ILE A 49 4.68 -7.21 -5.62
N PRO A 50 4.46 -7.26 -6.97
CA PRO A 50 5.56 -7.38 -7.97
C PRO A 50 6.37 -6.08 -8.12
N ALA A 51 5.76 -4.94 -7.70
CA ALA A 51 6.40 -3.60 -7.78
C ALA A 51 7.66 -3.51 -6.90
N VAL A 52 7.70 -4.36 -5.85
CA VAL A 52 8.88 -4.50 -4.96
C VAL A 52 9.47 -5.93 -5.07
N GLY A 53 8.60 -6.90 -5.40
CA GLY A 53 8.98 -8.31 -5.47
C GLY A 53 8.87 -9.03 -4.14
N TRP A 54 7.81 -8.70 -3.36
CA TRP A 54 7.54 -9.35 -2.06
C TRP A 54 6.25 -10.19 -2.15
N PRO A 55 6.26 -11.48 -1.69
CA PRO A 55 5.08 -12.39 -1.78
C PRO A 55 3.99 -12.06 -0.74
N ALA A 56 2.96 -12.93 -0.67
CA ALA A 56 1.84 -12.79 0.27
C ALA A 56 2.30 -13.12 1.70
N MET A 57 2.70 -12.07 2.45
CA MET A 57 3.20 -12.18 3.84
C MET A 57 2.59 -11.07 4.70
N THR A 58 2.59 -11.31 6.02
CA THR A 58 2.23 -10.29 7.01
C THR A 58 3.51 -9.56 7.46
N MET A 59 3.46 -8.23 7.38
CA MET A 59 4.60 -7.36 7.69
C MET A 59 4.07 -5.99 8.12
N ARG A 60 4.81 -5.28 8.96
CA ARG A 60 4.44 -3.93 9.39
C ARG A 60 5.15 -2.87 8.54
N PHE A 61 4.39 -1.81 8.25
CA PHE A 61 4.83 -0.62 7.49
C PHE A 61 4.97 0.55 8.48
N THR A 62 5.75 1.57 8.13
CA THR A 62 5.98 2.74 9.01
C THR A 62 5.59 4.03 8.29
N PHE A 63 4.88 4.93 8.97
CA PHE A 63 4.45 6.24 8.41
C PHE A 63 5.16 7.38 9.16
N VAL A 64 5.34 8.53 8.49
CA VAL A 64 5.96 9.74 9.10
C VAL A 64 4.92 10.63 9.81
N ASN A 65 3.65 10.48 9.42
CA ASN A 65 2.52 11.23 10.02
C ASN A 65 1.20 10.50 9.73
N ALA A 66 0.30 10.50 10.73
CA ALA A 66 -1.01 9.85 10.63
C ALA A 66 -1.96 10.72 9.81
N ASP A 67 -2.37 10.21 8.63
CA ASP A 67 -3.37 10.88 7.78
C ASP A 67 -4.79 10.67 8.34
N ASP A 68 -5.76 11.27 7.66
CA ASP A 68 -7.19 11.04 7.90
C ASP A 68 -7.57 9.60 7.51
N ALA A 69 -6.85 9.08 6.50
CA ALA A 69 -6.94 7.68 6.05
C ALA A 69 -6.44 6.73 7.16
N ILE A 70 -5.24 7.03 7.70
CA ILE A 70 -4.63 6.24 8.80
C ILE A 70 -5.48 6.34 10.08
N ASN A 71 -6.11 7.50 10.30
CA ASN A 71 -6.99 7.75 11.45
C ASN A 71 -8.26 6.88 11.32
N ALA A 72 -8.84 6.84 10.12
CA ALA A 72 -10.08 6.09 9.82
C ALA A 72 -9.80 4.60 9.53
N LEU A 73 -8.51 4.27 9.32
CA LEU A 73 -8.05 2.89 9.09
C LEU A 73 -8.39 1.99 10.28
N LYS A 74 -8.81 0.75 9.98
CA LYS A 74 -9.10 -0.28 11.01
C LYS A 74 -8.55 -1.65 10.54
N THR A 75 -8.25 -2.52 11.51
CA THR A 75 -7.84 -3.91 11.24
C THR A 75 -9.05 -4.73 10.74
N GLY A 76 -8.77 -5.76 9.94
CA GLY A 76 -9.82 -6.59 9.32
C GLY A 76 -10.24 -6.10 7.95
N ASN A 77 -9.90 -4.85 7.63
CA ASN A 77 -10.27 -4.21 6.35
C ASN A 77 -9.20 -4.50 5.30
N HIS A 78 -9.64 -4.98 4.13
CA HIS A 78 -8.77 -5.18 2.96
C HIS A 78 -8.54 -3.81 2.30
N VAL A 79 -7.32 -3.29 2.46
CA VAL A 79 -6.94 -1.95 2.00
C VAL A 79 -5.94 -2.01 0.84
N ASP A 80 -5.82 -0.90 0.11
CA ASP A 80 -4.79 -0.70 -0.92
C ASP A 80 -3.96 0.53 -0.52
N PHE A 81 -2.66 0.46 -0.70
CA PHE A 81 -1.73 1.45 -0.17
C PHE A 81 -0.57 1.67 -1.13
N SER A 82 0.25 2.67 -0.83
CA SER A 82 1.45 2.99 -1.58
C SER A 82 2.57 3.39 -0.61
N PHE A 83 3.73 2.75 -0.77
CA PHE A 83 4.88 2.88 0.12
C PHE A 83 6.17 2.86 -0.71
N ILE A 84 7.28 3.23 -0.10
CA ILE A 84 8.63 3.03 -0.68
C ILE A 84 9.42 2.03 0.19
N GLN A 85 10.47 1.43 -0.38
CA GLN A 85 11.34 0.49 0.35
C GLN A 85 12.61 1.20 0.84
N GLN A 86 12.99 0.93 2.10
CA GLN A 86 14.20 1.46 2.74
C GLN A 86 14.87 0.30 3.49
N GLY A 87 15.60 -0.54 2.74
CA GLY A 87 16.17 -1.78 3.28
C GLY A 87 15.08 -2.75 3.73
N ASN A 88 15.01 -2.99 5.05
CA ASN A 88 13.98 -3.86 5.67
C ASN A 88 12.72 -3.05 6.01
N ILE A 89 12.85 -1.72 6.08
CA ILE A 89 11.72 -0.83 6.43
C ILE A 89 10.87 -0.56 5.17
N SER A 90 9.55 -0.52 5.34
CA SER A 90 8.62 -0.14 4.27
C SER A 90 7.93 1.15 4.69
N LEU A 91 8.37 2.28 4.13
CA LEU A 91 7.88 3.61 4.51
C LEU A 91 6.58 3.91 3.75
N LEU A 92 5.45 3.71 4.44
CA LEU A 92 4.10 3.98 3.94
C LEU A 92 3.93 5.48 3.67
N LYS A 93 3.66 5.85 2.41
CA LYS A 93 3.47 7.26 2.01
C LYS A 93 2.01 7.67 2.19
N SER A 94 1.11 6.82 1.67
CA SER A 94 -0.35 7.03 1.76
C SER A 94 -1.07 5.67 1.72
N ILE A 95 -2.36 5.67 2.10
CA ILE A 95 -3.17 4.44 2.20
C ILE A 95 -4.66 4.78 1.98
N ASN A 96 -5.42 3.79 1.49
CA ASN A 96 -6.87 3.88 1.25
C ASN A 96 -7.51 2.50 1.50
N VAL A 97 -8.80 2.47 1.85
CA VAL A 97 -9.54 1.21 2.04
C VAL A 97 -10.27 0.85 0.73
N THR A 98 -9.85 -0.24 0.08
CA THR A 98 -10.46 -0.71 -1.19
C THR A 98 -11.67 -1.60 -0.90
N GLN A 99 -11.73 -2.15 0.32
CA GLN A 99 -12.78 -3.09 0.75
C GLN A 99 -12.79 -3.16 2.30
N SER A 100 -13.76 -2.48 2.92
CA SER A 100 -13.96 -2.52 4.38
C SER A 100 -14.43 -3.93 4.81
N GLY A 1 -26.77 -15.85 3.98
CA GLY A 1 -25.48 -16.50 4.30
C GLY A 1 -24.39 -16.11 3.32
N ALA A 2 -23.50 -17.07 3.00
CA ALA A 2 -22.28 -16.82 2.20
C ALA A 2 -22.56 -16.79 0.69
N MET A 3 -23.51 -17.62 0.23
CA MET A 3 -23.89 -17.70 -1.21
C MET A 3 -24.61 -16.39 -1.63
N GLY A 4 -25.50 -15.93 -0.75
CA GLY A 4 -26.23 -14.66 -0.94
C GLY A 4 -25.59 -13.56 -0.12
N MET A 5 -24.25 -13.45 -0.23
CA MET A 5 -23.45 -12.43 0.47
C MET A 5 -23.78 -11.01 -0.02
N LEU A 6 -23.97 -10.07 0.93
CA LEU A 6 -24.31 -8.68 0.60
C LEU A 6 -23.02 -7.85 0.37
N LYS A 7 -22.67 -7.65 -0.92
CA LYS A 7 -21.53 -6.82 -1.34
C LYS A 7 -22.05 -5.73 -2.29
N HIS A 8 -22.28 -4.51 -1.76
CA HIS A 8 -22.77 -3.37 -2.55
C HIS A 8 -21.69 -2.88 -3.53
N ILE A 9 -22.13 -2.48 -4.74
CA ILE A 9 -21.24 -1.87 -5.74
C ILE A 9 -21.08 -0.38 -5.39
N SER A 10 -19.97 -0.05 -4.75
CA SER A 10 -19.65 1.30 -4.25
C SER A 10 -19.46 2.30 -5.42
N HIS A 11 -20.56 2.95 -5.82
CA HIS A 11 -20.55 4.01 -6.84
C HIS A 11 -20.18 5.34 -6.18
N GLY A 12 -19.20 6.06 -6.76
CA GLY A 12 -18.75 7.34 -6.21
C GLY A 12 -18.17 8.24 -7.30
N ASP A 13 -16.95 7.89 -7.74
CA ASP A 13 -16.21 8.65 -8.79
C ASP A 13 -15.58 7.68 -9.80
N MET A 14 -14.89 8.27 -10.80
CA MET A 14 -14.08 7.54 -11.78
C MET A 14 -12.78 8.32 -12.02
N ASN A 15 -11.68 7.60 -12.20
CA ASN A 15 -10.34 8.19 -12.38
C ASN A 15 -9.37 7.16 -12.98
N ALA A 16 -8.21 7.65 -13.45
CA ALA A 16 -7.10 6.81 -13.91
C ALA A 16 -6.42 6.12 -12.71
N ALA A 17 -5.68 5.05 -12.98
CA ALA A 17 -4.97 4.27 -11.94
C ALA A 17 -3.57 4.87 -11.67
N SER A 18 -3.47 6.22 -11.73
CA SER A 18 -2.23 7.01 -11.59
C SER A 18 -1.08 6.41 -12.43
N ASP A 19 -1.29 6.36 -13.76
CA ASP A 19 -0.37 5.69 -14.69
C ASP A 19 0.85 6.57 -14.95
N ALA A 20 1.86 6.43 -14.09
CA ALA A 20 3.18 7.02 -14.27
C ALA A 20 4.21 5.92 -13.98
N SER A 21 4.53 5.14 -15.03
CA SER A 21 5.28 3.87 -14.95
C SER A 21 6.52 3.91 -14.02
N VAL A 22 7.21 5.06 -14.02
CA VAL A 22 8.37 5.30 -13.14
C VAL A 22 7.87 5.65 -11.72
N GLN A 23 7.43 4.61 -10.96
CA GLN A 23 6.96 4.77 -9.57
C GLN A 23 8.05 4.32 -8.59
N GLN A 24 8.57 5.29 -7.82
CA GLN A 24 9.46 5.04 -6.68
C GLN A 24 8.61 4.66 -5.45
N VAL A 25 7.33 5.10 -5.45
CA VAL A 25 6.35 4.69 -4.44
C VAL A 25 5.71 3.35 -4.88
N ILE A 26 6.11 2.30 -4.17
CA ILE A 26 5.71 0.91 -4.42
C ILE A 26 4.27 0.67 -3.92
N LYS A 27 3.38 0.25 -4.81
CA LYS A 27 1.95 0.05 -4.49
C LYS A 27 1.63 -1.42 -4.20
N GLY A 28 0.83 -1.65 -3.14
CA GLY A 28 0.39 -2.98 -2.74
C GLY A 28 -0.99 -2.99 -2.11
N THR A 29 -1.64 -4.15 -2.05
CA THR A 29 -2.99 -4.31 -1.47
C THR A 29 -2.98 -5.42 -0.41
N GLY A 30 -3.97 -5.42 0.49
CA GLY A 30 -4.07 -6.45 1.53
C GLY A 30 -4.92 -6.02 2.72
N ILE A 31 -5.07 -6.92 3.71
CA ILE A 31 -5.94 -6.70 4.89
C ILE A 31 -5.11 -6.29 6.11
N VAL A 32 -5.53 -5.20 6.80
CA VAL A 32 -4.85 -4.69 8.00
C VAL A 32 -5.02 -5.70 9.16
N LYS A 33 -3.92 -5.96 9.86
CA LYS A 33 -3.82 -6.94 10.96
C LYS A 33 -3.50 -6.26 12.30
N ASP A 34 -2.96 -5.03 12.25
CA ASP A 34 -2.66 -4.22 13.46
C ASP A 34 -2.32 -2.79 13.06
N ILE A 35 -2.68 -1.83 13.94
CA ILE A 35 -2.27 -0.43 13.82
C ILE A 35 -1.66 0.00 15.15
N ASP A 36 -0.47 0.61 15.08
CA ASP A 36 0.26 1.12 16.23
C ASP A 36 0.79 2.51 15.87
N MET A 37 0.01 3.57 16.16
CA MET A 37 0.40 4.96 15.86
C MET A 37 1.54 5.42 16.78
N ASN A 38 1.49 4.97 18.05
CA ASN A 38 2.51 5.20 19.10
C ASN A 38 3.93 4.84 18.60
N SER A 39 4.02 3.71 17.86
CA SER A 39 5.29 3.23 17.29
C SER A 39 5.36 3.50 15.78
N LYS A 40 4.28 4.11 15.23
CA LYS A 40 4.11 4.39 13.79
C LYS A 40 4.18 3.14 12.90
N LYS A 41 3.82 1.96 13.45
CA LYS A 41 3.85 0.67 12.69
C LYS A 41 2.42 0.23 12.37
N ILE A 42 2.14 -0.14 11.12
CA ILE A 42 0.82 -0.71 10.73
C ILE A 42 1.04 -2.09 10.10
N THR A 43 0.78 -3.15 10.86
CA THR A 43 0.95 -4.53 10.41
C THR A 43 -0.23 -4.91 9.49
N ILE A 44 0.08 -5.34 8.27
CA ILE A 44 -0.91 -5.63 7.21
C ILE A 44 -0.49 -6.91 6.47
N SER A 45 -1.45 -7.85 6.29
CA SER A 45 -1.27 -8.98 5.37
C SER A 45 -1.38 -8.45 3.94
N HIS A 46 -0.23 -8.28 3.27
CA HIS A 46 -0.17 -7.74 1.90
C HIS A 46 0.07 -8.88 0.91
N GLU A 47 -0.46 -8.71 -0.31
CA GLU A 47 -0.41 -9.69 -1.39
C GLU A 47 0.97 -9.68 -2.09
N ALA A 48 1.08 -10.45 -3.18
CA ALA A 48 2.28 -10.46 -4.02
C ALA A 48 2.44 -9.10 -4.74
N ILE A 49 3.29 -8.24 -4.15
CA ILE A 49 3.63 -6.91 -4.67
C ILE A 49 4.85 -7.03 -5.62
N PRO A 50 4.64 -7.00 -6.99
CA PRO A 50 5.76 -7.11 -7.97
C PRO A 50 6.70 -5.90 -8.01
N ALA A 51 6.18 -4.70 -7.64
CA ALA A 51 6.93 -3.43 -7.71
C ALA A 51 8.13 -3.40 -6.73
N VAL A 52 8.09 -4.26 -5.69
CA VAL A 52 9.22 -4.48 -4.77
C VAL A 52 9.72 -5.93 -4.88
N GLY A 53 8.82 -6.84 -5.25
CA GLY A 53 9.11 -8.26 -5.37
C GLY A 53 8.96 -8.99 -4.04
N TRP A 54 7.83 -8.76 -3.35
CA TRP A 54 7.50 -9.46 -2.08
C TRP A 54 6.19 -10.25 -2.27
N PRO A 55 6.14 -11.56 -1.86
CA PRO A 55 4.90 -12.39 -1.96
C PRO A 55 3.83 -12.03 -0.90
N ALA A 56 2.77 -12.86 -0.84
CA ALA A 56 1.70 -12.71 0.16
C ALA A 56 2.23 -13.06 1.57
N MET A 57 2.51 -12.00 2.35
CA MET A 57 3.04 -12.11 3.72
C MET A 57 2.46 -10.99 4.60
N THR A 58 2.41 -11.25 5.92
CA THR A 58 2.03 -10.24 6.92
C THR A 58 3.29 -9.48 7.36
N MET A 59 3.25 -8.14 7.29
CA MET A 59 4.40 -7.29 7.62
C MET A 59 3.92 -5.89 8.04
N ARG A 60 4.70 -5.22 8.88
CA ARG A 60 4.38 -3.87 9.35
C ARG A 60 4.99 -2.78 8.44
N PHE A 61 4.18 -1.76 8.16
CA PHE A 61 4.53 -0.61 7.34
C PHE A 61 4.63 0.61 8.24
N THR A 62 5.84 1.15 8.37
CA THR A 62 6.14 2.29 9.23
C THR A 62 5.80 3.61 8.50
N PHE A 63 4.93 4.44 9.07
CA PHE A 63 4.53 5.70 8.44
C PHE A 63 5.24 6.90 9.11
N VAL A 64 5.33 8.01 8.38
CA VAL A 64 5.93 9.27 8.87
C VAL A 64 4.85 10.18 9.50
N ASN A 65 3.63 10.11 8.95
CA ASN A 65 2.50 10.93 9.40
C ASN A 65 1.21 10.10 9.43
N ALA A 66 0.41 10.25 10.51
CA ALA A 66 -0.89 9.61 10.62
C ALA A 66 -1.88 10.35 9.72
N ASP A 67 -1.96 9.90 8.46
CA ASP A 67 -2.80 10.51 7.41
C ASP A 67 -4.26 10.29 7.71
N ASP A 68 -5.11 11.00 6.99
CA ASP A 68 -6.59 10.98 7.15
C ASP A 68 -7.14 9.54 7.02
N ALA A 69 -6.49 8.78 6.14
CA ALA A 69 -6.86 7.39 5.84
C ALA A 69 -6.39 6.48 6.98
N ILE A 70 -5.16 6.73 7.48
CA ILE A 70 -4.59 6.02 8.66
C ILE A 70 -5.44 6.31 9.93
N ASN A 71 -5.99 7.53 9.97
CA ASN A 71 -6.83 8.01 11.08
C ASN A 71 -8.19 7.29 11.06
N ALA A 72 -8.75 7.10 9.85
CA ALA A 72 -10.01 6.37 9.64
C ALA A 72 -9.79 4.84 9.56
N LEU A 73 -8.52 4.43 9.38
CA LEU A 73 -8.13 3.02 9.21
C LEU A 73 -8.37 2.20 10.50
N LYS A 74 -8.85 0.95 10.32
CA LYS A 74 -8.99 -0.05 11.40
C LYS A 74 -8.55 -1.44 10.88
N THR A 75 -8.12 -2.31 11.80
CA THR A 75 -7.76 -3.71 11.47
C THR A 75 -9.02 -4.51 11.05
N GLY A 76 -8.81 -5.56 10.26
CA GLY A 76 -9.92 -6.38 9.73
C GLY A 76 -10.50 -5.84 8.42
N ASN A 77 -10.10 -4.61 8.04
CA ASN A 77 -10.54 -3.97 6.77
C ASN A 77 -9.58 -4.33 5.64
N HIS A 78 -10.13 -4.64 4.45
CA HIS A 78 -9.32 -4.87 3.23
C HIS A 78 -9.04 -3.52 2.59
N VAL A 79 -7.75 -3.20 2.41
CA VAL A 79 -7.29 -1.89 1.96
C VAL A 79 -6.34 -2.03 0.77
N ASP A 80 -6.08 -0.90 0.12
CA ASP A 80 -5.02 -0.75 -0.88
C ASP A 80 -4.15 0.42 -0.43
N PHE A 81 -2.85 0.32 -0.65
CA PHE A 81 -1.86 1.25 -0.08
C PHE A 81 -0.63 1.39 -0.99
N SER A 82 0.31 2.24 -0.55
CA SER A 82 1.54 2.56 -1.26
C SER A 82 2.61 2.98 -0.22
N PHE A 83 3.85 2.52 -0.42
CA PHE A 83 4.97 2.74 0.50
C PHE A 83 6.27 2.86 -0.31
N ILE A 84 7.33 3.42 0.28
CA ILE A 84 8.66 3.48 -0.35
C ILE A 84 9.65 2.60 0.43
N GLN A 85 10.58 1.98 -0.32
CA GLN A 85 11.62 1.11 0.27
C GLN A 85 12.75 1.96 0.90
N GLN A 86 13.09 1.64 2.16
CA GLN A 86 14.17 2.31 2.91
C GLN A 86 15.10 1.23 3.51
N GLY A 87 15.95 0.66 2.64
CA GLY A 87 16.80 -0.47 3.03
C GLY A 87 15.99 -1.72 3.35
N ASN A 88 15.78 -1.97 4.65
CA ASN A 88 14.97 -3.10 5.15
C ASN A 88 13.60 -2.63 5.69
N ILE A 89 13.39 -1.29 5.70
CA ILE A 89 12.16 -0.67 6.19
C ILE A 89 11.16 -0.47 5.04
N SER A 90 9.87 -0.70 5.33
CA SER A 90 8.77 -0.36 4.43
C SER A 90 8.08 0.91 4.98
N LEU A 91 8.35 2.05 4.34
CA LEU A 91 7.91 3.36 4.84
C LEU A 91 6.59 3.76 4.14
N LEU A 92 5.46 3.54 4.85
CA LEU A 92 4.10 3.80 4.32
C LEU A 92 3.90 5.30 3.98
N LYS A 93 3.46 5.55 2.74
CA LYS A 93 3.22 6.91 2.21
C LYS A 93 1.73 7.23 2.18
N SER A 94 0.97 6.39 1.45
CA SER A 94 -0.45 6.64 1.14
C SER A 94 -1.22 5.33 1.29
N ILE A 95 -2.52 5.44 1.65
CA ILE A 95 -3.39 4.28 1.89
C ILE A 95 -4.86 4.71 1.73
N ASN A 96 -5.72 3.73 1.41
CA ASN A 96 -7.17 3.90 1.27
C ASN A 96 -7.86 2.56 1.53
N VAL A 97 -9.10 2.60 2.04
CA VAL A 97 -9.87 1.36 2.29
C VAL A 97 -10.70 1.02 1.04
N THR A 98 -10.42 -0.16 0.45
CA THR A 98 -11.11 -0.62 -0.79
C THR A 98 -12.35 -1.48 -0.43
N GLN A 99 -12.37 -2.00 0.81
CA GLN A 99 -13.52 -2.79 1.33
C GLN A 99 -13.61 -2.63 2.86
N SER A 100 -14.71 -2.04 3.32
CA SER A 100 -15.02 -1.87 4.74
C SER A 100 -16.33 -2.65 5.06
N GLY A 1 8.10 45.23 -10.87
CA GLY A 1 9.37 44.46 -10.99
C GLY A 1 9.20 43.11 -11.68
N ALA A 2 7.94 42.68 -11.88
CA ALA A 2 7.61 41.37 -12.47
C ALA A 2 6.57 41.55 -13.59
N MET A 3 7.01 41.45 -14.86
CA MET A 3 6.13 41.64 -16.05
C MET A 3 5.77 40.28 -16.69
N GLY A 4 6.71 39.32 -16.60
CA GLY A 4 6.60 38.02 -17.26
C GLY A 4 7.28 37.98 -18.62
N MET A 5 6.85 37.03 -19.48
CA MET A 5 7.42 36.78 -20.84
C MET A 5 8.90 36.32 -20.80
N LEU A 6 9.41 35.98 -19.59
CA LEU A 6 10.82 35.60 -19.39
C LEU A 6 10.97 34.07 -19.53
N LYS A 7 10.88 33.59 -20.79
CA LYS A 7 11.19 32.19 -21.12
C LYS A 7 12.72 32.03 -21.19
N HIS A 8 13.31 31.78 -20.01
CA HIS A 8 14.77 31.78 -19.80
C HIS A 8 15.38 30.37 -19.94
N ILE A 9 14.60 29.42 -20.49
CA ILE A 9 15.02 28.04 -20.74
C ILE A 9 16.03 28.01 -21.91
N SER A 10 17.32 28.15 -21.59
CA SER A 10 18.40 28.24 -22.59
C SER A 10 18.71 26.84 -23.15
N HIS A 11 18.91 25.88 -22.25
CA HIS A 11 19.30 24.49 -22.59
C HIS A 11 18.77 23.51 -21.51
N GLY A 12 19.09 22.22 -21.67
CA GLY A 12 18.68 21.17 -20.73
C GLY A 12 17.21 20.76 -20.88
N ASP A 13 16.63 21.14 -22.02
CA ASP A 13 15.22 20.84 -22.35
C ASP A 13 15.19 19.75 -23.44
N MET A 14 14.88 18.51 -23.00
CA MET A 14 14.76 17.34 -23.88
C MET A 14 13.28 17.14 -24.27
N ASN A 15 12.99 17.08 -25.58
CA ASN A 15 11.62 16.85 -26.09
C ASN A 15 11.35 15.33 -26.20
N ALA A 16 12.23 14.64 -26.95
CA ALA A 16 12.09 13.20 -27.21
C ALA A 16 12.49 12.38 -25.97
N ALA A 17 11.51 11.72 -25.33
CA ALA A 17 11.74 10.87 -24.14
C ALA A 17 10.87 9.62 -24.20
N SER A 18 11.50 8.43 -24.16
CA SER A 18 10.80 7.12 -24.17
C SER A 18 10.47 6.67 -22.72
N ASP A 19 11.31 7.10 -21.76
CA ASP A 19 11.17 6.72 -20.33
C ASP A 19 11.61 7.89 -19.43
N ALA A 20 11.02 7.96 -18.22
CA ALA A 20 11.33 8.98 -17.23
C ALA A 20 11.10 8.42 -15.82
N SER A 21 9.84 8.04 -15.52
CA SER A 21 9.42 7.48 -14.23
C SER A 21 8.15 6.62 -14.43
N VAL A 22 8.33 5.31 -14.70
CA VAL A 22 7.21 4.36 -14.89
C VAL A 22 6.53 4.09 -13.53
N GLN A 23 7.35 3.86 -12.49
CA GLN A 23 6.88 3.66 -11.12
C GLN A 23 7.94 4.18 -10.15
N GLN A 24 7.58 5.17 -9.32
CA GLN A 24 8.46 5.69 -8.26
C GLN A 24 8.11 5.01 -6.93
N VAL A 25 6.88 5.24 -6.46
CA VAL A 25 6.35 4.65 -5.22
C VAL A 25 5.79 3.24 -5.51
N ILE A 26 6.11 2.28 -4.65
CA ILE A 26 5.69 0.88 -4.80
C ILE A 26 4.25 0.71 -4.30
N LYS A 27 3.34 0.28 -5.18
CA LYS A 27 1.93 0.02 -4.81
C LYS A 27 1.73 -1.44 -4.38
N GLY A 28 0.80 -1.64 -3.44
CA GLY A 28 0.41 -2.96 -2.95
C GLY A 28 -1.02 -2.99 -2.42
N THR A 29 -1.46 -4.15 -1.91
CA THR A 29 -2.81 -4.33 -1.34
C THR A 29 -2.81 -5.51 -0.36
N GLY A 30 -3.79 -5.53 0.56
CA GLY A 30 -3.90 -6.57 1.60
C GLY A 30 -4.78 -6.11 2.77
N ILE A 31 -5.01 -7.01 3.75
CA ILE A 31 -5.95 -6.75 4.87
C ILE A 31 -5.17 -6.29 6.10
N VAL A 32 -5.55 -5.12 6.68
CA VAL A 32 -4.92 -4.60 7.91
C VAL A 32 -5.10 -5.60 9.07
N LYS A 33 -4.02 -5.79 9.82
CA LYS A 33 -3.92 -6.74 10.94
C LYS A 33 -3.78 -6.00 12.27
N ASP A 34 -3.14 -4.83 12.23
CA ASP A 34 -2.86 -4.03 13.42
C ASP A 34 -2.46 -2.61 13.02
N ILE A 35 -2.81 -1.63 13.86
CA ILE A 35 -2.37 -0.24 13.72
C ILE A 35 -1.67 0.16 15.03
N ASP A 36 -0.34 0.26 14.98
CA ASP A 36 0.50 0.60 16.15
C ASP A 36 0.99 2.06 16.00
N MET A 37 0.14 3.02 16.34
CA MET A 37 0.48 4.45 16.19
C MET A 37 1.67 4.85 17.10
N ASN A 38 1.79 4.17 18.28
CA ASN A 38 2.85 4.46 19.29
C ASN A 38 4.27 4.40 18.67
N SER A 39 4.56 3.32 17.93
CA SER A 39 5.85 3.14 17.24
C SER A 39 5.74 3.53 15.74
N LYS A 40 4.57 4.07 15.35
CA LYS A 40 4.25 4.49 13.97
C LYS A 40 4.36 3.32 12.95
N LYS A 41 3.83 2.14 13.34
CA LYS A 41 3.75 0.96 12.47
C LYS A 41 2.29 0.66 12.15
N ILE A 42 2.03 0.03 11.00
CA ILE A 42 0.71 -0.55 10.66
C ILE A 42 0.94 -1.95 10.08
N THR A 43 0.62 -2.98 10.86
CA THR A 43 0.77 -4.36 10.43
C THR A 43 -0.36 -4.71 9.48
N ILE A 44 -0.02 -5.15 8.26
CA ILE A 44 -0.98 -5.46 7.20
C ILE A 44 -0.56 -6.78 6.52
N SER A 45 -1.50 -7.73 6.42
CA SER A 45 -1.30 -8.96 5.65
C SER A 45 -1.46 -8.61 4.16
N HIS A 46 -0.33 -8.45 3.47
CA HIS A 46 -0.34 -8.00 2.08
C HIS A 46 -0.12 -9.19 1.14
N GLU A 47 -0.59 -9.03 -0.10
CA GLU A 47 -0.56 -10.06 -1.13
C GLU A 47 0.80 -10.10 -1.82
N ALA A 48 0.92 -10.91 -2.89
CA ALA A 48 2.10 -10.91 -3.75
C ALA A 48 2.22 -9.52 -4.43
N ILE A 49 3.16 -8.70 -3.93
CA ILE A 49 3.48 -7.38 -4.49
C ILE A 49 4.70 -7.52 -5.43
N PRO A 50 4.49 -7.69 -6.78
CA PRO A 50 5.59 -7.86 -7.76
C PRO A 50 6.35 -6.54 -8.03
N ALA A 51 5.76 -5.40 -7.61
CA ALA A 51 6.37 -4.06 -7.76
C ALA A 51 7.68 -3.95 -6.94
N VAL A 52 7.67 -4.56 -5.74
CA VAL A 52 8.89 -4.69 -4.90
C VAL A 52 9.47 -6.10 -5.02
N GLY A 53 8.60 -7.07 -5.38
CA GLY A 53 8.99 -8.47 -5.51
C GLY A 53 8.89 -9.22 -4.18
N TRP A 54 7.88 -8.89 -3.36
CA TRP A 54 7.61 -9.60 -2.08
C TRP A 54 6.35 -10.47 -2.24
N PRO A 55 6.34 -11.71 -1.63
CA PRO A 55 5.16 -12.61 -1.67
C PRO A 55 4.05 -12.20 -0.68
N ALA A 56 3.00 -13.03 -0.61
CA ALA A 56 1.89 -12.86 0.34
C ALA A 56 2.37 -13.14 1.77
N MET A 57 2.52 -12.08 2.57
CA MET A 57 3.01 -12.14 3.96
C MET A 57 2.39 -11.03 4.81
N THR A 58 2.29 -11.26 6.12
CA THR A 58 1.90 -10.23 7.08
C THR A 58 3.15 -9.45 7.53
N MET A 59 3.20 -8.16 7.20
CA MET A 59 4.33 -7.28 7.52
C MET A 59 3.83 -5.91 7.94
N ARG A 60 4.58 -5.22 8.82
CA ARG A 60 4.21 -3.86 9.26
C ARG A 60 4.96 -2.79 8.46
N PHE A 61 4.23 -1.69 8.20
CA PHE A 61 4.69 -0.55 7.38
C PHE A 61 4.81 0.69 8.30
N THR A 62 5.99 1.33 8.28
CA THR A 62 6.28 2.51 9.12
C THR A 62 5.78 3.79 8.43
N PHE A 63 4.90 4.56 9.10
CA PHE A 63 4.39 5.85 8.59
C PHE A 63 5.08 7.03 9.32
N VAL A 64 5.00 8.23 8.70
CA VAL A 64 5.58 9.46 9.26
C VAL A 64 4.58 10.19 10.18
N ASN A 65 3.28 10.11 9.83
CA ASN A 65 2.19 10.79 10.56
C ASN A 65 0.88 10.06 10.30
N ALA A 66 0.07 9.90 11.36
CA ALA A 66 -1.27 9.31 11.26
C ALA A 66 -2.25 10.36 10.71
N ASP A 67 -2.33 10.44 9.37
CA ASP A 67 -3.27 11.34 8.66
C ASP A 67 -4.67 10.73 8.63
N ASP A 68 -5.61 11.45 7.95
CA ASP A 68 -7.07 11.12 7.90
C ASP A 68 -7.31 9.66 7.48
N ALA A 69 -6.45 9.17 6.58
CA ALA A 69 -6.46 7.78 6.09
C ALA A 69 -6.27 6.78 7.25
N ILE A 70 -5.20 6.98 8.01
CA ILE A 70 -4.79 6.12 9.13
C ILE A 70 -5.73 6.29 10.35
N ASN A 71 -6.33 7.50 10.44
CA ASN A 71 -7.28 7.85 11.51
C ASN A 71 -8.67 7.26 11.23
N ALA A 72 -9.00 7.08 9.93
CA ALA A 72 -10.24 6.42 9.49
C ALA A 72 -10.00 4.91 9.24
N LEU A 73 -8.71 4.52 9.15
CA LEU A 73 -8.28 3.12 8.97
C LEU A 73 -8.64 2.27 10.20
N LYS A 74 -9.00 1.00 9.93
CA LYS A 74 -9.28 0.00 10.97
C LYS A 74 -8.68 -1.35 10.55
N THR A 75 -8.29 -2.17 11.54
CA THR A 75 -7.89 -3.57 11.31
C THR A 75 -9.12 -4.38 10.86
N GLY A 76 -8.89 -5.33 9.94
CA GLY A 76 -9.96 -6.14 9.35
C GLY A 76 -10.38 -5.65 7.97
N ASN A 77 -9.96 -4.43 7.61
CA ASN A 77 -10.29 -3.81 6.30
C ASN A 77 -9.24 -4.20 5.27
N HIS A 78 -9.70 -4.76 4.14
CA HIS A 78 -8.85 -5.00 2.97
C HIS A 78 -8.62 -3.65 2.27
N VAL A 79 -7.40 -3.15 2.36
CA VAL A 79 -7.01 -1.84 1.84
C VAL A 79 -5.98 -1.99 0.73
N ASP A 80 -5.85 -0.94 -0.09
CA ASP A 80 -4.72 -0.75 -0.99
C ASP A 80 -3.82 0.33 -0.36
N PHE A 81 -2.53 0.28 -0.68
CA PHE A 81 -1.54 1.21 -0.12
C PHE A 81 -0.41 1.42 -1.11
N SER A 82 0.49 2.34 -0.76
CA SER A 82 1.68 2.64 -1.54
C SER A 82 2.78 3.07 -0.56
N PHE A 83 3.95 2.47 -0.69
CA PHE A 83 5.09 2.66 0.20
C PHE A 83 6.37 2.76 -0.63
N ILE A 84 7.46 3.18 0.01
CA ILE A 84 8.80 3.21 -0.61
C ILE A 84 9.79 2.42 0.26
N GLN A 85 10.75 1.78 -0.38
CA GLN A 85 11.80 1.00 0.29
C GLN A 85 12.89 1.94 0.87
N GLN A 86 12.88 2.09 2.19
CA GLN A 86 13.94 2.79 2.94
C GLN A 86 14.84 1.72 3.58
N GLY A 87 15.87 1.32 2.81
CA GLY A 87 16.79 0.26 3.21
C GLY A 87 16.08 -1.09 3.22
N ASN A 88 15.69 -1.54 4.41
CA ASN A 88 14.88 -2.76 4.60
C ASN A 88 13.45 -2.39 5.06
N ILE A 89 13.30 -1.16 5.58
CA ILE A 89 12.04 -0.68 6.20
C ILE A 89 11.09 -0.15 5.12
N SER A 90 9.81 -0.56 5.19
CA SER A 90 8.77 -0.13 4.27
C SER A 90 8.11 1.16 4.80
N LEU A 91 8.46 2.30 4.18
CA LEU A 91 7.96 3.62 4.59
C LEU A 91 6.65 3.92 3.85
N LEU A 92 5.52 3.76 4.56
CA LEU A 92 4.17 4.00 4.04
C LEU A 92 3.99 5.46 3.61
N LYS A 93 3.77 5.66 2.28
CA LYS A 93 3.58 6.98 1.68
C LYS A 93 2.11 7.43 1.74
N SER A 94 1.22 6.50 1.35
CA SER A 94 -0.23 6.75 1.27
C SER A 94 -0.97 5.42 1.43
N ILE A 95 -2.22 5.48 1.92
CA ILE A 95 -3.05 4.28 2.14
C ILE A 95 -4.55 4.64 2.02
N ASN A 96 -5.30 3.80 1.27
CA ASN A 96 -6.75 3.99 1.03
C ASN A 96 -7.47 2.63 1.18
N VAL A 97 -8.69 2.65 1.74
CA VAL A 97 -9.50 1.43 1.89
C VAL A 97 -10.17 1.09 0.54
N THR A 98 -10.15 -0.19 0.15
CA THR A 98 -10.77 -0.65 -1.12
C THR A 98 -11.93 -1.63 -0.83
N GLN A 99 -11.91 -2.26 0.35
CA GLN A 99 -12.90 -3.27 0.75
C GLN A 99 -13.01 -3.30 2.30
N SER A 100 -14.26 -3.35 2.79
CA SER A 100 -14.57 -3.44 4.23
C SER A 100 -15.44 -4.70 4.46
N GLY A 1 -20.99 38.91 -14.02
CA GLY A 1 -19.68 38.37 -14.43
C GLY A 1 -19.13 39.08 -15.67
N ALA A 2 -18.26 38.39 -16.42
CA ALA A 2 -17.66 38.89 -17.68
C ALA A 2 -17.93 37.88 -18.81
N MET A 3 -18.83 38.25 -19.74
CA MET A 3 -19.34 37.35 -20.80
C MET A 3 -18.22 37.05 -21.83
N GLY A 4 -17.64 35.84 -21.70
CA GLY A 4 -16.56 35.38 -22.59
C GLY A 4 -17.06 34.40 -23.64
N MET A 5 -16.22 33.41 -24.02
CA MET A 5 -16.58 32.41 -25.04
C MET A 5 -15.74 31.13 -24.82
N LEU A 6 -14.44 31.19 -25.18
CA LEU A 6 -13.52 30.05 -25.02
C LEU A 6 -12.97 30.00 -23.58
N LYS A 7 -13.44 29.00 -22.83
CA LYS A 7 -12.93 28.69 -21.48
C LYS A 7 -11.64 27.88 -21.59
N HIS A 8 -10.53 28.60 -21.82
CA HIS A 8 -9.19 28.02 -21.86
C HIS A 8 -8.66 27.81 -20.43
N ILE A 9 -7.92 26.71 -20.22
CA ILE A 9 -7.34 26.38 -18.92
C ILE A 9 -5.97 27.05 -18.80
N SER A 10 -5.09 26.71 -19.77
CA SER A 10 -3.73 27.27 -19.90
C SER A 10 -3.68 28.19 -21.13
N HIS A 11 -3.66 29.52 -20.89
CA HIS A 11 -3.63 30.54 -21.96
C HIS A 11 -2.19 30.72 -22.48
N GLY A 12 -1.36 31.42 -21.70
CA GLY A 12 0.06 31.62 -22.02
C GLY A 12 0.93 30.65 -21.26
N ASP A 13 0.82 29.37 -21.62
CA ASP A 13 1.47 28.27 -20.88
C ASP A 13 1.78 27.09 -21.83
N MET A 14 2.96 26.49 -21.67
CA MET A 14 3.43 25.34 -22.46
C MET A 14 4.50 24.61 -21.64
N ASN A 15 4.04 23.66 -20.79
CA ASN A 15 4.90 22.89 -19.88
C ASN A 15 5.81 21.94 -20.69
N ALA A 16 7.10 22.25 -20.69
CA ALA A 16 8.14 21.50 -21.40
C ALA A 16 9.47 21.65 -20.64
N ALA A 17 9.69 20.76 -19.65
CA ALA A 17 10.89 20.79 -18.79
C ALA A 17 12.04 19.98 -19.42
N SER A 18 13.27 20.26 -18.94
CA SER A 18 14.51 19.63 -19.44
C SER A 18 14.54 18.11 -19.13
N ASP A 19 13.88 17.74 -18.01
CA ASP A 19 13.79 16.37 -17.51
C ASP A 19 12.56 16.22 -16.60
N ALA A 20 12.33 14.98 -16.12
CA ALA A 20 11.30 14.65 -15.13
C ALA A 20 11.70 13.36 -14.41
N SER A 21 11.91 13.45 -13.08
CA SER A 21 12.27 12.30 -12.24
C SER A 21 11.01 11.56 -11.79
N VAL A 22 10.96 10.24 -12.06
CA VAL A 22 9.87 9.35 -11.61
C VAL A 22 10.32 8.63 -10.33
N GLN A 23 9.64 8.93 -9.22
CA GLN A 23 9.89 8.26 -7.92
C GLN A 23 9.17 6.89 -7.90
N GLN A 24 9.87 5.87 -7.36
CA GLN A 24 9.35 4.48 -7.28
C GLN A 24 8.32 4.35 -6.13
N VAL A 25 7.09 4.85 -6.35
CA VAL A 25 5.99 4.62 -5.40
C VAL A 25 5.44 3.21 -5.64
N ILE A 26 5.80 2.32 -4.71
CA ILE A 26 5.48 0.90 -4.74
C ILE A 26 4.09 0.69 -4.14
N LYS A 27 3.11 0.34 -4.96
CA LYS A 27 1.72 0.19 -4.51
C LYS A 27 1.35 -1.29 -4.36
N GLY A 28 0.43 -1.58 -3.44
CA GLY A 28 -0.04 -2.94 -3.17
C GLY A 28 -1.41 -2.93 -2.51
N THR A 29 -1.88 -4.11 -2.10
CA THR A 29 -3.17 -4.28 -1.41
C THR A 29 -3.05 -5.43 -0.39
N GLY A 30 -4.00 -5.49 0.55
CA GLY A 30 -4.02 -6.52 1.59
C GLY A 30 -4.86 -6.11 2.79
N ILE A 31 -5.04 -7.01 3.76
CA ILE A 31 -5.92 -6.78 4.91
C ILE A 31 -5.08 -6.29 6.08
N VAL A 32 -5.47 -5.14 6.65
CA VAL A 32 -4.82 -4.58 7.84
C VAL A 32 -4.94 -5.57 9.00
N LYS A 33 -3.80 -5.91 9.58
CA LYS A 33 -3.67 -6.95 10.59
C LYS A 33 -3.52 -6.32 12.00
N ASP A 34 -3.01 -5.08 12.04
CA ASP A 34 -2.79 -4.31 13.28
C ASP A 34 -2.38 -2.87 12.93
N ILE A 35 -2.73 -1.91 13.80
CA ILE A 35 -2.32 -0.50 13.68
C ILE A 35 -1.66 -0.05 15.00
N ASP A 36 -0.36 0.19 14.95
CA ASP A 36 0.42 0.73 16.08
C ASP A 36 0.85 2.15 15.73
N MET A 37 0.02 3.15 16.12
CA MET A 37 0.32 4.57 15.82
C MET A 37 1.53 5.07 16.63
N ASN A 38 1.67 4.55 17.88
CA ASN A 38 2.75 4.93 18.83
C ASN A 38 4.17 4.80 18.19
N SER A 39 4.43 3.62 17.62
CA SER A 39 5.69 3.31 16.93
C SER A 39 5.58 3.54 15.41
N LYS A 40 4.42 4.08 14.98
CA LYS A 40 4.12 4.41 13.56
C LYS A 40 4.17 3.17 12.63
N LYS A 41 3.88 1.98 13.18
CA LYS A 41 3.93 0.72 12.42
C LYS A 41 2.50 0.25 12.18
N ILE A 42 2.16 -0.08 10.93
CA ILE A 42 0.84 -0.66 10.60
C ILE A 42 1.08 -2.04 9.98
N THR A 43 0.81 -3.09 10.78
CA THR A 43 0.98 -4.47 10.33
C THR A 43 -0.19 -4.83 9.43
N ILE A 44 0.10 -5.14 8.17
CA ILE A 44 -0.89 -5.46 7.14
C ILE A 44 -0.50 -6.79 6.48
N SER A 45 -1.43 -7.76 6.45
CA SER A 45 -1.28 -8.98 5.67
C SER A 45 -1.46 -8.59 4.19
N HIS A 46 -0.33 -8.39 3.48
CA HIS A 46 -0.34 -7.86 2.12
C HIS A 46 -0.07 -8.96 1.09
N GLU A 47 -0.54 -8.71 -0.14
CA GLU A 47 -0.47 -9.65 -1.28
C GLU A 47 0.92 -9.67 -1.92
N ALA A 48 1.06 -10.48 -2.98
CA ALA A 48 2.24 -10.50 -3.83
C ALA A 48 2.39 -9.15 -4.57
N ILE A 49 3.21 -8.27 -3.98
CA ILE A 49 3.56 -6.97 -4.57
C ILE A 49 4.83 -7.15 -5.43
N PRO A 50 4.69 -7.20 -6.80
CA PRO A 50 5.84 -7.41 -7.72
C PRO A 50 6.77 -6.17 -7.81
N ALA A 51 6.19 -4.99 -7.53
CA ALA A 51 6.89 -3.69 -7.62
C ALA A 51 8.06 -3.58 -6.62
N VAL A 52 7.97 -4.37 -5.53
CA VAL A 52 9.05 -4.49 -4.53
C VAL A 52 9.61 -5.93 -4.55
N GLY A 53 8.77 -6.89 -4.96
CA GLY A 53 9.14 -8.30 -5.02
C GLY A 53 8.91 -9.04 -3.72
N TRP A 54 7.83 -8.69 -3.00
CA TRP A 54 7.45 -9.35 -1.74
C TRP A 54 6.13 -10.12 -1.95
N PRO A 55 6.11 -11.48 -1.68
CA PRO A 55 4.89 -12.31 -1.86
C PRO A 55 3.78 -12.02 -0.81
N ALA A 56 2.75 -12.89 -0.75
CA ALA A 56 1.67 -12.82 0.23
C ALA A 56 2.24 -13.10 1.64
N MET A 57 2.47 -12.02 2.40
CA MET A 57 3.05 -12.07 3.76
C MET A 57 2.46 -10.95 4.64
N THR A 58 2.42 -11.20 5.95
CA THR A 58 2.07 -10.18 6.94
C THR A 58 3.34 -9.39 7.32
N MET A 59 3.30 -8.06 7.13
CA MET A 59 4.43 -7.17 7.42
C MET A 59 3.93 -5.79 7.83
N ARG A 60 4.67 -5.09 8.69
CA ARG A 60 4.30 -3.73 9.13
C ARG A 60 4.98 -2.65 8.27
N PHE A 61 4.28 -1.50 8.14
CA PHE A 61 4.70 -0.36 7.33
C PHE A 61 4.84 0.88 8.25
N THR A 62 6.01 1.54 8.19
CA THR A 62 6.30 2.73 9.01
C THR A 62 5.83 4.00 8.27
N PHE A 63 4.98 4.81 8.93
CA PHE A 63 4.50 6.09 8.38
C PHE A 63 5.21 7.26 9.09
N VAL A 64 5.27 8.42 8.41
CA VAL A 64 5.88 9.66 8.96
C VAL A 64 4.91 10.40 9.89
N ASN A 65 3.60 10.28 9.60
CA ASN A 65 2.54 11.00 10.32
C ASN A 65 1.21 10.28 10.09
N ALA A 66 0.40 10.17 11.15
CA ALA A 66 -0.93 9.54 11.09
C ALA A 66 -1.87 10.39 10.24
N ASP A 67 -2.13 9.93 9.00
CA ASP A 67 -2.97 10.64 8.02
C ASP A 67 -4.46 10.48 8.37
N ASP A 68 -5.28 11.14 7.57
CA ASP A 68 -6.75 11.05 7.65
C ASP A 68 -7.21 9.60 7.43
N ALA A 69 -6.56 8.95 6.45
CA ALA A 69 -6.86 7.56 6.07
C ALA A 69 -6.35 6.58 7.13
N ILE A 70 -5.15 6.89 7.69
CA ILE A 70 -4.53 6.10 8.78
C ILE A 70 -5.38 6.21 10.08
N ASN A 71 -6.01 7.37 10.29
CA ASN A 71 -6.89 7.59 11.46
C ASN A 71 -8.20 6.81 11.26
N ALA A 72 -8.75 6.91 10.04
CA ALA A 72 -10.01 6.23 9.66
C ALA A 72 -9.80 4.73 9.34
N LEU A 73 -8.52 4.33 9.25
CA LEU A 73 -8.12 2.93 9.02
C LEU A 73 -8.54 2.04 10.21
N LYS A 74 -8.73 0.74 9.93
CA LYS A 74 -9.11 -0.26 10.93
C LYS A 74 -8.57 -1.65 10.50
N THR A 75 -8.18 -2.47 11.50
CA THR A 75 -7.79 -3.88 11.26
C THR A 75 -9.03 -4.71 10.91
N GLY A 76 -8.86 -5.65 9.98
CA GLY A 76 -9.95 -6.42 9.41
C GLY A 76 -10.41 -5.88 8.07
N ASN A 77 -10.00 -4.63 7.74
CA ASN A 77 -10.34 -3.98 6.46
C ASN A 77 -9.32 -4.38 5.39
N HIS A 78 -9.82 -4.80 4.22
CA HIS A 78 -9.00 -5.02 3.04
C HIS A 78 -8.75 -3.65 2.35
N VAL A 79 -7.51 -3.18 2.41
CA VAL A 79 -7.12 -1.84 1.93
C VAL A 79 -6.09 -1.93 0.81
N ASP A 80 -6.09 -0.91 -0.05
CA ASP A 80 -4.97 -0.61 -0.94
C ASP A 80 -3.99 0.28 -0.16
N PHE A 81 -2.74 0.37 -0.62
CA PHE A 81 -1.73 1.26 -0.04
C PHE A 81 -0.60 1.51 -1.04
N SER A 82 0.34 2.35 -0.60
CA SER A 82 1.50 2.76 -1.38
C SER A 82 2.63 3.10 -0.40
N PHE A 83 3.84 2.68 -0.74
CA PHE A 83 5.01 2.81 0.13
C PHE A 83 6.27 2.83 -0.75
N ILE A 84 7.43 3.05 -0.14
CA ILE A 84 8.74 2.82 -0.78
C ILE A 84 9.61 1.96 0.16
N GLN A 85 10.55 1.22 -0.41
CA GLN A 85 11.51 0.41 0.38
C GLN A 85 12.70 1.29 0.79
N GLN A 86 13.08 1.21 2.07
CA GLN A 86 14.23 1.92 2.65
C GLN A 86 15.00 0.94 3.55
N GLY A 87 15.80 0.07 2.91
CA GLY A 87 16.56 -0.96 3.63
C GLY A 87 15.64 -1.99 4.31
N ASN A 88 15.45 -1.83 5.63
CA ASN A 88 14.54 -2.70 6.43
C ASN A 88 13.18 -2.01 6.69
N ILE A 89 13.15 -0.69 6.51
CA ILE A 89 11.94 0.12 6.74
C ILE A 89 11.12 0.22 5.45
N SER A 90 9.86 -0.23 5.51
CA SER A 90 8.88 0.00 4.43
C SER A 90 8.11 1.29 4.76
N LEU A 91 8.47 2.40 4.08
CA LEU A 91 7.93 3.73 4.40
C LEU A 91 6.59 3.96 3.68
N LEU A 92 5.49 3.83 4.43
CA LEU A 92 4.12 4.03 3.93
C LEU A 92 3.91 5.49 3.47
N LYS A 93 3.72 5.67 2.14
CA LYS A 93 3.39 6.97 1.53
C LYS A 93 1.93 7.34 1.83
N SER A 94 1.01 6.47 1.39
CA SER A 94 -0.44 6.66 1.53
C SER A 94 -1.14 5.29 1.62
N ILE A 95 -2.41 5.32 2.02
CA ILE A 95 -3.21 4.10 2.22
C ILE A 95 -4.70 4.45 2.02
N ASN A 96 -5.46 3.53 1.38
CA ASN A 96 -6.87 3.75 1.00
C ASN A 96 -7.69 2.51 1.37
N VAL A 97 -8.75 2.69 2.15
CA VAL A 97 -9.67 1.59 2.49
C VAL A 97 -10.57 1.31 1.29
N THR A 98 -10.37 0.15 0.65
CA THR A 98 -11.10 -0.26 -0.58
C THR A 98 -12.22 -1.26 -0.23
N GLN A 99 -12.15 -1.78 1.00
CA GLN A 99 -13.09 -2.77 1.53
C GLN A 99 -12.97 -2.81 3.06
N SER A 100 -14.12 -2.88 3.76
CA SER A 100 -14.18 -2.99 5.21
C SER A 100 -14.49 -4.47 5.58
N GLY A 1 40.44 -5.28 -30.95
CA GLY A 1 40.47 -5.03 -32.41
C GLY A 1 39.74 -6.12 -33.18
N ALA A 2 38.42 -5.95 -33.35
CA ALA A 2 37.56 -6.91 -34.07
C ALA A 2 37.70 -6.74 -35.60
N MET A 3 37.45 -5.49 -36.06
CA MET A 3 37.62 -5.03 -37.46
C MET A 3 36.57 -5.64 -38.42
N GLY A 4 36.61 -6.98 -38.62
CA GLY A 4 35.68 -7.67 -39.51
C GLY A 4 34.33 -7.96 -38.84
N MET A 5 33.78 -9.17 -39.10
CA MET A 5 32.49 -9.58 -38.56
C MET A 5 32.63 -10.09 -37.12
N LEU A 6 32.18 -9.28 -36.16
CA LEU A 6 31.98 -9.69 -34.76
C LEU A 6 30.47 -9.65 -34.49
N LYS A 7 29.83 -10.81 -34.53
CA LYS A 7 28.38 -10.94 -34.34
C LYS A 7 28.08 -11.37 -32.89
N HIS A 8 27.78 -10.37 -32.05
CA HIS A 8 27.28 -10.59 -30.69
C HIS A 8 25.80 -11.02 -30.79
N ILE A 9 25.44 -12.13 -30.12
CA ILE A 9 24.11 -12.77 -30.27
C ILE A 9 23.00 -11.83 -29.76
N SER A 10 23.36 -11.02 -28.72
CA SER A 10 22.49 -9.97 -28.15
C SER A 10 21.17 -10.56 -27.62
N HIS A 11 21.31 -11.69 -26.91
CA HIS A 11 20.17 -12.49 -26.37
C HIS A 11 19.51 -11.82 -25.13
N GLY A 12 19.87 -10.55 -24.84
CA GLY A 12 19.31 -9.79 -23.73
C GLY A 12 17.97 -9.15 -24.07
N ASP A 13 16.99 -10.01 -24.38
CA ASP A 13 15.60 -9.56 -24.60
C ASP A 13 14.96 -9.32 -23.24
N MET A 14 15.09 -8.09 -22.75
CA MET A 14 14.66 -7.69 -21.42
C MET A 14 13.20 -7.25 -21.40
N ASN A 15 12.57 -7.36 -20.22
CA ASN A 15 11.29 -6.73 -19.93
C ASN A 15 11.54 -5.22 -19.73
N ALA A 16 11.48 -4.47 -20.85
CA ALA A 16 11.78 -3.03 -20.88
C ALA A 16 10.81 -2.24 -20.01
N ALA A 17 11.17 -2.10 -18.71
CA ALA A 17 10.38 -1.38 -17.72
C ALA A 17 10.42 0.13 -18.03
N SER A 18 9.35 0.64 -18.65
CA SER A 18 9.25 2.04 -19.07
C SER A 18 9.27 2.98 -17.86
N ASP A 19 10.15 4.01 -17.91
CA ASP A 19 10.25 5.04 -16.85
C ASP A 19 9.15 6.11 -17.05
N ALA A 20 7.89 5.67 -16.99
CA ALA A 20 6.72 6.55 -17.15
C ALA A 20 6.38 7.23 -15.82
N SER A 21 6.50 6.45 -14.74
CA SER A 21 6.31 6.95 -13.38
C SER A 21 7.54 7.77 -12.96
N VAL A 22 7.32 9.06 -12.63
CA VAL A 22 8.39 9.97 -12.20
C VAL A 22 8.81 9.68 -10.73
N GLN A 23 7.87 9.10 -9.97
CA GLN A 23 8.09 8.65 -8.58
C GLN A 23 7.75 7.16 -8.49
N GLN A 24 8.79 6.29 -8.49
CA GLN A 24 8.61 4.82 -8.44
C GLN A 24 8.28 4.35 -7.01
N VAL A 25 7.04 4.67 -6.58
CA VAL A 25 6.51 4.32 -5.26
C VAL A 25 5.81 2.95 -5.37
N ILE A 26 6.20 2.01 -4.50
CA ILE A 26 5.74 0.62 -4.54
C ILE A 26 4.28 0.53 -4.07
N LYS A 27 3.37 0.28 -5.00
CA LYS A 27 1.94 0.19 -4.73
C LYS A 27 1.54 -1.27 -4.52
N GLY A 28 0.75 -1.50 -3.47
CA GLY A 28 0.27 -2.83 -3.12
C GLY A 28 -1.04 -2.78 -2.37
N THR A 29 -1.54 -3.95 -1.98
CA THR A 29 -2.81 -4.10 -1.28
C THR A 29 -2.70 -5.23 -0.25
N GLY A 30 -3.67 -5.33 0.66
CA GLY A 30 -3.69 -6.36 1.69
C GLY A 30 -4.59 -5.99 2.86
N ILE A 31 -4.79 -6.96 3.76
CA ILE A 31 -5.71 -6.81 4.90
C ILE A 31 -4.92 -6.38 6.14
N VAL A 32 -5.37 -5.28 6.79
CA VAL A 32 -4.75 -4.77 8.02
C VAL A 32 -4.94 -5.79 9.16
N LYS A 33 -3.89 -5.97 9.96
CA LYS A 33 -3.85 -6.88 11.11
C LYS A 33 -3.71 -6.11 12.42
N ASP A 34 -3.11 -4.91 12.35
CA ASP A 34 -2.81 -4.10 13.54
C ASP A 34 -2.41 -2.68 13.10
N ILE A 35 -2.78 -1.67 13.89
CA ILE A 35 -2.32 -0.28 13.70
C ILE A 35 -1.68 0.18 15.03
N ASP A 36 -0.34 0.18 15.07
CA ASP A 36 0.44 0.61 16.24
C ASP A 36 0.93 2.03 15.99
N MET A 37 0.05 3.03 16.24
CA MET A 37 0.40 4.45 16.02
C MET A 37 1.53 4.88 16.96
N ASN A 38 1.57 4.28 18.16
CA ASN A 38 2.64 4.50 19.17
C ASN A 38 4.06 4.35 18.55
N SER A 39 4.28 3.22 17.86
CA SER A 39 5.56 2.92 17.17
C SER A 39 5.53 3.44 15.71
N LYS A 40 4.37 4.00 15.30
CA LYS A 40 4.07 4.43 13.91
C LYS A 40 4.17 3.27 12.89
N LYS A 41 3.88 2.04 13.35
CA LYS A 41 3.94 0.84 12.49
C LYS A 41 2.53 0.29 12.30
N ILE A 42 2.14 0.00 11.06
CA ILE A 42 0.82 -0.58 10.74
C ILE A 42 1.03 -1.98 10.19
N THR A 43 0.74 -3.00 11.01
CA THR A 43 0.91 -4.40 10.63
C THR A 43 -0.23 -4.80 9.70
N ILE A 44 0.12 -5.20 8.48
CA ILE A 44 -0.83 -5.51 7.39
C ILE A 44 -0.34 -6.78 6.70
N SER A 45 -1.24 -7.78 6.58
CA SER A 45 -1.01 -8.93 5.71
C SER A 45 -1.21 -8.46 4.27
N HIS A 46 -0.10 -8.23 3.56
CA HIS A 46 -0.14 -7.67 2.21
C HIS A 46 0.06 -8.79 1.19
N GLU A 47 -0.58 -8.62 0.04
CA GLU A 47 -0.62 -9.60 -1.04
C GLU A 47 0.71 -9.67 -1.81
N ALA A 48 0.75 -10.51 -2.85
CA ALA A 48 1.90 -10.61 -3.74
C ALA A 48 2.09 -9.30 -4.55
N ILE A 49 2.95 -8.41 -4.03
CA ILE A 49 3.27 -7.12 -4.68
C ILE A 49 4.43 -7.34 -5.69
N PRO A 50 4.13 -7.41 -7.03
CA PRO A 50 5.15 -7.68 -8.07
C PRO A 50 6.04 -6.47 -8.44
N ALA A 51 5.73 -5.28 -7.87
CA ALA A 51 6.55 -4.08 -8.05
C ALA A 51 7.91 -4.26 -7.37
N VAL A 52 7.85 -4.68 -6.09
CA VAL A 52 9.05 -4.98 -5.28
C VAL A 52 9.42 -6.48 -5.41
N GLY A 53 8.39 -7.32 -5.67
CA GLY A 53 8.57 -8.76 -5.80
C GLY A 53 8.40 -9.49 -4.47
N TRP A 54 7.52 -8.98 -3.59
CA TRP A 54 7.24 -9.60 -2.27
C TRP A 54 5.94 -10.40 -2.35
N PRO A 55 5.89 -11.67 -1.82
CA PRO A 55 4.66 -12.50 -1.81
C PRO A 55 3.67 -12.05 -0.71
N ALA A 56 2.59 -12.84 -0.53
CA ALA A 56 1.59 -12.61 0.51
C ALA A 56 2.20 -12.87 1.91
N MET A 57 2.60 -11.77 2.58
CA MET A 57 3.25 -11.82 3.91
C MET A 57 2.72 -10.69 4.81
N THR A 58 2.69 -10.96 6.12
CA THR A 58 2.30 -9.96 7.13
C THR A 58 3.53 -9.15 7.54
N MET A 59 3.47 -7.83 7.32
CA MET A 59 4.59 -6.92 7.59
C MET A 59 4.06 -5.57 8.08
N ARG A 60 4.82 -4.84 8.92
CA ARG A 60 4.38 -3.54 9.45
C ARG A 60 5.08 -2.35 8.77
N PHE A 61 4.25 -1.42 8.29
CA PHE A 61 4.65 -0.26 7.48
C PHE A 61 4.79 1.00 8.35
N THR A 62 5.95 1.65 8.27
CA THR A 62 6.27 2.86 9.03
C THR A 62 5.66 4.09 8.35
N PHE A 63 4.84 4.86 9.07
CA PHE A 63 4.31 6.15 8.57
C PHE A 63 5.00 7.31 9.31
N VAL A 64 5.04 8.49 8.68
CA VAL A 64 5.65 9.71 9.27
C VAL A 64 4.60 10.47 10.11
N ASN A 65 3.34 10.38 9.69
CA ASN A 65 2.21 11.13 10.28
C ASN A 65 0.92 10.34 10.02
N ALA A 66 0.09 10.19 11.07
CA ALA A 66 -1.18 9.46 10.98
C ALA A 66 -2.22 10.32 10.26
N ASP A 67 -2.40 10.05 8.96
CA ASP A 67 -3.31 10.81 8.09
C ASP A 67 -4.78 10.58 8.47
N ASP A 68 -5.67 11.26 7.73
CA ASP A 68 -7.13 11.04 7.81
C ASP A 68 -7.46 9.57 7.48
N ALA A 69 -6.74 9.05 6.46
CA ALA A 69 -6.90 7.66 5.99
C ALA A 69 -6.42 6.66 7.06
N ILE A 70 -5.27 6.96 7.69
CA ILE A 70 -4.68 6.12 8.76
C ILE A 70 -5.52 6.20 10.06
N ASN A 71 -6.17 7.35 10.27
CA ASN A 71 -7.03 7.58 11.45
C ASN A 71 -8.38 6.85 11.29
N ALA A 72 -8.86 6.80 10.04
CA ALA A 72 -10.12 6.12 9.66
C ALA A 72 -9.88 4.61 9.41
N LEU A 73 -8.61 4.25 9.14
CA LEU A 73 -8.16 2.87 8.90
C LEU A 73 -8.55 1.94 10.06
N LYS A 74 -8.83 0.67 9.73
CA LYS A 74 -9.21 -0.34 10.72
C LYS A 74 -8.64 -1.70 10.34
N THR A 75 -8.25 -2.48 11.37
CA THR A 75 -7.84 -3.88 11.21
C THR A 75 -9.04 -4.73 10.74
N GLY A 76 -8.74 -5.81 10.02
CA GLY A 76 -9.77 -6.65 9.37
C GLY A 76 -10.12 -6.17 7.96
N ASN A 77 -9.81 -4.89 7.65
CA ASN A 77 -10.17 -4.26 6.38
C ASN A 77 -9.10 -4.51 5.32
N HIS A 78 -9.54 -4.98 4.15
CA HIS A 78 -8.68 -5.12 2.96
C HIS A 78 -8.48 -3.74 2.33
N VAL A 79 -7.28 -3.18 2.48
CA VAL A 79 -6.95 -1.82 2.03
C VAL A 79 -5.85 -1.86 0.95
N ASP A 80 -5.85 -0.83 0.11
CA ASP A 80 -4.78 -0.60 -0.88
C ASP A 80 -3.85 0.52 -0.36
N PHE A 81 -2.63 0.61 -0.88
CA PHE A 81 -1.62 1.56 -0.37
C PHE A 81 -0.45 1.71 -1.36
N SER A 82 0.48 2.59 -0.99
CA SER A 82 1.74 2.84 -1.69
C SER A 82 2.80 3.24 -0.65
N PHE A 83 4.02 2.74 -0.83
CA PHE A 83 5.13 2.92 0.11
C PHE A 83 6.45 2.91 -0.66
N ILE A 84 7.51 3.43 -0.04
CA ILE A 84 8.88 3.35 -0.57
C ILE A 84 9.71 2.48 0.40
N GLN A 85 10.77 1.85 -0.14
CA GLN A 85 11.63 0.93 0.63
C GLN A 85 12.88 1.67 1.13
N GLN A 86 13.10 1.59 2.44
CA GLN A 86 14.28 2.16 3.12
C GLN A 86 15.03 1.01 3.80
N GLY A 87 15.80 0.27 2.98
CA GLY A 87 16.48 -0.94 3.43
C GLY A 87 15.48 -2.06 3.72
N ASN A 88 15.21 -2.32 5.01
CA ASN A 88 14.19 -3.31 5.44
C ASN A 88 12.91 -2.61 5.92
N ILE A 89 12.97 -1.27 6.06
CA ILE A 89 11.86 -0.46 6.58
C ILE A 89 10.98 0.03 5.43
N SER A 90 9.74 -0.44 5.38
CA SER A 90 8.77 -0.03 4.37
C SER A 90 8.07 1.25 4.85
N LEU A 91 8.48 2.39 4.28
CA LEU A 91 7.99 3.71 4.67
C LEU A 91 6.74 4.07 3.85
N LEU A 92 5.57 3.89 4.51
CA LEU A 92 4.24 4.16 3.93
C LEU A 92 4.12 5.63 3.48
N LYS A 93 3.72 5.82 2.21
CA LYS A 93 3.54 7.15 1.60
C LYS A 93 2.07 7.57 1.60
N SER A 94 1.21 6.65 1.16
CA SER A 94 -0.24 6.87 1.07
C SER A 94 -0.98 5.55 1.29
N ILE A 95 -2.26 5.64 1.71
CA ILE A 95 -3.10 4.47 1.99
C ILE A 95 -4.59 4.84 1.82
N ASN A 96 -5.37 3.87 1.33
CA ASN A 96 -6.81 4.01 1.03
C ASN A 96 -7.51 2.67 1.30
N VAL A 97 -8.72 2.71 1.86
CA VAL A 97 -9.50 1.49 2.14
C VAL A 97 -10.27 1.08 0.87
N THR A 98 -9.96 -0.11 0.31
CA THR A 98 -10.57 -0.60 -0.93
C THR A 98 -11.75 -1.56 -0.63
N GLN A 99 -11.78 -2.13 0.60
CA GLN A 99 -12.77 -3.15 1.00
C GLN A 99 -12.84 -3.26 2.54
N SER A 100 -14.06 -3.38 3.08
CA SER A 100 -14.30 -3.57 4.53
C SER A 100 -14.13 -5.07 4.89
N GLY A 1 -12.32 -8.71 -14.93
CA GLY A 1 -11.88 -9.89 -14.14
C GLY A 1 -11.48 -11.05 -15.05
N ALA A 2 -10.35 -11.71 -14.72
CA ALA A 2 -9.80 -12.83 -15.50
C ALA A 2 -8.88 -13.68 -14.59
N MET A 3 -9.35 -14.89 -14.23
CA MET A 3 -8.57 -15.84 -13.41
C MET A 3 -7.66 -16.67 -14.35
N GLY A 4 -6.58 -16.02 -14.83
CA GLY A 4 -5.68 -16.61 -15.82
C GLY A 4 -6.07 -16.17 -17.23
N MET A 5 -5.25 -15.29 -17.84
CA MET A 5 -5.54 -14.72 -19.18
C MET A 5 -4.94 -15.59 -20.30
N LEU A 6 -5.73 -16.60 -20.75
CA LEU A 6 -5.39 -17.42 -21.92
C LEU A 6 -5.76 -16.67 -23.22
N LYS A 7 -5.06 -16.99 -24.32
CA LYS A 7 -5.23 -16.32 -25.65
C LYS A 7 -4.82 -14.83 -25.61
N HIS A 8 -4.09 -14.44 -24.56
CA HIS A 8 -3.59 -13.06 -24.38
C HIS A 8 -2.19 -12.95 -25.02
N ILE A 9 -2.12 -12.32 -26.20
CA ILE A 9 -0.85 -12.03 -26.88
C ILE A 9 -0.23 -10.76 -26.25
N SER A 10 0.84 -10.94 -25.47
CA SER A 10 1.62 -9.84 -24.89
C SER A 10 3.09 -10.02 -25.29
N HIS A 11 3.62 -9.05 -26.05
CA HIS A 11 5.07 -8.97 -26.38
C HIS A 11 5.87 -8.49 -25.15
N GLY A 12 5.17 -7.74 -24.27
CA GLY A 12 5.75 -7.19 -23.04
C GLY A 12 4.94 -6.00 -22.55
N ASP A 13 5.44 -5.31 -21.50
CA ASP A 13 4.84 -4.06 -21.02
C ASP A 13 5.13 -2.95 -22.05
N MET A 14 4.07 -2.52 -22.76
CA MET A 14 4.14 -1.44 -23.76
C MET A 14 4.44 -0.10 -23.07
N ASN A 15 5.11 0.82 -23.79
CA ASN A 15 5.37 2.18 -23.29
C ASN A 15 4.09 3.02 -23.37
N ALA A 16 3.26 2.87 -22.33
CA ALA A 16 2.02 3.66 -22.16
C ALA A 16 2.33 4.96 -21.39
N ALA A 17 3.47 4.94 -20.66
CA ALA A 17 3.95 6.07 -19.86
C ALA A 17 4.64 7.10 -20.77
N SER A 18 3.92 8.19 -21.09
CA SER A 18 4.45 9.33 -21.88
C SER A 18 5.15 10.35 -20.97
N ASP A 19 4.76 10.35 -19.68
CA ASP A 19 5.35 11.23 -18.65
C ASP A 19 6.49 10.50 -17.94
N ALA A 20 7.41 11.28 -17.36
CA ALA A 20 8.47 10.75 -16.47
C ALA A 20 7.90 10.59 -15.06
N SER A 21 7.87 9.34 -14.54
CA SER A 21 7.35 9.05 -13.19
C SER A 21 8.30 9.63 -12.11
N VAL A 22 7.72 10.40 -11.17
CA VAL A 22 8.46 11.15 -10.13
C VAL A 22 9.32 10.22 -9.25
N GLN A 23 8.67 9.28 -8.57
CA GLN A 23 9.33 8.35 -7.64
C GLN A 23 8.66 6.97 -7.72
N GLN A 24 9.47 5.91 -7.68
CA GLN A 24 8.99 4.51 -7.67
C GLN A 24 8.40 4.18 -6.29
N VAL A 25 7.16 4.62 -6.07
CA VAL A 25 6.38 4.31 -4.87
C VAL A 25 5.70 2.95 -5.08
N ILE A 26 6.04 2.01 -4.20
CA ILE A 26 5.57 0.63 -4.26
C ILE A 26 4.09 0.57 -3.82
N LYS A 27 3.22 0.33 -4.78
CA LYS A 27 1.78 0.21 -4.55
C LYS A 27 1.40 -1.29 -4.52
N GLY A 28 0.61 -1.64 -3.51
CA GLY A 28 0.11 -3.00 -3.32
C GLY A 28 -1.21 -2.98 -2.58
N THR A 29 -1.65 -4.14 -2.07
CA THR A 29 -2.92 -4.27 -1.33
C THR A 29 -2.80 -5.42 -0.30
N GLY A 30 -3.75 -5.48 0.63
CA GLY A 30 -3.74 -6.49 1.70
C GLY A 30 -4.63 -6.08 2.88
N ILE A 31 -4.83 -7.01 3.84
CA ILE A 31 -5.76 -6.79 4.96
C ILE A 31 -4.99 -6.32 6.19
N VAL A 32 -5.42 -5.19 6.80
CA VAL A 32 -4.80 -4.65 8.01
C VAL A 32 -4.96 -5.66 9.17
N LYS A 33 -3.84 -5.91 9.87
CA LYS A 33 -3.76 -6.86 10.99
C LYS A 33 -3.76 -6.10 12.33
N ASP A 34 -3.01 -4.98 12.39
CA ASP A 34 -2.83 -4.20 13.62
C ASP A 34 -2.31 -2.80 13.29
N ILE A 35 -2.69 -1.82 14.12
CA ILE A 35 -2.25 -0.42 13.99
C ILE A 35 -1.70 0.02 15.35
N ASP A 36 -0.48 0.59 15.32
CA ASP A 36 0.21 1.08 16.52
C ASP A 36 0.74 2.48 16.20
N MET A 37 -0.02 3.52 16.54
CA MET A 37 0.35 4.92 16.28
C MET A 37 1.47 5.38 17.25
N ASN A 38 1.52 4.76 18.44
CA ASN A 38 2.51 5.06 19.49
C ASN A 38 3.96 4.90 18.97
N SER A 39 4.19 3.88 18.12
CA SER A 39 5.49 3.66 17.43
C SER A 39 5.36 3.97 15.92
N LYS A 40 4.15 4.37 15.48
CA LYS A 40 3.81 4.61 14.06
C LYS A 40 4.08 3.39 13.14
N LYS A 41 3.77 2.17 13.64
CA LYS A 41 3.88 0.93 12.85
C LYS A 41 2.47 0.37 12.59
N ILE A 42 2.18 -0.02 11.33
CA ILE A 42 0.90 -0.68 10.96
C ILE A 42 1.18 -2.05 10.32
N THR A 43 0.90 -3.12 11.06
CA THR A 43 1.10 -4.49 10.57
C THR A 43 -0.08 -4.86 9.65
N ILE A 44 0.22 -5.22 8.40
CA ILE A 44 -0.76 -5.53 7.34
C ILE A 44 -0.30 -6.81 6.60
N SER A 45 -1.23 -7.76 6.41
CA SER A 45 -1.00 -8.96 5.59
C SER A 45 -1.23 -8.59 4.13
N HIS A 46 -0.14 -8.40 3.38
CA HIS A 46 -0.19 -7.91 2.00
C HIS A 46 -0.01 -9.05 1.00
N GLU A 47 -0.63 -8.87 -0.17
CA GLU A 47 -0.59 -9.81 -1.31
C GLU A 47 0.80 -9.82 -1.98
N ALA A 48 0.92 -10.64 -3.04
CA ALA A 48 2.10 -10.65 -3.91
C ALA A 48 2.18 -9.32 -4.67
N ILE A 49 2.99 -8.38 -4.14
CA ILE A 49 3.19 -7.06 -4.73
C ILE A 49 4.32 -7.15 -5.80
N PRO A 50 3.98 -7.10 -7.14
CA PRO A 50 4.99 -7.15 -8.23
C PRO A 50 5.76 -5.81 -8.41
N ALA A 51 5.28 -4.73 -7.76
CA ALA A 51 5.93 -3.40 -7.80
C ALA A 51 7.32 -3.43 -7.15
N VAL A 52 7.50 -4.36 -6.20
CA VAL A 52 8.77 -4.60 -5.49
C VAL A 52 9.23 -6.06 -5.70
N GLY A 53 8.26 -6.97 -5.88
CA GLY A 53 8.52 -8.40 -5.96
C GLY A 53 8.56 -9.07 -4.59
N TRP A 54 7.53 -8.79 -3.78
CA TRP A 54 7.34 -9.47 -2.46
C TRP A 54 6.06 -10.31 -2.50
N PRO A 55 6.08 -11.58 -1.96
CA PRO A 55 4.90 -12.49 -1.97
C PRO A 55 3.84 -12.11 -0.90
N ALA A 56 2.80 -12.96 -0.80
CA ALA A 56 1.71 -12.79 0.19
C ALA A 56 2.23 -13.07 1.61
N MET A 57 2.65 -11.99 2.31
CA MET A 57 3.24 -12.07 3.66
C MET A 57 2.66 -10.95 4.55
N THR A 58 2.72 -11.16 5.87
CA THR A 58 2.37 -10.15 6.86
C THR A 58 3.64 -9.37 7.25
N MET A 59 3.55 -8.02 7.25
CA MET A 59 4.68 -7.13 7.57
C MET A 59 4.15 -5.78 8.08
N ARG A 60 4.93 -5.09 8.92
CA ARG A 60 4.55 -3.77 9.44
C ARG A 60 5.18 -2.63 8.60
N PHE A 61 4.39 -1.56 8.43
CA PHE A 61 4.72 -0.39 7.60
C PHE A 61 4.83 0.84 8.51
N THR A 62 6.01 1.47 8.50
CA THR A 62 6.32 2.66 9.30
C THR A 62 5.84 3.93 8.57
N PHE A 63 4.89 4.66 9.16
CA PHE A 63 4.45 5.98 8.63
C PHE A 63 5.02 7.09 9.54
N VAL A 64 5.37 8.24 8.96
CA VAL A 64 5.78 9.42 9.74
C VAL A 64 4.59 10.38 9.99
N ASN A 65 3.56 10.27 9.14
CA ASN A 65 2.38 11.16 9.16
C ASN A 65 1.10 10.32 9.08
N ALA A 66 0.21 10.49 10.07
CA ALA A 66 -1.11 9.84 10.11
C ALA A 66 -2.13 10.73 9.39
N ASP A 67 -2.39 10.42 8.11
CA ASP A 67 -3.41 11.13 7.32
C ASP A 67 -4.82 10.63 7.68
N ASP A 68 -5.85 11.17 7.00
CA ASP A 68 -7.28 10.91 7.29
C ASP A 68 -7.61 9.40 7.22
N ALA A 69 -6.96 8.73 6.27
CA ALA A 69 -7.12 7.29 6.02
C ALA A 69 -6.53 6.48 7.17
N ILE A 70 -5.25 6.77 7.53
CA ILE A 70 -4.53 6.09 8.64
C ILE A 70 -5.29 6.29 9.98
N ASN A 71 -5.85 7.50 10.13
CA ASN A 71 -6.58 7.91 11.32
C ASN A 71 -7.90 7.12 11.45
N ALA A 72 -8.62 6.98 10.32
CA ALA A 72 -9.91 6.26 10.27
C ALA A 72 -9.73 4.76 9.90
N LEU A 73 -8.48 4.34 9.70
CA LEU A 73 -8.11 2.95 9.35
C LEU A 73 -8.42 2.00 10.52
N LYS A 74 -8.76 0.74 10.19
CA LYS A 74 -9.06 -0.30 11.16
C LYS A 74 -8.60 -1.66 10.61
N THR A 75 -8.26 -2.59 11.53
CA THR A 75 -7.95 -3.99 11.19
C THR A 75 -9.21 -4.72 10.66
N GLY A 76 -8.98 -5.72 9.79
CA GLY A 76 -10.07 -6.45 9.12
C GLY A 76 -10.40 -5.89 7.74
N ASN A 77 -10.03 -4.62 7.51
CA ASN A 77 -10.26 -3.92 6.24
C ASN A 77 -9.20 -4.30 5.21
N HIS A 78 -9.64 -4.78 4.03
CA HIS A 78 -8.77 -5.01 2.88
C HIS A 78 -8.49 -3.64 2.23
N VAL A 79 -7.26 -3.16 2.38
CA VAL A 79 -6.84 -1.83 1.95
C VAL A 79 -5.73 -1.93 0.89
N ASP A 80 -5.72 -0.98 -0.04
CA ASP A 80 -4.57 -0.76 -0.93
C ASP A 80 -3.72 0.34 -0.29
N PHE A 81 -2.42 0.30 -0.53
CA PHE A 81 -1.47 1.23 0.09
C PHE A 81 -0.25 1.41 -0.81
N SER A 82 0.39 2.57 -0.65
CA SER A 82 1.59 2.96 -1.37
C SER A 82 2.66 3.33 -0.33
N PHE A 83 3.86 2.76 -0.50
CA PHE A 83 5.00 2.94 0.41
C PHE A 83 6.31 2.92 -0.38
N ILE A 84 7.45 3.18 0.27
CA ILE A 84 8.78 3.09 -0.37
C ILE A 84 9.70 2.17 0.45
N GLN A 85 10.64 1.49 -0.23
CA GLN A 85 11.60 0.57 0.40
C GLN A 85 12.83 1.35 0.92
N GLN A 86 13.04 1.30 2.24
CA GLN A 86 14.15 1.95 2.94
C GLN A 86 15.00 0.86 3.64
N GLY A 87 15.88 0.23 2.85
CA GLY A 87 16.71 -0.88 3.32
C GLY A 87 15.88 -2.13 3.64
N ASN A 88 15.61 -2.34 4.93
CA ASN A 88 14.72 -3.43 5.42
C ASN A 88 13.37 -2.86 5.87
N ILE A 89 13.33 -1.54 6.13
CA ILE A 89 12.11 -0.84 6.63
C ILE A 89 11.23 -0.43 5.45
N SER A 90 9.90 -0.50 5.63
CA SER A 90 8.93 -0.08 4.60
C SER A 90 8.21 1.20 5.08
N LEU A 91 8.59 2.35 4.49
CA LEU A 91 8.08 3.67 4.87
C LEU A 91 6.77 4.00 4.11
N LEU A 92 5.63 3.84 4.81
CA LEU A 92 4.28 4.11 4.27
C LEU A 92 4.13 5.58 3.84
N LYS A 93 3.58 5.78 2.63
CA LYS A 93 3.34 7.11 2.04
C LYS A 93 1.85 7.49 2.14
N SER A 94 1.00 6.67 1.53
CA SER A 94 -0.45 6.89 1.47
C SER A 94 -1.17 5.53 1.55
N ILE A 95 -2.48 5.56 1.80
CA ILE A 95 -3.30 4.34 1.96
C ILE A 95 -4.78 4.67 1.71
N ASN A 96 -5.50 3.74 1.07
CA ASN A 96 -6.96 3.84 0.81
C ASN A 96 -7.61 2.47 1.07
N VAL A 97 -8.83 2.46 1.64
CA VAL A 97 -9.61 1.22 1.85
C VAL A 97 -10.26 0.82 0.51
N THR A 98 -9.79 -0.29 -0.07
CA THR A 98 -10.30 -0.79 -1.36
C THR A 98 -11.52 -1.70 -1.16
N GLN A 99 -11.67 -2.23 0.06
CA GLN A 99 -12.74 -3.14 0.45
C GLN A 99 -12.90 -3.12 1.97
N SER A 100 -14.08 -2.72 2.45
CA SER A 100 -14.39 -2.64 3.88
C SER A 100 -14.43 -4.07 4.49
N GLY A 1 -15.60 -31.48 -22.30
CA GLY A 1 -14.50 -32.41 -22.54
C GLY A 1 -13.23 -32.00 -21.81
N ALA A 2 -13.09 -32.48 -20.57
CA ALA A 2 -11.92 -32.21 -19.72
C ALA A 2 -11.80 -33.31 -18.64
N MET A 3 -10.55 -33.55 -18.19
CA MET A 3 -10.25 -34.52 -17.10
C MET A 3 -10.53 -33.87 -15.72
N GLY A 4 -10.47 -32.52 -15.66
CA GLY A 4 -10.71 -31.78 -14.43
C GLY A 4 -10.53 -30.28 -14.60
N MET A 5 -11.05 -29.50 -13.62
CA MET A 5 -10.92 -28.03 -13.61
C MET A 5 -9.55 -27.61 -13.03
N LEU A 6 -9.08 -28.41 -12.06
CA LEU A 6 -7.74 -28.25 -11.45
C LEU A 6 -6.68 -28.81 -12.43
N LYS A 7 -6.39 -28.01 -13.47
CA LYS A 7 -5.43 -28.35 -14.51
C LYS A 7 -4.00 -28.00 -14.03
N HIS A 8 -3.01 -28.75 -14.55
CA HIS A 8 -1.60 -28.55 -14.20
C HIS A 8 -1.10 -27.23 -14.80
N ILE A 9 -1.46 -26.99 -16.07
CA ILE A 9 -1.19 -25.73 -16.77
C ILE A 9 -2.05 -24.61 -16.15
N SER A 10 -1.39 -23.70 -15.45
CA SER A 10 -2.01 -22.54 -14.79
C SER A 10 -1.43 -21.24 -15.37
N HIS A 11 -0.77 -21.35 -16.55
CA HIS A 11 -0.07 -20.22 -17.20
C HIS A 11 -1.07 -19.09 -17.56
N GLY A 12 -1.02 -18.00 -16.77
CA GLY A 12 -1.84 -16.81 -16.96
C GLY A 12 -1.06 -15.55 -16.63
N ASP A 13 -1.61 -14.72 -15.72
CA ASP A 13 -0.98 -13.43 -15.32
C ASP A 13 0.28 -13.68 -14.44
N MET A 14 1.08 -12.62 -14.27
CA MET A 14 2.33 -12.65 -13.48
C MET A 14 2.75 -11.21 -13.17
N ASN A 15 2.87 -10.40 -14.22
CA ASN A 15 3.27 -8.99 -14.14
C ASN A 15 2.04 -8.10 -13.95
N ALA A 16 2.28 -6.90 -13.40
CA ALA A 16 1.23 -5.93 -13.08
C ALA A 16 0.74 -5.20 -14.35
N ALA A 17 -0.46 -4.61 -14.26
CA ALA A 17 -1.13 -3.95 -15.40
C ALA A 17 -1.89 -2.70 -14.92
N SER A 18 -1.70 -1.57 -15.65
CA SER A 18 -2.30 -0.26 -15.33
C SER A 18 -1.77 0.33 -14.01
N ASP A 19 -0.65 -0.23 -13.51
CA ASP A 19 0.01 0.20 -12.27
C ASP A 19 0.89 1.42 -12.54
N ALA A 20 2.09 1.19 -13.12
CA ALA A 20 3.15 2.19 -13.27
C ALA A 20 3.59 2.73 -11.89
N SER A 21 4.66 2.13 -11.34
CA SER A 21 5.23 2.49 -10.03
C SER A 21 5.92 3.87 -10.12
N VAL A 22 5.09 4.93 -10.07
CA VAL A 22 5.54 6.33 -10.19
C VAL A 22 6.37 6.74 -8.96
N GLN A 23 7.51 7.41 -9.20
CA GLN A 23 8.49 7.82 -8.16
C GLN A 23 9.09 6.58 -7.43
N GLN A 24 9.00 5.39 -8.10
CA GLN A 24 9.42 4.08 -7.53
C GLN A 24 8.67 3.76 -6.22
N VAL A 25 7.45 4.33 -6.08
CA VAL A 25 6.57 4.04 -4.95
C VAL A 25 5.97 2.65 -5.16
N ILE A 26 6.42 1.70 -4.33
CA ILE A 26 6.03 0.30 -4.39
C ILE A 26 4.60 0.17 -3.84
N LYS A 27 3.65 -0.12 -4.72
CA LYS A 27 2.23 -0.11 -4.37
C LYS A 27 1.74 -1.56 -4.17
N GLY A 28 0.76 -1.73 -3.28
CA GLY A 28 0.17 -3.04 -2.98
C GLY A 28 -1.23 -2.94 -2.41
N THR A 29 -1.74 -4.07 -1.93
CA THR A 29 -3.08 -4.18 -1.31
C THR A 29 -3.08 -5.36 -0.34
N GLY A 30 -4.10 -5.44 0.51
CA GLY A 30 -4.20 -6.49 1.54
C GLY A 30 -5.13 -6.09 2.66
N ILE A 31 -5.22 -6.93 3.72
CA ILE A 31 -6.11 -6.67 4.87
C ILE A 31 -5.27 -6.26 6.08
N VAL A 32 -5.64 -5.15 6.73
CA VAL A 32 -4.93 -4.65 7.93
C VAL A 32 -5.04 -5.67 9.09
N LYS A 33 -3.88 -6.00 9.68
CA LYS A 33 -3.74 -6.93 10.80
C LYS A 33 -3.61 -6.17 12.14
N ASP A 34 -2.93 -5.02 12.12
CA ASP A 34 -2.63 -4.25 13.34
C ASP A 34 -2.22 -2.81 12.97
N ILE A 35 -2.50 -1.87 13.90
CA ILE A 35 -2.10 -0.45 13.78
C ILE A 35 -1.50 -0.01 15.12
N ASP A 36 -0.17 0.11 15.16
CA ASP A 36 0.57 0.63 16.31
C ASP A 36 1.05 2.04 15.99
N MET A 37 0.30 3.06 16.40
CA MET A 37 0.65 4.48 16.13
C MET A 37 1.85 4.93 16.99
N ASN A 38 2.05 4.27 18.15
CA ASN A 38 3.12 4.62 19.13
C ASN A 38 4.53 4.46 18.51
N SER A 39 4.70 3.40 17.71
CA SER A 39 5.94 3.18 16.93
C SER A 39 5.69 3.46 15.44
N LYS A 40 4.47 3.98 15.11
CA LYS A 40 4.04 4.31 13.74
C LYS A 40 4.16 3.12 12.74
N LYS A 41 3.87 1.89 13.22
CA LYS A 41 3.90 0.68 12.39
C LYS A 41 2.46 0.23 12.14
N ILE A 42 2.11 -0.06 10.88
CA ILE A 42 0.79 -0.63 10.52
C ILE A 42 1.01 -1.98 9.86
N THR A 43 0.75 -3.03 10.63
CA THR A 43 0.90 -4.41 10.16
C THR A 43 -0.31 -4.76 9.27
N ILE A 44 -0.02 -5.12 8.02
CA ILE A 44 -1.04 -5.45 7.00
C ILE A 44 -0.60 -6.74 6.30
N SER A 45 -1.54 -7.69 6.18
CA SER A 45 -1.34 -8.90 5.37
C SER A 45 -1.52 -8.49 3.91
N HIS A 46 -0.40 -8.30 3.20
CA HIS A 46 -0.40 -7.77 1.83
C HIS A 46 -0.18 -8.90 0.83
N GLU A 47 -0.63 -8.67 -0.41
CA GLU A 47 -0.59 -9.64 -1.53
C GLU A 47 0.80 -9.69 -2.18
N ALA A 48 0.91 -10.55 -3.22
CA ALA A 48 2.12 -10.66 -4.04
C ALA A 48 2.37 -9.36 -4.83
N ILE A 49 3.28 -8.53 -4.30
CA ILE A 49 3.69 -7.28 -4.94
C ILE A 49 4.92 -7.57 -5.85
N PRO A 50 4.74 -7.58 -7.22
CA PRO A 50 5.85 -7.82 -8.18
C PRO A 50 6.78 -6.59 -8.36
N ALA A 51 6.33 -5.41 -7.85
CA ALA A 51 7.12 -4.15 -7.90
C ALA A 51 8.40 -4.25 -7.04
N VAL A 52 8.32 -5.06 -5.98
CA VAL A 52 9.44 -5.31 -5.05
C VAL A 52 9.83 -6.81 -5.06
N GLY A 53 8.87 -7.66 -5.46
CA GLY A 53 9.06 -9.10 -5.46
C GLY A 53 8.87 -9.70 -4.07
N TRP A 54 7.79 -9.26 -3.38
CA TRP A 54 7.39 -9.82 -2.07
C TRP A 54 6.07 -10.58 -2.27
N PRO A 55 5.99 -11.88 -1.83
CA PRO A 55 4.73 -12.67 -1.91
C PRO A 55 3.66 -12.18 -0.90
N ALA A 56 2.54 -12.92 -0.83
CA ALA A 56 1.47 -12.68 0.13
C ALA A 56 1.97 -12.97 1.56
N MET A 57 2.38 -11.89 2.26
CA MET A 57 2.95 -11.96 3.62
C MET A 57 2.39 -10.83 4.48
N THR A 58 2.34 -11.07 5.79
CA THR A 58 1.99 -10.06 6.79
C THR A 58 3.26 -9.31 7.21
N MET A 59 3.24 -7.97 7.10
CA MET A 59 4.40 -7.11 7.38
C MET A 59 3.90 -5.73 7.84
N ARG A 60 4.70 -5.01 8.64
CA ARG A 60 4.31 -3.68 9.16
C ARG A 60 5.03 -2.54 8.42
N PHE A 61 4.23 -1.52 8.06
CA PHE A 61 4.63 -0.36 7.24
C PHE A 61 4.69 0.88 8.14
N THR A 62 5.87 1.51 8.20
CA THR A 62 6.13 2.67 9.06
C THR A 62 5.70 3.96 8.33
N PHE A 63 4.81 4.75 8.93
CA PHE A 63 4.33 6.02 8.34
C PHE A 63 4.95 7.21 9.09
N VAL A 64 5.20 8.33 8.37
CA VAL A 64 5.64 9.60 9.00
C VAL A 64 4.43 10.40 9.55
N ASN A 65 3.30 10.33 8.81
CA ASN A 65 2.08 11.12 9.10
C ASN A 65 0.89 10.17 9.24
N ALA A 66 0.17 10.29 10.37
CA ALA A 66 -1.10 9.61 10.59
C ALA A 66 -2.19 10.44 9.91
N ASP A 67 -2.44 10.17 8.62
CA ASP A 67 -3.42 10.91 7.81
C ASP A 67 -4.85 10.55 8.19
N ASP A 68 -5.81 11.15 7.47
CA ASP A 68 -7.26 10.94 7.69
C ASP A 68 -7.63 9.45 7.52
N ALA A 69 -6.97 8.83 6.53
CA ALA A 69 -7.15 7.41 6.20
C ALA A 69 -6.68 6.52 7.36
N ILE A 70 -5.48 6.83 7.90
CA ILE A 70 -4.87 6.08 9.03
C ILE A 70 -5.67 6.30 10.34
N ASN A 71 -6.22 7.50 10.49
CA ASN A 71 -7.02 7.90 11.68
C ASN A 71 -8.34 7.11 11.70
N ALA A 72 -8.94 6.96 10.53
CA ALA A 72 -10.18 6.18 10.33
C ALA A 72 -9.90 4.66 10.25
N LEU A 73 -8.68 4.32 9.79
CA LEU A 73 -8.26 2.93 9.52
C LEU A 73 -8.37 2.04 10.76
N LYS A 74 -8.85 0.81 10.57
CA LYS A 74 -8.86 -0.23 11.61
C LYS A 74 -8.47 -1.60 11.00
N THR A 75 -8.07 -2.54 11.86
CA THR A 75 -7.78 -3.93 11.45
C THR A 75 -9.08 -4.63 10.99
N GLY A 76 -8.97 -5.47 9.96
CA GLY A 76 -10.12 -6.13 9.34
C GLY A 76 -10.52 -5.48 8.02
N ASN A 77 -10.16 -4.20 7.86
CA ASN A 77 -10.42 -3.44 6.62
C ASN A 77 -9.45 -3.89 5.52
N HIS A 78 -10.01 -4.37 4.41
CA HIS A 78 -9.26 -4.68 3.20
C HIS A 78 -8.96 -3.36 2.48
N VAL A 79 -7.69 -2.98 2.50
CA VAL A 79 -7.20 -1.67 2.01
C VAL A 79 -6.20 -1.84 0.86
N ASP A 80 -6.04 -0.78 0.09
CA ASP A 80 -4.96 -0.64 -0.89
C ASP A 80 -4.06 0.49 -0.39
N PHE A 81 -2.76 0.39 -0.65
CA PHE A 81 -1.76 1.32 -0.11
C PHE A 81 -0.57 1.42 -1.05
N SER A 82 0.34 2.33 -0.72
CA SER A 82 1.59 2.55 -1.46
C SER A 82 2.68 3.01 -0.48
N PHE A 83 3.90 2.51 -0.68
CA PHE A 83 5.05 2.75 0.21
C PHE A 83 6.34 2.79 -0.60
N ILE A 84 7.39 3.39 -0.03
CA ILE A 84 8.76 3.32 -0.58
C ILE A 84 9.68 2.63 0.43
N GLN A 85 10.77 2.04 -0.07
CA GLN A 85 11.77 1.35 0.76
C GLN A 85 12.72 2.37 1.43
N GLN A 86 13.15 2.06 2.66
CA GLN A 86 14.09 2.87 3.45
C GLN A 86 15.06 1.90 4.14
N GLY A 87 16.04 1.43 3.37
CA GLY A 87 16.95 0.39 3.82
C GLY A 87 16.22 -0.95 3.98
N ASN A 88 15.85 -1.27 5.23
CA ASN A 88 15.10 -2.48 5.61
C ASN A 88 13.64 -2.14 6.00
N ILE A 89 13.36 -0.84 6.21
CA ILE A 89 12.04 -0.34 6.65
C ILE A 89 11.16 -0.04 5.41
N SER A 90 9.88 -0.43 5.47
CA SER A 90 8.89 -0.08 4.44
C SER A 90 8.13 1.16 4.88
N LEU A 91 8.48 2.32 4.30
CA LEU A 91 7.90 3.63 4.65
C LEU A 91 6.58 3.85 3.90
N LEU A 92 5.46 3.64 4.62
CA LEU A 92 4.10 3.84 4.10
C LEU A 92 3.90 5.31 3.67
N LYS A 93 3.71 5.52 2.37
CA LYS A 93 3.51 6.85 1.80
C LYS A 93 2.07 7.31 2.06
N SER A 94 1.12 6.50 1.57
CA SER A 94 -0.32 6.78 1.69
C SER A 94 -1.09 5.46 1.63
N ILE A 95 -2.35 5.53 2.09
CA ILE A 95 -3.23 4.36 2.19
C ILE A 95 -4.70 4.80 2.02
N ASN A 96 -5.52 3.91 1.44
CA ASN A 96 -6.97 4.09 1.24
C ASN A 96 -7.69 2.76 1.47
N VAL A 97 -8.94 2.80 1.94
CA VAL A 97 -9.74 1.59 2.14
C VAL A 97 -10.49 1.25 0.83
N THR A 98 -10.12 0.12 0.21
CA THR A 98 -10.72 -0.34 -1.05
C THR A 98 -11.97 -1.22 -0.79
N GLN A 99 -12.09 -1.75 0.43
CA GLN A 99 -13.24 -2.55 0.86
C GLN A 99 -13.46 -2.36 2.38
N SER A 100 -14.58 -1.73 2.72
CA SER A 100 -14.98 -1.44 4.10
C SER A 100 -15.99 -2.52 4.57
N GLY A 1 -7.12 -18.78 -12.13
CA GLY A 1 -6.96 -17.32 -12.30
C GLY A 1 -5.81 -16.97 -13.25
N ALA A 2 -6.10 -17.03 -14.57
CA ALA A 2 -5.17 -16.70 -15.66
C ALA A 2 -3.91 -17.60 -15.63
N MET A 3 -4.03 -18.80 -16.20
CA MET A 3 -2.93 -19.80 -16.25
C MET A 3 -2.36 -19.92 -17.68
N GLY A 4 -1.31 -20.74 -17.83
CA GLY A 4 -0.70 -21.00 -19.14
C GLY A 4 0.82 -20.97 -19.07
N MET A 5 1.48 -20.91 -20.23
CA MET A 5 2.95 -20.78 -20.32
C MET A 5 3.32 -19.29 -20.21
N LEU A 6 3.88 -18.88 -19.06
CA LEU A 6 4.16 -17.46 -18.73
C LEU A 6 5.46 -16.93 -19.41
N LYS A 7 6.13 -17.79 -20.21
CA LYS A 7 7.34 -17.41 -20.96
C LYS A 7 7.01 -16.44 -22.12
N HIS A 8 7.75 -15.31 -22.16
CA HIS A 8 7.74 -14.31 -23.27
C HIS A 8 6.38 -13.56 -23.43
N ILE A 9 5.46 -13.74 -22.47
CA ILE A 9 4.11 -13.11 -22.50
C ILE A 9 4.24 -11.59 -22.30
N SER A 10 4.85 -11.19 -21.18
CA SER A 10 5.09 -9.79 -20.83
C SER A 10 6.45 -9.67 -20.15
N HIS A 11 7.50 -9.41 -20.95
CA HIS A 11 8.84 -9.07 -20.45
C HIS A 11 9.13 -7.60 -20.77
N GLY A 12 9.61 -6.83 -19.79
CA GLY A 12 9.84 -5.40 -19.96
C GLY A 12 10.77 -4.82 -18.93
N ASP A 13 11.90 -5.54 -18.70
CA ASP A 13 12.95 -5.15 -17.72
C ASP A 13 13.52 -3.74 -17.99
N MET A 14 13.45 -3.29 -19.26
CA MET A 14 13.81 -1.93 -19.66
C MET A 14 12.82 -0.90 -19.05
N ASN A 15 13.18 -0.41 -17.85
CA ASN A 15 12.46 0.67 -17.18
C ASN A 15 12.82 1.97 -17.90
N ALA A 16 11.97 2.37 -18.85
CA ALA A 16 12.16 3.59 -19.66
C ALA A 16 12.17 4.83 -18.74
N ALA A 17 13.21 5.67 -18.87
CA ALA A 17 13.42 6.86 -18.04
C ALA A 17 12.50 8.02 -18.48
N SER A 18 11.18 7.80 -18.28
CA SER A 18 10.11 8.70 -18.69
C SER A 18 8.80 8.24 -18.02
N ASP A 19 8.67 8.54 -16.71
CA ASP A 19 7.49 8.18 -15.91
C ASP A 19 6.42 9.29 -16.00
N ALA A 20 5.34 9.16 -15.21
CA ALA A 20 4.25 10.13 -15.15
C ALA A 20 3.71 10.22 -13.71
N SER A 21 4.30 11.14 -12.92
CA SER A 21 3.86 11.50 -11.56
C SER A 21 3.96 10.32 -10.56
N VAL A 22 4.90 9.40 -10.80
CA VAL A 22 5.20 8.28 -9.87
C VAL A 22 6.69 8.35 -9.47
N GLN A 23 6.99 8.38 -8.16
CA GLN A 23 8.36 8.53 -7.64
C GLN A 23 9.01 7.14 -7.39
N GLN A 24 8.65 6.17 -8.29
CA GLN A 24 8.93 4.73 -8.12
C GLN A 24 8.30 4.21 -6.80
N VAL A 25 7.11 4.77 -6.47
CA VAL A 25 6.36 4.41 -5.25
C VAL A 25 5.72 3.03 -5.44
N ILE A 26 6.11 2.10 -4.59
CA ILE A 26 5.72 0.69 -4.64
C ILE A 26 4.25 0.54 -4.19
N LYS A 27 3.37 0.22 -5.13
CA LYS A 27 1.93 0.04 -4.86
C LYS A 27 1.67 -1.40 -4.41
N GLY A 28 0.95 -1.55 -3.30
CA GLY A 28 0.57 -2.87 -2.77
C GLY A 28 -0.87 -2.92 -2.29
N THR A 29 -1.36 -4.13 -1.99
CA THR A 29 -2.73 -4.35 -1.48
C THR A 29 -2.74 -5.52 -0.48
N GLY A 30 -3.67 -5.48 0.48
CA GLY A 30 -3.80 -6.52 1.51
C GLY A 30 -4.63 -6.05 2.70
N ILE A 31 -4.86 -6.96 3.66
CA ILE A 31 -5.76 -6.73 4.82
C ILE A 31 -4.95 -6.30 6.05
N VAL A 32 -5.37 -5.20 6.71
CA VAL A 32 -4.70 -4.68 7.92
C VAL A 32 -4.88 -5.68 9.09
N LYS A 33 -3.77 -5.99 9.76
CA LYS A 33 -3.73 -6.91 10.91
C LYS A 33 -3.61 -6.15 12.22
N ASP A 34 -2.94 -4.99 12.19
CA ASP A 34 -2.63 -4.20 13.39
C ASP A 34 -2.25 -2.77 13.02
N ILE A 35 -2.51 -1.84 13.95
CA ILE A 35 -2.14 -0.41 13.84
C ILE A 35 -1.57 0.01 15.19
N ASP A 36 -0.38 0.62 15.17
CA ASP A 36 0.30 1.11 16.37
C ASP A 36 0.83 2.51 16.09
N MET A 37 -0.02 3.53 16.27
CA MET A 37 0.34 4.94 16.04
C MET A 37 1.49 5.39 16.98
N ASN A 38 1.54 4.77 18.18
CA ASN A 38 2.53 5.09 19.24
C ASN A 38 3.99 4.93 18.74
N SER A 39 4.22 3.91 17.91
CA SER A 39 5.52 3.66 17.26
C SER A 39 5.46 4.06 15.75
N LYS A 40 4.25 4.42 15.28
CA LYS A 40 3.95 4.73 13.87
C LYS A 40 4.15 3.50 12.96
N LYS A 41 3.68 2.33 13.43
CA LYS A 41 3.66 1.09 12.67
C LYS A 41 2.22 0.75 12.25
N ILE A 42 2.05 0.02 11.14
CA ILE A 42 0.76 -0.56 10.72
C ILE A 42 1.06 -1.94 10.12
N THR A 43 0.77 -3.01 10.86
CA THR A 43 0.96 -4.39 10.39
C THR A 43 -0.19 -4.76 9.46
N ILE A 44 0.13 -5.28 8.27
CA ILE A 44 -0.84 -5.57 7.19
C ILE A 44 -0.42 -6.90 6.52
N SER A 45 -1.34 -7.86 6.42
CA SER A 45 -1.17 -9.03 5.54
C SER A 45 -1.30 -8.55 4.11
N HIS A 46 -0.16 -8.38 3.41
CA HIS A 46 -0.14 -7.89 2.04
C HIS A 46 0.07 -9.07 1.09
N GLU A 47 -0.34 -8.86 -0.16
CA GLU A 47 -0.35 -9.90 -1.20
C GLU A 47 0.97 -9.89 -1.99
N ALA A 48 1.01 -10.67 -3.08
CA ALA A 48 2.11 -10.66 -4.05
C ALA A 48 2.21 -9.25 -4.68
N ILE A 49 3.17 -8.46 -4.22
CA ILE A 49 3.45 -7.10 -4.73
C ILE A 49 4.63 -7.19 -5.74
N PRO A 50 4.35 -7.24 -7.08
CA PRO A 50 5.41 -7.30 -8.14
C PRO A 50 6.25 -6.00 -8.26
N ALA A 51 5.68 -4.86 -7.81
CA ALA A 51 6.34 -3.52 -7.89
C ALA A 51 7.70 -3.50 -7.16
N VAL A 52 7.81 -4.35 -6.12
CA VAL A 52 9.07 -4.58 -5.37
C VAL A 52 9.54 -6.04 -5.59
N GLY A 53 8.58 -6.95 -5.82
CA GLY A 53 8.86 -8.37 -5.99
C GLY A 53 8.73 -9.17 -4.69
N TRP A 54 7.80 -8.74 -3.82
CA TRP A 54 7.53 -9.42 -2.53
C TRP A 54 6.28 -10.33 -2.66
N PRO A 55 6.28 -11.51 -1.99
CA PRO A 55 5.10 -12.42 -1.98
C PRO A 55 4.06 -12.02 -0.92
N ALA A 56 3.01 -12.86 -0.78
CA ALA A 56 1.98 -12.68 0.24
C ALA A 56 2.52 -13.05 1.63
N MET A 57 2.60 -12.04 2.51
CA MET A 57 3.12 -12.18 3.88
C MET A 57 2.53 -11.08 4.78
N THR A 58 2.52 -11.33 6.10
CA THR A 58 2.14 -10.33 7.11
C THR A 58 3.39 -9.53 7.52
N MET A 59 3.37 -8.21 7.27
CA MET A 59 4.51 -7.33 7.56
C MET A 59 4.02 -5.96 8.01
N ARG A 60 4.81 -5.28 8.86
CA ARG A 60 4.46 -3.93 9.33
C ARG A 60 5.18 -2.85 8.53
N PHE A 61 4.39 -1.84 8.15
CA PHE A 61 4.81 -0.64 7.43
C PHE A 61 4.96 0.50 8.45
N THR A 62 5.77 1.51 8.14
CA THR A 62 6.03 2.64 9.04
C THR A 62 5.68 3.95 8.33
N PHE A 63 4.88 4.82 8.97
CA PHE A 63 4.48 6.11 8.41
C PHE A 63 5.13 7.26 9.20
N VAL A 64 5.45 8.37 8.52
CA VAL A 64 6.00 9.59 9.17
C VAL A 64 4.89 10.45 9.81
N ASN A 65 3.67 10.37 9.21
CA ASN A 65 2.54 11.23 9.62
C ASN A 65 1.22 10.44 9.51
N ALA A 66 0.43 10.51 10.59
CA ALA A 66 -0.90 9.89 10.66
C ALA A 66 -1.90 10.74 9.84
N ASP A 67 -2.24 10.23 8.64
CA ASP A 67 -3.21 10.87 7.74
C ASP A 67 -4.65 10.53 8.16
N ASP A 68 -5.60 11.14 7.47
CA ASP A 68 -7.06 10.92 7.67
C ASP A 68 -7.45 9.47 7.40
N ALA A 69 -6.74 8.83 6.44
CA ALA A 69 -6.93 7.43 6.09
C ALA A 69 -6.44 6.53 7.23
N ILE A 70 -5.25 6.87 7.77
CA ILE A 70 -4.63 6.15 8.91
C ILE A 70 -5.48 6.35 10.20
N ASN A 71 -6.17 7.50 10.28
CA ASN A 71 -7.09 7.83 11.38
C ASN A 71 -8.36 6.96 11.28
N ALA A 72 -8.88 6.83 10.04
CA ALA A 72 -10.11 6.06 9.75
C ALA A 72 -9.83 4.56 9.51
N LEU A 73 -8.53 4.21 9.46
CA LEU A 73 -8.07 2.82 9.26
C LEU A 73 -8.42 1.95 10.48
N LYS A 74 -8.69 0.66 10.23
CA LYS A 74 -8.98 -0.34 11.26
C LYS A 74 -8.55 -1.73 10.74
N THR A 75 -8.18 -2.64 11.65
CA THR A 75 -7.82 -4.03 11.30
C THR A 75 -9.06 -4.81 10.82
N GLY A 76 -8.85 -5.79 9.92
CA GLY A 76 -9.94 -6.53 9.29
C GLY A 76 -10.35 -5.94 7.95
N ASN A 77 -10.04 -4.64 7.74
CA ASN A 77 -10.32 -3.93 6.49
C ASN A 77 -9.27 -4.28 5.44
N HIS A 78 -9.75 -4.70 4.24
CA HIS A 78 -8.87 -4.87 3.08
C HIS A 78 -8.59 -3.48 2.49
N VAL A 79 -7.32 -3.16 2.36
CA VAL A 79 -6.85 -1.84 1.93
C VAL A 79 -5.93 -1.94 0.72
N ASP A 80 -5.87 -0.85 -0.04
CA ASP A 80 -4.81 -0.60 -1.02
C ASP A 80 -3.89 0.45 -0.39
N PHE A 81 -2.63 0.44 -0.76
CA PHE A 81 -1.63 1.34 -0.18
C PHE A 81 -0.47 1.53 -1.14
N SER A 82 0.40 2.47 -0.79
CA SER A 82 1.57 2.83 -1.56
C SER A 82 2.69 3.19 -0.56
N PHE A 83 3.89 2.64 -0.79
CA PHE A 83 5.03 2.78 0.11
C PHE A 83 6.33 2.81 -0.70
N ILE A 84 7.45 3.05 -0.02
CA ILE A 84 8.81 2.90 -0.59
C ILE A 84 9.65 2.03 0.36
N GLN A 85 10.69 1.39 -0.17
CA GLN A 85 11.57 0.50 0.63
C GLN A 85 12.75 1.31 1.21
N GLN A 86 12.70 1.55 2.53
CA GLN A 86 13.81 2.12 3.30
C GLN A 86 14.53 0.96 4.02
N GLY A 87 15.35 0.24 3.25
CA GLY A 87 15.99 -0.99 3.72
C GLY A 87 14.97 -2.07 4.03
N ASN A 88 14.80 -2.39 5.33
CA ASN A 88 13.77 -3.35 5.81
C ASN A 88 12.48 -2.61 6.21
N ILE A 89 12.59 -1.29 6.44
CA ILE A 89 11.46 -0.44 6.85
C ILE A 89 10.70 -0.03 5.59
N SER A 90 9.47 -0.52 5.46
CA SER A 90 8.60 -0.18 4.34
C SER A 90 7.86 1.12 4.71
N LEU A 91 8.35 2.26 4.18
CA LEU A 91 7.87 3.58 4.55
C LEU A 91 6.56 3.89 3.81
N LEU A 92 5.44 3.71 4.53
CA LEU A 92 4.08 3.92 4.02
C LEU A 92 3.90 5.40 3.61
N LYS A 93 3.75 5.62 2.30
CA LYS A 93 3.60 6.95 1.70
C LYS A 93 2.15 7.45 1.87
N SER A 94 1.20 6.55 1.56
CA SER A 94 -0.24 6.79 1.73
C SER A 94 -0.99 5.45 1.68
N ILE A 95 -2.25 5.46 2.13
CA ILE A 95 -3.09 4.25 2.24
C ILE A 95 -4.58 4.64 2.03
N ASN A 96 -5.39 3.69 1.54
CA ASN A 96 -6.85 3.86 1.31
C ASN A 96 -7.56 2.55 1.65
N VAL A 97 -8.66 2.62 2.41
CA VAL A 97 -9.53 1.45 2.62
C VAL A 97 -10.33 1.23 1.33
N THR A 98 -10.02 0.15 0.59
CA THR A 98 -10.68 -0.16 -0.69
C THR A 98 -12.03 -0.87 -0.45
N GLN A 99 -12.09 -1.69 0.61
CA GLN A 99 -13.31 -2.41 1.00
C GLN A 99 -13.11 -3.01 2.40
N SER A 100 -14.15 -2.98 3.23
CA SER A 100 -14.10 -3.52 4.60
C SER A 100 -13.96 -5.08 4.57
N GLY A 1 -10.03 -16.94 -27.84
CA GLY A 1 -10.89 -16.00 -28.60
C GLY A 1 -11.16 -14.72 -27.83
N ALA A 2 -12.02 -14.82 -26.82
CA ALA A 2 -12.40 -13.70 -25.94
C ALA A 2 -12.48 -14.19 -24.49
N MET A 3 -12.21 -13.30 -23.53
CA MET A 3 -12.14 -13.65 -22.09
C MET A 3 -12.84 -12.57 -21.25
N GLY A 4 -12.34 -11.33 -21.36
CA GLY A 4 -12.85 -10.21 -20.59
C GLY A 4 -11.73 -9.53 -19.80
N MET A 5 -10.96 -8.68 -20.50
CA MET A 5 -9.87 -7.89 -19.89
C MET A 5 -10.25 -6.40 -19.85
N LEU A 6 -9.49 -5.61 -19.07
CA LEU A 6 -9.75 -4.16 -18.90
C LEU A 6 -9.37 -3.40 -20.19
N LYS A 7 -10.32 -3.31 -21.14
CA LYS A 7 -10.12 -2.63 -22.43
C LYS A 7 -11.12 -1.45 -22.58
N HIS A 8 -11.92 -1.19 -21.52
CA HIS A 8 -12.79 -0.01 -21.44
C HIS A 8 -11.93 1.21 -21.01
N ILE A 9 -11.12 1.69 -21.95
CA ILE A 9 -10.19 2.83 -21.76
C ILE A 9 -10.55 3.97 -22.72
N SER A 10 -9.93 5.14 -22.50
CA SER A 10 -10.08 6.31 -23.39
C SER A 10 -9.20 6.12 -24.64
N HIS A 11 -9.78 6.33 -25.83
CA HIS A 11 -9.03 6.34 -27.10
C HIS A 11 -8.33 7.71 -27.25
N GLY A 12 -7.09 7.71 -27.79
CA GLY A 12 -6.35 8.94 -28.01
C GLY A 12 -4.86 8.73 -28.12
N ASP A 13 -4.17 9.72 -28.72
CA ASP A 13 -2.71 9.71 -28.89
C ASP A 13 -2.05 10.32 -27.63
N MET A 14 -1.40 9.44 -26.85
CA MET A 14 -0.68 9.83 -25.63
C MET A 14 0.72 10.33 -26.01
N ASN A 15 0.91 11.67 -26.04
CA ASN A 15 2.19 12.30 -26.41
C ASN A 15 3.30 11.89 -25.43
N ALA A 16 4.15 10.93 -25.85
CA ALA A 16 5.23 10.36 -25.03
C ALA A 16 6.52 10.25 -25.86
N ALA A 17 7.40 11.25 -25.70
CA ALA A 17 8.72 11.30 -26.34
C ALA A 17 9.77 11.59 -25.26
N SER A 18 9.51 12.67 -24.50
CA SER A 18 10.32 13.03 -23.32
C SER A 18 9.53 12.70 -22.03
N ASP A 19 9.47 11.40 -21.71
CA ASP A 19 8.73 10.87 -20.56
C ASP A 19 9.70 10.41 -19.45
N ALA A 20 9.34 10.71 -18.19
CA ALA A 20 10.05 10.22 -17.00
C ALA A 20 9.11 10.29 -15.80
N SER A 21 8.23 9.27 -15.69
CA SER A 21 7.34 9.11 -14.54
C SER A 21 8.18 8.66 -13.33
N VAL A 22 8.46 9.61 -12.42
CA VAL A 22 9.29 9.39 -11.22
C VAL A 22 8.45 8.89 -10.02
N GLN A 23 7.39 8.11 -10.33
CA GLN A 23 6.49 7.52 -9.33
C GLN A 23 6.94 6.08 -9.02
N GLN A 24 8.15 5.94 -8.45
CA GLN A 24 8.70 4.62 -8.03
C GLN A 24 8.22 4.23 -6.61
N VAL A 25 7.19 4.94 -6.10
CA VAL A 25 6.50 4.58 -4.84
C VAL A 25 5.79 3.23 -5.04
N ILE A 26 6.20 2.23 -4.27
CA ILE A 26 5.78 0.83 -4.42
C ILE A 26 4.32 0.67 -3.98
N LYS A 27 3.45 0.41 -4.96
CA LYS A 27 2.02 0.17 -4.71
C LYS A 27 1.79 -1.28 -4.28
N GLY A 28 0.73 -1.51 -3.51
CA GLY A 28 0.40 -2.84 -2.99
C GLY A 28 -1.03 -2.93 -2.54
N THR A 29 -1.40 -4.11 -2.00
CA THR A 29 -2.74 -4.36 -1.46
C THR A 29 -2.66 -5.48 -0.40
N GLY A 30 -3.69 -5.56 0.47
CA GLY A 30 -3.74 -6.57 1.53
C GLY A 30 -4.69 -6.15 2.66
N ILE A 31 -4.91 -7.03 3.64
CA ILE A 31 -5.84 -6.76 4.75
C ILE A 31 -5.04 -6.27 5.97
N VAL A 32 -5.39 -5.06 6.48
CA VAL A 32 -4.81 -4.52 7.73
C VAL A 32 -5.04 -5.51 8.87
N LYS A 33 -3.97 -5.83 9.58
CA LYS A 33 -3.92 -6.93 10.55
C LYS A 33 -3.63 -6.37 11.97
N ASP A 34 -3.12 -5.12 12.02
CA ASP A 34 -2.86 -4.35 13.27
C ASP A 34 -2.46 -2.90 12.92
N ILE A 35 -2.81 -1.94 13.80
CA ILE A 35 -2.41 -0.52 13.67
C ILE A 35 -1.80 -0.03 15.00
N ASP A 36 -0.61 0.58 14.92
CA ASP A 36 0.09 1.17 16.06
C ASP A 36 0.67 2.53 15.65
N MET A 37 0.23 3.61 16.29
CA MET A 37 0.75 4.97 16.01
C MET A 37 1.95 5.29 16.92
N ASN A 38 2.05 4.58 18.07
CA ASN A 38 3.08 4.78 19.12
C ASN A 38 4.53 4.71 18.56
N SER A 39 4.78 3.68 17.74
CA SER A 39 6.05 3.51 16.99
C SER A 39 5.81 3.69 15.48
N LYS A 40 4.58 4.18 15.14
CA LYS A 40 4.13 4.37 13.75
C LYS A 40 4.24 3.09 12.90
N LYS A 41 3.81 1.94 13.44
CA LYS A 41 3.85 0.66 12.71
C LYS A 41 2.42 0.17 12.43
N ILE A 42 2.10 -0.16 11.17
CA ILE A 42 0.79 -0.75 10.80
C ILE A 42 1.04 -2.13 10.19
N THR A 43 0.77 -3.17 10.97
CA THR A 43 1.01 -4.56 10.54
C THR A 43 -0.14 -4.98 9.62
N ILE A 44 0.14 -5.07 8.33
CA ILE A 44 -0.83 -5.40 7.29
C ILE A 44 -0.46 -6.75 6.67
N SER A 45 -1.44 -7.66 6.62
CA SER A 45 -1.33 -8.88 5.85
C SER A 45 -1.39 -8.48 4.36
N HIS A 46 -0.22 -8.37 3.71
CA HIS A 46 -0.16 -7.84 2.34
C HIS A 46 0.03 -8.99 1.36
N GLU A 47 -0.49 -8.80 0.15
CA GLU A 47 -0.55 -9.82 -0.91
C GLU A 47 0.79 -9.89 -1.68
N ALA A 48 0.80 -10.68 -2.78
CA ALA A 48 1.94 -10.72 -3.70
C ALA A 48 2.06 -9.34 -4.40
N ILE A 49 2.94 -8.50 -3.86
CA ILE A 49 3.27 -7.18 -4.43
C ILE A 49 4.41 -7.33 -5.47
N PRO A 50 4.08 -7.32 -6.82
CA PRO A 50 5.11 -7.43 -7.89
C PRO A 50 5.84 -6.10 -8.16
N ALA A 51 5.37 -5.01 -7.51
CA ALA A 51 6.01 -3.68 -7.58
C ALA A 51 7.36 -3.64 -6.82
N VAL A 52 7.61 -4.69 -6.01
CA VAL A 52 8.88 -4.89 -5.27
C VAL A 52 9.33 -6.36 -5.38
N GLY A 53 8.34 -7.25 -5.58
CA GLY A 53 8.59 -8.69 -5.70
C GLY A 53 8.41 -9.44 -4.38
N TRP A 54 7.56 -8.90 -3.48
CA TRP A 54 7.30 -9.53 -2.16
C TRP A 54 6.03 -10.38 -2.24
N PRO A 55 6.06 -11.66 -1.74
CA PRO A 55 4.87 -12.56 -1.72
C PRO A 55 3.83 -12.16 -0.64
N ALA A 56 2.77 -12.98 -0.52
CA ALA A 56 1.70 -12.79 0.46
C ALA A 56 2.22 -13.09 1.88
N MET A 57 2.51 -12.02 2.63
CA MET A 57 3.05 -12.10 4.00
C MET A 57 2.49 -10.94 4.85
N THR A 58 2.30 -11.18 6.15
CA THR A 58 1.96 -10.13 7.12
C THR A 58 3.25 -9.41 7.56
N MET A 59 3.28 -8.10 7.39
CA MET A 59 4.46 -7.27 7.70
C MET A 59 4.02 -5.88 8.15
N ARG A 60 4.80 -5.22 9.00
CA ARG A 60 4.47 -3.87 9.48
C ARG A 60 5.11 -2.79 8.60
N PHE A 61 4.29 -1.78 8.27
CA PHE A 61 4.67 -0.63 7.44
C PHE A 61 4.78 0.61 8.34
N THR A 62 5.97 1.21 8.38
CA THR A 62 6.25 2.39 9.20
C THR A 62 5.77 3.65 8.45
N PHE A 63 4.89 4.46 9.03
CA PHE A 63 4.36 5.69 8.35
C PHE A 63 5.02 6.94 8.94
N VAL A 64 4.89 8.07 8.21
CA VAL A 64 5.53 9.36 8.58
C VAL A 64 4.70 10.11 9.65
N ASN A 65 3.37 10.07 9.52
CA ASN A 65 2.40 10.63 10.50
C ASN A 65 0.99 10.14 10.16
N ALA A 66 0.10 10.17 11.16
CA ALA A 66 -1.26 9.63 11.04
C ALA A 66 -2.18 10.60 10.28
N ASP A 67 -2.36 10.35 8.97
CA ASP A 67 -3.31 11.10 8.12
C ASP A 67 -4.74 10.69 8.44
N ASP A 68 -5.72 11.38 7.83
CA ASP A 68 -7.16 11.08 8.01
C ASP A 68 -7.48 9.67 7.49
N ALA A 69 -6.69 9.21 6.50
CA ALA A 69 -6.74 7.82 5.97
C ALA A 69 -6.37 6.82 7.08
N ILE A 70 -5.24 7.11 7.76
CA ILE A 70 -4.66 6.25 8.82
C ILE A 70 -5.51 6.32 10.12
N ASN A 71 -6.20 7.45 10.32
CA ASN A 71 -7.07 7.68 11.48
C ASN A 71 -8.40 6.97 11.30
N ALA A 72 -8.93 7.01 10.07
CA ALA A 72 -10.15 6.28 9.68
C ALA A 72 -9.86 4.77 9.55
N LEU A 73 -8.61 4.45 9.20
CA LEU A 73 -8.13 3.07 8.96
C LEU A 73 -8.39 2.17 10.18
N LYS A 74 -8.89 0.96 9.90
CA LYS A 74 -9.16 -0.06 10.91
C LYS A 74 -8.51 -1.38 10.48
N THR A 75 -8.30 -2.30 11.44
CA THR A 75 -7.92 -3.68 11.12
C THR A 75 -9.16 -4.44 10.61
N GLY A 76 -8.92 -5.48 9.78
CA GLY A 76 -9.99 -6.19 9.09
C GLY A 76 -10.39 -5.53 7.76
N ASN A 77 -9.76 -4.38 7.45
CA ASN A 77 -9.99 -3.64 6.20
C ASN A 77 -9.01 -4.14 5.13
N HIS A 78 -9.54 -4.67 4.02
CA HIS A 78 -8.71 -4.97 2.84
C HIS A 78 -8.44 -3.64 2.11
N VAL A 79 -7.20 -3.18 2.20
CA VAL A 79 -6.77 -1.88 1.70
C VAL A 79 -5.79 -2.03 0.53
N ASP A 80 -5.77 -1.01 -0.33
CA ASP A 80 -4.68 -0.80 -1.29
C ASP A 80 -3.84 0.36 -0.73
N PHE A 81 -2.53 0.36 -0.98
CA PHE A 81 -1.62 1.35 -0.40
C PHE A 81 -0.42 1.61 -1.30
N SER A 82 0.40 2.58 -0.88
CA SER A 82 1.62 2.97 -1.57
C SER A 82 2.67 3.33 -0.50
N PHE A 83 3.87 2.76 -0.66
CA PHE A 83 4.98 2.89 0.30
C PHE A 83 6.30 2.90 -0.46
N ILE A 84 7.35 3.43 0.14
CA ILE A 84 8.72 3.36 -0.39
C ILE A 84 9.58 2.47 0.51
N GLN A 85 10.78 2.14 0.05
CA GLN A 85 11.72 1.28 0.79
C GLN A 85 12.89 2.11 1.34
N GLN A 86 13.01 2.12 2.68
CA GLN A 86 14.15 2.73 3.38
C GLN A 86 15.08 1.58 3.81
N GLY A 87 15.85 1.11 2.83
CA GLY A 87 16.68 -0.09 2.99
C GLY A 87 15.85 -1.33 3.26
N ASN A 88 15.85 -1.78 4.53
CA ASN A 88 15.11 -2.97 4.98
C ASN A 88 13.71 -2.61 5.52
N ILE A 89 13.46 -1.30 5.75
CA ILE A 89 12.19 -0.80 6.29
C ILE A 89 11.23 -0.41 5.15
N SER A 90 9.92 -0.65 5.34
CA SER A 90 8.87 -0.23 4.38
C SER A 90 8.16 1.03 4.93
N LEU A 91 8.46 2.20 4.33
CA LEU A 91 7.90 3.49 4.76
C LEU A 91 6.58 3.79 4.01
N LEU A 92 5.45 3.53 4.71
CA LEU A 92 4.09 3.78 4.20
C LEU A 92 3.86 5.29 3.91
N LYS A 93 3.56 5.61 2.64
CA LYS A 93 3.38 7.00 2.18
C LYS A 93 1.91 7.42 2.15
N SER A 94 1.03 6.48 1.76
CA SER A 94 -0.42 6.72 1.68
C SER A 94 -1.15 5.36 1.66
N ILE A 95 -2.46 5.37 2.00
CA ILE A 95 -3.25 4.14 2.16
C ILE A 95 -4.76 4.44 1.97
N ASN A 96 -5.47 3.49 1.33
CA ASN A 96 -6.89 3.63 0.95
C ASN A 96 -7.62 2.30 1.19
N VAL A 97 -8.78 2.33 1.83
CA VAL A 97 -9.62 1.13 2.02
C VAL A 97 -10.35 0.80 0.69
N THR A 98 -10.08 -0.39 0.12
CA THR A 98 -10.70 -0.83 -1.15
C THR A 98 -11.78 -1.91 -0.90
N GLN A 99 -11.78 -2.48 0.31
CA GLN A 99 -12.69 -3.58 0.71
C GLN A 99 -12.55 -3.83 2.24
N SER A 100 -13.35 -4.74 2.80
CA SER A 100 -13.20 -5.25 4.17
C SER A 100 -13.39 -6.79 4.15
#